data_1WZ3
# 
_entry.id   1WZ3 
# 
_audit_conform.dict_name       mmcif_pdbx.dic 
_audit_conform.dict_version    5.388 
_audit_conform.dict_location   http://mmcif.pdb.org/dictionaries/ascii/mmcif_pdbx.dic 
# 
loop_
_database_2.database_id 
_database_2.database_code 
_database_2.pdbx_database_accession 
_database_2.pdbx_DOI 
PDB   1WZ3         pdb_00001wz3 10.2210/pdb1wz3/pdb 
RCSB  RCSB024174   ?            ?                   
WWPDB D_1000024174 ?            ?                   
# 
loop_
_pdbx_audit_revision_history.ordinal 
_pdbx_audit_revision_history.data_content_type 
_pdbx_audit_revision_history.major_revision 
_pdbx_audit_revision_history.minor_revision 
_pdbx_audit_revision_history.revision_date 
1 'Structure model' 1 0 2005-06-21 
2 'Structure model' 1 1 2008-04-30 
3 'Structure model' 1 2 2011-07-13 
4 'Structure model' 1 3 2019-11-06 
5 'Structure model' 1 4 2024-03-13 
# 
_pdbx_audit_revision_details.ordinal             1 
_pdbx_audit_revision_details.revision_ordinal    1 
_pdbx_audit_revision_details.data_content_type   'Structure model' 
_pdbx_audit_revision_details.provider            repository 
_pdbx_audit_revision_details.type                'Initial release' 
_pdbx_audit_revision_details.description         ? 
_pdbx_audit_revision_details.details             ? 
# 
loop_
_pdbx_audit_revision_group.ordinal 
_pdbx_audit_revision_group.revision_ordinal 
_pdbx_audit_revision_group.data_content_type 
_pdbx_audit_revision_group.group 
1 2 'Structure model' 'Version format compliance' 
2 3 'Structure model' 'Version format compliance' 
3 4 'Structure model' 'Data collection'           
4 4 'Structure model' 'Database references'       
5 5 'Structure model' 'Data collection'           
6 5 'Structure model' 'Database references'       
# 
loop_
_pdbx_audit_revision_category.ordinal 
_pdbx_audit_revision_category.revision_ordinal 
_pdbx_audit_revision_category.data_content_type 
_pdbx_audit_revision_category.category 
1 4 'Structure model' citation           
2 4 'Structure model' struct_ref_seq_dif 
3 5 'Structure model' chem_comp_atom     
4 5 'Structure model' chem_comp_bond     
5 5 'Structure model' database_2         
# 
loop_
_pdbx_audit_revision_item.ordinal 
_pdbx_audit_revision_item.revision_ordinal 
_pdbx_audit_revision_item.data_content_type 
_pdbx_audit_revision_item.item 
1 4 'Structure model' '_citation.pdbx_database_id_DOI'      
2 4 'Structure model' '_struct_ref_seq_dif.details'         
3 5 'Structure model' '_database_2.pdbx_DOI'                
4 5 'Structure model' '_database_2.pdbx_database_accession' 
# 
_pdbx_database_status.status_code                     REL 
_pdbx_database_status.entry_id                        1WZ3 
_pdbx_database_status.recvd_initial_deposition_date   2005-02-22 
_pdbx_database_status.deposit_site                    PDBJ 
_pdbx_database_status.process_site                    PDBJ 
_pdbx_database_status.status_code_sf                  REL 
_pdbx_database_status.status_code_mr                  ? 
_pdbx_database_status.SG_entry                        ? 
_pdbx_database_status.pdb_format_compatible           Y 
_pdbx_database_status.status_code_cs                  ? 
_pdbx_database_status.methods_development_category    ? 
_pdbx_database_status.status_code_nmr_data            ? 
# 
loop_
_audit_author.name 
_audit_author.pdbx_ordinal 
'Suzuki, N.N.'  1 
'Yoshimoto, K.' 2 
'Fujioka, Y.'   3 
'Ohsumi, Y.'    4 
'Inagaki, F.'   5 
# 
_citation.id                        primary 
_citation.title                     'The crystal structure of plant ATG12 and its biological implication in autophagy.' 
_citation.journal_abbrev            Autophagy 
_citation.journal_volume            1 
_citation.page_first                119 
_citation.page_last                 126 
_citation.year                      2005 
_citation.journal_id_ASTM           ? 
_citation.country                   US 
_citation.journal_id_ISSN           1554-8627 
_citation.journal_id_CSD            ? 
_citation.book_publisher            ? 
_citation.pdbx_database_id_PubMed   16874047 
_citation.pdbx_database_id_DOI      10.4161/auto.1.2.1859 
# 
loop_
_citation_author.citation_id 
_citation_author.name 
_citation_author.ordinal 
_citation_author.identifier_ORCID 
primary 'Suzuki, N.N.'  1 ? 
primary 'Yoshimoto, K.' 2 ? 
primary 'Fujioka, Y.'   3 ? 
primary 'Ohsumi, Y.'    4 ? 
primary 'Inagaki, F.'   5 ? 
# 
loop_
_entity.id 
_entity.type 
_entity.src_method 
_entity.pdbx_description 
_entity.formula_weight 
_entity.pdbx_number_of_molecules 
_entity.pdbx_ec 
_entity.pdbx_mutation 
_entity.pdbx_fragment 
_entity.details 
1 polymer man 'autophagy 12b' 10522.900 2   ? ? ? ? 
2 water   nat water           18.015    156 ? ? ? ? 
# 
_entity_name_com.entity_id   1 
_entity_name_com.name        'ATG12b, APG12b' 
# 
_entity_poly.entity_id                      1 
_entity_poly.type                           'polypeptide(L)' 
_entity_poly.nstd_linkage                   no 
_entity_poly.nstd_monomer                   no 
_entity_poly.pdbx_seq_one_letter_code       
;GPMATESPNSVQKIVVHLRATGGAPILKQSKFKVSGSDKFANVIDFLRRQLHSDSLFVYVNSAFSPNPDESVIDLYNNFG
FDGKLVVNYACSMAWG
;
_entity_poly.pdbx_seq_one_letter_code_can   
;GPMATESPNSVQKIVVHLRATGGAPILKQSKFKVSGSDKFANVIDFLRRQLHSDSLFVYVNSAFSPNPDESVIDLYNNFG
FDGKLVVNYACSMAWG
;
_entity_poly.pdbx_strand_id                 A,B 
_entity_poly.pdbx_target_identifier         ? 
# 
_pdbx_entity_nonpoly.entity_id   2 
_pdbx_entity_nonpoly.name        water 
_pdbx_entity_nonpoly.comp_id     HOH 
# 
loop_
_entity_poly_seq.entity_id 
_entity_poly_seq.num 
_entity_poly_seq.mon_id 
_entity_poly_seq.hetero 
1 1  GLY n 
1 2  PRO n 
1 3  MET n 
1 4  ALA n 
1 5  THR n 
1 6  GLU n 
1 7  SER n 
1 8  PRO n 
1 9  ASN n 
1 10 SER n 
1 11 VAL n 
1 12 GLN n 
1 13 LYS n 
1 14 ILE n 
1 15 VAL n 
1 16 VAL n 
1 17 HIS n 
1 18 LEU n 
1 19 ARG n 
1 20 ALA n 
1 21 THR n 
1 22 GLY n 
1 23 GLY n 
1 24 ALA n 
1 25 PRO n 
1 26 ILE n 
1 27 LEU n 
1 28 LYS n 
1 29 GLN n 
1 30 SER n 
1 31 LYS n 
1 32 PHE n 
1 33 LYS n 
1 34 VAL n 
1 35 SER n 
1 36 GLY n 
1 37 SER n 
1 38 ASP n 
1 39 LYS n 
1 40 PHE n 
1 41 ALA n 
1 42 ASN n 
1 43 VAL n 
1 44 ILE n 
1 45 ASP n 
1 46 PHE n 
1 47 LEU n 
1 48 ARG n 
1 49 ARG n 
1 50 GLN n 
1 51 LEU n 
1 52 HIS n 
1 53 SER n 
1 54 ASP n 
1 55 SER n 
1 56 LEU n 
1 57 PHE n 
1 58 VAL n 
1 59 TYR n 
1 60 VAL n 
1 61 ASN n 
1 62 SER n 
1 63 ALA n 
1 64 PHE n 
1 65 SER n 
1 66 PRO n 
1 67 ASN n 
1 68 PRO n 
1 69 ASP n 
1 70 GLU n 
1 71 SER n 
1 72 VAL n 
1 73 ILE n 
1 74 ASP n 
1 75 LEU n 
1 76 TYR n 
1 77 ASN n 
1 78 ASN n 
1 79 PHE n 
1 80 GLY n 
1 81 PHE n 
1 82 ASP n 
1 83 GLY n 
1 84 LYS n 
1 85 LEU n 
1 86 VAL n 
1 87 VAL n 
1 88 ASN n 
1 89 TYR n 
1 90 ALA n 
1 91 CYS n 
1 92 SER n 
1 93 MET n 
1 94 ALA n 
1 95 TRP n 
1 96 GLY n 
# 
_entity_src_gen.entity_id                          1 
_entity_src_gen.pdbx_src_id                        1 
_entity_src_gen.pdbx_alt_source_flag               sample 
_entity_src_gen.pdbx_seq_type                      ? 
_entity_src_gen.pdbx_beg_seq_num                   ? 
_entity_src_gen.pdbx_end_seq_num                   ? 
_entity_src_gen.gene_src_common_name               'thale cress' 
_entity_src_gen.gene_src_genus                     Arabidopsis 
_entity_src_gen.pdbx_gene_src_gene                 ? 
_entity_src_gen.gene_src_species                   ? 
_entity_src_gen.gene_src_strain                    ? 
_entity_src_gen.gene_src_tissue                    ? 
_entity_src_gen.gene_src_tissue_fraction           ? 
_entity_src_gen.gene_src_details                   ? 
_entity_src_gen.pdbx_gene_src_fragment             ? 
_entity_src_gen.pdbx_gene_src_scientific_name      'Arabidopsis thaliana' 
_entity_src_gen.pdbx_gene_src_ncbi_taxonomy_id     3702 
_entity_src_gen.pdbx_gene_src_variant              ? 
_entity_src_gen.pdbx_gene_src_cell_line            ? 
_entity_src_gen.pdbx_gene_src_atcc                 ? 
_entity_src_gen.pdbx_gene_src_organ                ? 
_entity_src_gen.pdbx_gene_src_organelle            ? 
_entity_src_gen.pdbx_gene_src_cell                 ? 
_entity_src_gen.pdbx_gene_src_cellular_location    ? 
_entity_src_gen.host_org_common_name               ? 
_entity_src_gen.pdbx_host_org_scientific_name      'Escherichia coli' 
_entity_src_gen.pdbx_host_org_ncbi_taxonomy_id     562 
_entity_src_gen.host_org_genus                     Escherichia 
_entity_src_gen.pdbx_host_org_gene                 ? 
_entity_src_gen.pdbx_host_org_organ                ? 
_entity_src_gen.host_org_species                   ? 
_entity_src_gen.pdbx_host_org_tissue               ? 
_entity_src_gen.pdbx_host_org_tissue_fraction      ? 
_entity_src_gen.pdbx_host_org_strain               ? 
_entity_src_gen.pdbx_host_org_variant              ? 
_entity_src_gen.pdbx_host_org_cell_line            ? 
_entity_src_gen.pdbx_host_org_atcc                 ? 
_entity_src_gen.pdbx_host_org_culture_collection   ? 
_entity_src_gen.pdbx_host_org_cell                 ? 
_entity_src_gen.pdbx_host_org_organelle            ? 
_entity_src_gen.pdbx_host_org_cellular_location    ? 
_entity_src_gen.pdbx_host_org_vector_type          ? 
_entity_src_gen.pdbx_host_org_vector               ? 
_entity_src_gen.host_org_details                   ? 
_entity_src_gen.expression_system_id               ? 
_entity_src_gen.plasmid_name                       ? 
_entity_src_gen.plasmid_details                    ? 
_entity_src_gen.pdbx_description                   ? 
# 
loop_
_chem_comp.id 
_chem_comp.type 
_chem_comp.mon_nstd_flag 
_chem_comp.name 
_chem_comp.pdbx_synonyms 
_chem_comp.formula 
_chem_comp.formula_weight 
ALA 'L-peptide linking' y ALANINE         ? 'C3 H7 N O2'     89.093  
ARG 'L-peptide linking' y ARGININE        ? 'C6 H15 N4 O2 1' 175.209 
ASN 'L-peptide linking' y ASPARAGINE      ? 'C4 H8 N2 O3'    132.118 
ASP 'L-peptide linking' y 'ASPARTIC ACID' ? 'C4 H7 N O4'     133.103 
CYS 'L-peptide linking' y CYSTEINE        ? 'C3 H7 N O2 S'   121.158 
GLN 'L-peptide linking' y GLUTAMINE       ? 'C5 H10 N2 O3'   146.144 
GLU 'L-peptide linking' y 'GLUTAMIC ACID' ? 'C5 H9 N O4'     147.129 
GLY 'peptide linking'   y GLYCINE         ? 'C2 H5 N O2'     75.067  
HIS 'L-peptide linking' y HISTIDINE       ? 'C6 H10 N3 O2 1' 156.162 
HOH non-polymer         . WATER           ? 'H2 O'           18.015  
ILE 'L-peptide linking' y ISOLEUCINE      ? 'C6 H13 N O2'    131.173 
LEU 'L-peptide linking' y LEUCINE         ? 'C6 H13 N O2'    131.173 
LYS 'L-peptide linking' y LYSINE          ? 'C6 H15 N2 O2 1' 147.195 
MET 'L-peptide linking' y METHIONINE      ? 'C5 H11 N O2 S'  149.211 
PHE 'L-peptide linking' y PHENYLALANINE   ? 'C9 H11 N O2'    165.189 
PRO 'L-peptide linking' y PROLINE         ? 'C5 H9 N O2'     115.130 
SER 'L-peptide linking' y SERINE          ? 'C3 H7 N O3'     105.093 
THR 'L-peptide linking' y THREONINE       ? 'C4 H9 N O3'     119.119 
TRP 'L-peptide linking' y TRYPTOPHAN      ? 'C11 H12 N2 O2'  204.225 
TYR 'L-peptide linking' y TYROSINE        ? 'C9 H11 N O3'    181.189 
VAL 'L-peptide linking' y VALINE          ? 'C5 H11 N O2'    117.146 
# 
loop_
_pdbx_poly_seq_scheme.asym_id 
_pdbx_poly_seq_scheme.entity_id 
_pdbx_poly_seq_scheme.seq_id 
_pdbx_poly_seq_scheme.mon_id 
_pdbx_poly_seq_scheme.ndb_seq_num 
_pdbx_poly_seq_scheme.pdb_seq_num 
_pdbx_poly_seq_scheme.auth_seq_num 
_pdbx_poly_seq_scheme.pdb_mon_id 
_pdbx_poly_seq_scheme.auth_mon_id 
_pdbx_poly_seq_scheme.pdb_strand_id 
_pdbx_poly_seq_scheme.pdb_ins_code 
_pdbx_poly_seq_scheme.hetero 
A 1 1  GLY 1  -1 ?  ?   ?   A . n 
A 1 2  PRO 2  0  ?  ?   ?   A . n 
A 1 3  MET 3  1  ?  ?   ?   A . n 
A 1 4  ALA 4  2  ?  ?   ?   A . n 
A 1 5  THR 5  3  ?  ?   ?   A . n 
A 1 6  GLU 6  4  ?  ?   ?   A . n 
A 1 7  SER 7  5  ?  ?   ?   A . n 
A 1 8  PRO 8  6  ?  ?   ?   A . n 
A 1 9  ASN 9  7  ?  ?   ?   A . n 
A 1 10 SER 10 8  ?  ?   ?   A . n 
A 1 11 VAL 11 9  ?  ?   ?   A . n 
A 1 12 GLN 12 10 10 GLN GLN A . n 
A 1 13 LYS 13 11 11 LYS LYS A . n 
A 1 14 ILE 14 12 12 ILE ILE A . n 
A 1 15 VAL 15 13 13 VAL VAL A . n 
A 1 16 VAL 16 14 14 VAL VAL A . n 
A 1 17 HIS 17 15 15 HIS HIS A . n 
A 1 18 LEU 18 16 16 LEU LEU A . n 
A 1 19 ARG 19 17 17 ARG ARG A . n 
A 1 20 ALA 20 18 18 ALA ALA A . n 
A 1 21 THR 21 19 19 THR THR A . n 
A 1 22 GLY 22 20 20 GLY GLY A . n 
A 1 23 GLY 23 21 21 GLY GLY A . n 
A 1 24 ALA 24 22 22 ALA ALA A . n 
A 1 25 PRO 25 23 23 PRO PRO A . n 
A 1 26 ILE 26 24 24 ILE ILE A . n 
A 1 27 LEU 27 25 25 LEU LEU A . n 
A 1 28 LYS 28 26 26 LYS LYS A . n 
A 1 29 GLN 29 27 27 GLN GLN A . n 
A 1 30 SER 30 28 28 SER SER A . n 
A 1 31 LYS 31 29 29 LYS LYS A . n 
A 1 32 PHE 32 30 30 PHE PHE A . n 
A 1 33 LYS 33 31 31 LYS LYS A . n 
A 1 34 VAL 34 32 32 VAL VAL A . n 
A 1 35 SER 35 33 33 SER SER A . n 
A 1 36 GLY 36 34 34 GLY GLY A . n 
A 1 37 SER 37 35 35 SER SER A . n 
A 1 38 ASP 38 36 36 ASP ASP A . n 
A 1 39 LYS 39 37 37 LYS LYS A . n 
A 1 40 PHE 40 38 38 PHE PHE A . n 
A 1 41 ALA 41 39 39 ALA ALA A . n 
A 1 42 ASN 42 40 40 ASN ASN A . n 
A 1 43 VAL 43 41 41 VAL VAL A . n 
A 1 44 ILE 44 42 42 ILE ILE A . n 
A 1 45 ASP 45 43 43 ASP ASP A . n 
A 1 46 PHE 46 44 44 PHE PHE A . n 
A 1 47 LEU 47 45 45 LEU LEU A . n 
A 1 48 ARG 48 46 46 ARG ARG A . n 
A 1 49 ARG 49 47 47 ARG ARG A . n 
A 1 50 GLN 50 48 48 GLN GLN A . n 
A 1 51 LEU 51 49 49 LEU LEU A . n 
A 1 52 HIS 52 50 50 HIS HIS A . n 
A 1 53 SER 53 51 51 SER SER A . n 
A 1 54 ASP 54 52 52 ASP ASP A . n 
A 1 55 SER 55 53 53 SER SER A . n 
A 1 56 LEU 56 54 54 LEU LEU A . n 
A 1 57 PHE 57 55 55 PHE PHE A . n 
A 1 58 VAL 58 56 56 VAL VAL A . n 
A 1 59 TYR 59 57 57 TYR TYR A . n 
A 1 60 VAL 60 58 58 VAL VAL A . n 
A 1 61 ASN 61 59 59 ASN ASN A . n 
A 1 62 SER 62 60 60 SER SER A . n 
A 1 63 ALA 63 61 61 ALA ALA A . n 
A 1 64 PHE 64 62 62 PHE PHE A . n 
A 1 65 SER 65 63 63 SER SER A . n 
A 1 66 PRO 66 64 64 PRO PRO A . n 
A 1 67 ASN 67 65 65 ASN ASN A . n 
A 1 68 PRO 68 66 66 PRO PRO A . n 
A 1 69 ASP 69 67 67 ASP ASP A . n 
A 1 70 GLU 70 68 68 GLU GLU A . n 
A 1 71 SER 71 69 69 SER SER A . n 
A 1 72 VAL 72 70 70 VAL VAL A . n 
A 1 73 ILE 73 71 71 ILE ILE A . n 
A 1 74 ASP 74 72 72 ASP ASP A . n 
A 1 75 LEU 75 73 73 LEU LEU A . n 
A 1 76 TYR 76 74 74 TYR TYR A . n 
A 1 77 ASN 77 75 75 ASN ASN A . n 
A 1 78 ASN 78 76 76 ASN ASN A . n 
A 1 79 PHE 79 77 77 PHE PHE A . n 
A 1 80 GLY 80 78 78 GLY GLY A . n 
A 1 81 PHE 81 79 79 PHE PHE A . n 
A 1 82 ASP 82 80 80 ASP ASP A . n 
A 1 83 GLY 83 81 81 GLY GLY A . n 
A 1 84 LYS 84 82 82 LYS LYS A . n 
A 1 85 LEU 85 83 83 LEU LEU A . n 
A 1 86 VAL 86 84 84 VAL VAL A . n 
A 1 87 VAL 87 85 85 VAL VAL A . n 
A 1 88 ASN 88 86 86 ASN ASN A . n 
A 1 89 TYR 89 87 87 TYR TYR A . n 
A 1 90 ALA 90 88 88 ALA ALA A . n 
A 1 91 CYS 91 89 89 CYS CYS A . n 
A 1 92 SER 92 90 90 SER SER A . n 
A 1 93 MET 93 91 91 MET MET A . n 
A 1 94 ALA 94 92 92 ALA ALA A . n 
A 1 95 TRP 95 93 93 TRP TRP A . n 
A 1 96 GLY 96 94 ?  ?   ?   A . n 
B 1 1  GLY 1  -1 ?  ?   ?   B . n 
B 1 2  PRO 2  0  ?  ?   ?   B . n 
B 1 3  MET 3  1  ?  ?   ?   B . n 
B 1 4  ALA 4  2  ?  ?   ?   B . n 
B 1 5  THR 5  3  ?  ?   ?   B . n 
B 1 6  GLU 6  4  ?  ?   ?   B . n 
B 1 7  SER 7  5  ?  ?   ?   B . n 
B 1 8  PRO 8  6  ?  ?   ?   B . n 
B 1 9  ASN 9  7  ?  ?   ?   B . n 
B 1 10 SER 10 8  ?  ?   ?   B . n 
B 1 11 VAL 11 9  ?  ?   ?   B . n 
B 1 12 GLN 12 10 10 GLN GLN B . n 
B 1 13 LYS 13 11 11 LYS LYS B . n 
B 1 14 ILE 14 12 12 ILE ILE B . n 
B 1 15 VAL 15 13 13 VAL VAL B . n 
B 1 16 VAL 16 14 14 VAL VAL B . n 
B 1 17 HIS 17 15 15 HIS HIS B . n 
B 1 18 LEU 18 16 16 LEU LEU B . n 
B 1 19 ARG 19 17 17 ARG ARG B . n 
B 1 20 ALA 20 18 18 ALA ALA B . n 
B 1 21 THR 21 19 19 THR THR B . n 
B 1 22 GLY 22 20 20 GLY GLY B . n 
B 1 23 GLY 23 21 21 GLY GLY B . n 
B 1 24 ALA 24 22 22 ALA ALA B . n 
B 1 25 PRO 25 23 23 PRO PRO B . n 
B 1 26 ILE 26 24 24 ILE ILE B . n 
B 1 27 LEU 27 25 25 LEU LEU B . n 
B 1 28 LYS 28 26 26 LYS LYS B . n 
B 1 29 GLN 29 27 27 GLN GLN B . n 
B 1 30 SER 30 28 28 SER SER B . n 
B 1 31 LYS 31 29 29 LYS LYS B . n 
B 1 32 PHE 32 30 30 PHE PHE B . n 
B 1 33 LYS 33 31 31 LYS LYS B . n 
B 1 34 VAL 34 32 32 VAL VAL B . n 
B 1 35 SER 35 33 33 SER SER B . n 
B 1 36 GLY 36 34 34 GLY GLY B . n 
B 1 37 SER 37 35 35 SER SER B . n 
B 1 38 ASP 38 36 36 ASP ASP B . n 
B 1 39 LYS 39 37 37 LYS LYS B . n 
B 1 40 PHE 40 38 38 PHE PHE B . n 
B 1 41 ALA 41 39 39 ALA ALA B . n 
B 1 42 ASN 42 40 40 ASN ASN B . n 
B 1 43 VAL 43 41 41 VAL VAL B . n 
B 1 44 ILE 44 42 42 ILE ILE B . n 
B 1 45 ASP 45 43 43 ASP ASP B . n 
B 1 46 PHE 46 44 44 PHE PHE B . n 
B 1 47 LEU 47 45 45 LEU LEU B . n 
B 1 48 ARG 48 46 46 ARG ARG B . n 
B 1 49 ARG 49 47 47 ARG ARG B . n 
B 1 50 GLN 50 48 48 GLN GLN B . n 
B 1 51 LEU 51 49 49 LEU LEU B . n 
B 1 52 HIS 52 50 50 HIS HIS B . n 
B 1 53 SER 53 51 51 SER SER B . n 
B 1 54 ASP 54 52 52 ASP ASP B . n 
B 1 55 SER 55 53 53 SER SER B . n 
B 1 56 LEU 56 54 54 LEU LEU B . n 
B 1 57 PHE 57 55 55 PHE PHE B . n 
B 1 58 VAL 58 56 56 VAL VAL B . n 
B 1 59 TYR 59 57 57 TYR TYR B . n 
B 1 60 VAL 60 58 58 VAL VAL B . n 
B 1 61 ASN 61 59 59 ASN ASN B . n 
B 1 62 SER 62 60 60 SER SER B . n 
B 1 63 ALA 63 61 61 ALA ALA B . n 
B 1 64 PHE 64 62 62 PHE PHE B . n 
B 1 65 SER 65 63 63 SER SER B . n 
B 1 66 PRO 66 64 64 PRO PRO B . n 
B 1 67 ASN 67 65 65 ASN ASN B . n 
B 1 68 PRO 68 66 66 PRO PRO B . n 
B 1 69 ASP 69 67 67 ASP ASP B . n 
B 1 70 GLU 70 68 68 GLU GLU B . n 
B 1 71 SER 71 69 69 SER SER B . n 
B 1 72 VAL 72 70 70 VAL VAL B . n 
B 1 73 ILE 73 71 71 ILE ILE B . n 
B 1 74 ASP 74 72 72 ASP ASP B . n 
B 1 75 LEU 75 73 73 LEU LEU B . n 
B 1 76 TYR 76 74 74 TYR TYR B . n 
B 1 77 ASN 77 75 75 ASN ASN B . n 
B 1 78 ASN 78 76 76 ASN ASN B . n 
B 1 79 PHE 79 77 77 PHE PHE B . n 
B 1 80 GLY 80 78 78 GLY GLY B . n 
B 1 81 PHE 81 79 79 PHE PHE B . n 
B 1 82 ASP 82 80 80 ASP ASP B . n 
B 1 83 GLY 83 81 81 GLY GLY B . n 
B 1 84 LYS 84 82 82 LYS LYS B . n 
B 1 85 LEU 85 83 83 LEU LEU B . n 
B 1 86 VAL 86 84 84 VAL VAL B . n 
B 1 87 VAL 87 85 85 VAL VAL B . n 
B 1 88 ASN 88 86 86 ASN ASN B . n 
B 1 89 TYR 89 87 87 TYR TYR B . n 
B 1 90 ALA 90 88 88 ALA ALA B . n 
B 1 91 CYS 91 89 89 CYS CYS B . n 
B 1 92 SER 92 90 90 SER SER B . n 
B 1 93 MET 93 91 91 MET MET B . n 
B 1 94 ALA 94 92 92 ALA ALA B . n 
B 1 95 TRP 95 93 93 TRP TRP B . n 
B 1 96 GLY 96 94 ?  ?   ?   B . n 
# 
loop_
_pdbx_nonpoly_scheme.asym_id 
_pdbx_nonpoly_scheme.entity_id 
_pdbx_nonpoly_scheme.mon_id 
_pdbx_nonpoly_scheme.ndb_seq_num 
_pdbx_nonpoly_scheme.pdb_seq_num 
_pdbx_nonpoly_scheme.auth_seq_num 
_pdbx_nonpoly_scheme.pdb_mon_id 
_pdbx_nonpoly_scheme.auth_mon_id 
_pdbx_nonpoly_scheme.pdb_strand_id 
_pdbx_nonpoly_scheme.pdb_ins_code 
C 2 HOH 1  95  1   HOH HOH A . 
C 2 HOH 2  96  4   HOH HOH A . 
C 2 HOH 3  97  9   HOH HOH A . 
C 2 HOH 4  98  12  HOH HOH A . 
C 2 HOH 5  99  15  HOH HOH A . 
C 2 HOH 6  100 16  HOH HOH A . 
C 2 HOH 7  101 18  HOH HOH A . 
C 2 HOH 8  102 19  HOH HOH A . 
C 2 HOH 9  103 20  HOH HOH A . 
C 2 HOH 10 104 22  HOH HOH A . 
C 2 HOH 11 105 23  HOH HOH A . 
C 2 HOH 12 106 26  HOH HOH A . 
C 2 HOH 13 107 27  HOH HOH A . 
C 2 HOH 14 108 28  HOH HOH A . 
C 2 HOH 15 109 29  HOH HOH A . 
C 2 HOH 16 110 30  HOH HOH A . 
C 2 HOH 17 111 31  HOH HOH A . 
C 2 HOH 18 112 33  HOH HOH A . 
C 2 HOH 19 113 35  HOH HOH A . 
C 2 HOH 20 114 36  HOH HOH A . 
C 2 HOH 21 115 38  HOH HOH A . 
C 2 HOH 22 116 39  HOH HOH A . 
C 2 HOH 23 117 42  HOH HOH A . 
C 2 HOH 24 118 45  HOH HOH A . 
C 2 HOH 25 119 46  HOH HOH A . 
C 2 HOH 26 120 48  HOH HOH A . 
C 2 HOH 27 121 49  HOH HOH A . 
C 2 HOH 28 122 50  HOH HOH A . 
C 2 HOH 29 123 51  HOH HOH A . 
C 2 HOH 30 124 54  HOH HOH A . 
C 2 HOH 31 125 55  HOH HOH A . 
C 2 HOH 32 126 56  HOH HOH A . 
C 2 HOH 33 127 61  HOH HOH A . 
C 2 HOH 34 128 62  HOH HOH A . 
C 2 HOH 35 129 63  HOH HOH A . 
C 2 HOH 36 130 64  HOH HOH A . 
C 2 HOH 37 131 65  HOH HOH A . 
C 2 HOH 38 132 67  HOH HOH A . 
C 2 HOH 39 133 68  HOH HOH A . 
C 2 HOH 40 134 71  HOH HOH A . 
C 2 HOH 41 135 74  HOH HOH A . 
C 2 HOH 42 136 75  HOH HOH A . 
C 2 HOH 43 137 76  HOH HOH A . 
C 2 HOH 44 138 77  HOH HOH A . 
C 2 HOH 45 139 78  HOH HOH A . 
C 2 HOH 46 140 79  HOH HOH A . 
C 2 HOH 47 141 80  HOH HOH A . 
C 2 HOH 48 142 81  HOH HOH A . 
C 2 HOH 49 143 83  HOH HOH A . 
C 2 HOH 50 144 87  HOH HOH A . 
C 2 HOH 51 145 89  HOH HOH A . 
C 2 HOH 52 146 91  HOH HOH A . 
C 2 HOH 53 147 92  HOH HOH A . 
C 2 HOH 54 148 94  HOH HOH A . 
C 2 HOH 55 149 95  HOH HOH A . 
C 2 HOH 56 150 96  HOH HOH A . 
C 2 HOH 57 151 97  HOH HOH A . 
C 2 HOH 58 152 98  HOH HOH A . 
C 2 HOH 59 153 99  HOH HOH A . 
C 2 HOH 60 154 101 HOH HOH A . 
C 2 HOH 61 155 102 HOH HOH A . 
C 2 HOH 62 156 105 HOH HOH A . 
C 2 HOH 63 157 106 HOH HOH A . 
C 2 HOH 64 158 108 HOH HOH A . 
C 2 HOH 65 159 109 HOH HOH A . 
C 2 HOH 66 160 110 HOH HOH A . 
C 2 HOH 67 161 111 HOH HOH A . 
C 2 HOH 68 162 112 HOH HOH A . 
C 2 HOH 69 163 113 HOH HOH A . 
C 2 HOH 70 164 114 HOH HOH A . 
C 2 HOH 71 165 117 HOH HOH A . 
C 2 HOH 72 166 118 HOH HOH A . 
C 2 HOH 73 167 120 HOH HOH A . 
C 2 HOH 74 168 121 HOH HOH A . 
C 2 HOH 75 169 122 HOH HOH A . 
C 2 HOH 76 170 123 HOH HOH A . 
C 2 HOH 77 171 124 HOH HOH A . 
C 2 HOH 78 172 125 HOH HOH A . 
C 2 HOH 79 173 126 HOH HOH A . 
C 2 HOH 80 174 131 HOH HOH A . 
C 2 HOH 81 175 132 HOH HOH A . 
C 2 HOH 82 176 133 HOH HOH A . 
C 2 HOH 83 177 134 HOH HOH A . 
C 2 HOH 84 178 135 HOH HOH A . 
C 2 HOH 85 179 136 HOH HOH A . 
C 2 HOH 86 180 137 HOH HOH A . 
C 2 HOH 87 181 140 HOH HOH A . 
C 2 HOH 88 182 141 HOH HOH A . 
C 2 HOH 89 183 144 HOH HOH A . 
C 2 HOH 90 184 148 HOH HOH A . 
C 2 HOH 91 185 149 HOH HOH A . 
C 2 HOH 92 186 150 HOH HOH A . 
C 2 HOH 93 187 151 HOH HOH A . 
C 2 HOH 94 188 152 HOH HOH A . 
D 2 HOH 1  95  2   HOH HOH B . 
D 2 HOH 2  96  3   HOH HOH B . 
D 2 HOH 3  97  5   HOH HOH B . 
D 2 HOH 4  98  6   HOH HOH B . 
D 2 HOH 5  99  7   HOH HOH B . 
D 2 HOH 6  100 8   HOH HOH B . 
D 2 HOH 7  101 10  HOH HOH B . 
D 2 HOH 8  102 11  HOH HOH B . 
D 2 HOH 9  103 13  HOH HOH B . 
D 2 HOH 10 104 14  HOH HOH B . 
D 2 HOH 11 105 17  HOH HOH B . 
D 2 HOH 12 106 21  HOH HOH B . 
D 2 HOH 13 107 24  HOH HOH B . 
D 2 HOH 14 108 25  HOH HOH B . 
D 2 HOH 15 109 32  HOH HOH B . 
D 2 HOH 16 110 34  HOH HOH B . 
D 2 HOH 17 111 37  HOH HOH B . 
D 2 HOH 18 112 40  HOH HOH B . 
D 2 HOH 19 113 41  HOH HOH B . 
D 2 HOH 20 114 43  HOH HOH B . 
D 2 HOH 21 115 44  HOH HOH B . 
D 2 HOH 22 116 47  HOH HOH B . 
D 2 HOH 23 117 52  HOH HOH B . 
D 2 HOH 24 118 53  HOH HOH B . 
D 2 HOH 25 119 57  HOH HOH B . 
D 2 HOH 26 120 58  HOH HOH B . 
D 2 HOH 27 121 59  HOH HOH B . 
D 2 HOH 28 122 60  HOH HOH B . 
D 2 HOH 29 123 66  HOH HOH B . 
D 2 HOH 30 124 69  HOH HOH B . 
D 2 HOH 31 125 70  HOH HOH B . 
D 2 HOH 32 126 72  HOH HOH B . 
D 2 HOH 33 127 73  HOH HOH B . 
D 2 HOH 34 128 82  HOH HOH B . 
D 2 HOH 35 129 84  HOH HOH B . 
D 2 HOH 36 130 85  HOH HOH B . 
D 2 HOH 37 131 86  HOH HOH B . 
D 2 HOH 38 132 88  HOH HOH B . 
D 2 HOH 39 133 90  HOH HOH B . 
D 2 HOH 40 134 93  HOH HOH B . 
D 2 HOH 41 135 100 HOH HOH B . 
D 2 HOH 42 136 103 HOH HOH B . 
D 2 HOH 43 137 104 HOH HOH B . 
D 2 HOH 44 138 107 HOH HOH B . 
D 2 HOH 45 139 115 HOH HOH B . 
D 2 HOH 46 140 116 HOH HOH B . 
D 2 HOH 47 141 119 HOH HOH B . 
D 2 HOH 48 142 127 HOH HOH B . 
D 2 HOH 49 143 128 HOH HOH B . 
D 2 HOH 50 144 129 HOH HOH B . 
D 2 HOH 51 145 130 HOH HOH B . 
D 2 HOH 52 146 138 HOH HOH B . 
D 2 HOH 53 147 139 HOH HOH B . 
D 2 HOH 54 148 142 HOH HOH B . 
D 2 HOH 55 149 143 HOH HOH B . 
D 2 HOH 56 150 145 HOH HOH B . 
D 2 HOH 57 151 146 HOH HOH B . 
D 2 HOH 58 152 147 HOH HOH B . 
D 2 HOH 59 153 153 HOH HOH B . 
D 2 HOH 60 154 154 HOH HOH B . 
D 2 HOH 61 155 155 HOH HOH B . 
D 2 HOH 62 156 156 HOH HOH B . 
# 
loop_
_pdbx_unobs_or_zero_occ_atoms.id 
_pdbx_unobs_or_zero_occ_atoms.PDB_model_num 
_pdbx_unobs_or_zero_occ_atoms.polymer_flag 
_pdbx_unobs_or_zero_occ_atoms.occupancy_flag 
_pdbx_unobs_or_zero_occ_atoms.auth_asym_id 
_pdbx_unobs_or_zero_occ_atoms.auth_comp_id 
_pdbx_unobs_or_zero_occ_atoms.auth_seq_id 
_pdbx_unobs_or_zero_occ_atoms.PDB_ins_code 
_pdbx_unobs_or_zero_occ_atoms.auth_atom_id 
_pdbx_unobs_or_zero_occ_atoms.label_alt_id 
_pdbx_unobs_or_zero_occ_atoms.label_asym_id 
_pdbx_unobs_or_zero_occ_atoms.label_comp_id 
_pdbx_unobs_or_zero_occ_atoms.label_seq_id 
_pdbx_unobs_or_zero_occ_atoms.label_atom_id 
1  1 Y 1 A GLN 10 ? CG  ? A GLN 12 CG  
2  1 Y 1 A GLN 10 ? CD  ? A GLN 12 CD  
3  1 Y 1 A GLN 10 ? OE1 ? A GLN 12 OE1 
4  1 Y 1 A GLN 10 ? NE2 ? A GLN 12 NE2 
5  1 Y 1 A GLN 27 ? CG  ? A GLN 29 CG  
6  1 Y 1 A GLN 27 ? CD  ? A GLN 29 CD  
7  1 Y 1 A GLN 27 ? OE1 ? A GLN 29 OE1 
8  1 Y 1 A GLN 27 ? NE2 ? A GLN 29 NE2 
9  1 Y 1 A LYS 31 ? CG  ? A LYS 33 CG  
10 1 Y 1 A LYS 31 ? CD  ? A LYS 33 CD  
11 1 Y 1 A LYS 31 ? CE  ? A LYS 33 CE  
12 1 Y 1 A LYS 31 ? NZ  ? A LYS 33 NZ  
13 1 Y 1 A ARG 46 ? CG  ? A ARG 48 CG  
14 1 Y 1 A ARG 46 ? CD  ? A ARG 48 CD  
15 1 Y 1 A ARG 46 ? NE  ? A ARG 48 NE  
16 1 Y 1 A ARG 46 ? CZ  ? A ARG 48 CZ  
17 1 Y 1 A ARG 46 ? NH1 ? A ARG 48 NH1 
18 1 Y 1 A ARG 46 ? NH2 ? A ARG 48 NH2 
19 1 Y 1 B GLN 10 ? CG  ? B GLN 12 CG  
20 1 Y 1 B GLN 10 ? CD  ? B GLN 12 CD  
21 1 Y 1 B GLN 10 ? OE1 ? B GLN 12 OE1 
22 1 Y 1 B GLN 10 ? NE2 ? B GLN 12 NE2 
23 1 Y 1 B LYS 29 ? CG  ? B LYS 31 CG  
24 1 Y 1 B LYS 29 ? CD  ? B LYS 31 CD  
25 1 Y 1 B LYS 29 ? CE  ? B LYS 31 CE  
26 1 Y 1 B LYS 29 ? NZ  ? B LYS 31 NZ  
27 1 Y 1 B ARG 47 ? CG  ? B ARG 49 CG  
28 1 Y 1 B ARG 47 ? CD  ? B ARG 49 CD  
29 1 Y 1 B ARG 47 ? NE  ? B ARG 49 NE  
30 1 Y 1 B ARG 47 ? CZ  ? B ARG 49 CZ  
31 1 Y 1 B ARG 47 ? NH1 ? B ARG 49 NH1 
32 1 Y 1 B ARG 47 ? NH2 ? B ARG 49 NH2 
33 1 Y 1 B PHE 79 ? CG  ? B PHE 81 CG  
34 1 Y 1 B PHE 79 ? CD1 ? B PHE 81 CD1 
35 1 Y 1 B PHE 79 ? CD2 ? B PHE 81 CD2 
36 1 Y 1 B PHE 79 ? CE1 ? B PHE 81 CE1 
37 1 Y 1 B PHE 79 ? CE2 ? B PHE 81 CE2 
38 1 Y 1 B PHE 79 ? CZ  ? B PHE 81 CZ  
39 1 Y 1 B ASP 80 ? CG  ? B ASP 82 CG  
40 1 Y 1 B ASP 80 ? OD1 ? B ASP 82 OD1 
41 1 Y 1 B ASP 80 ? OD2 ? B ASP 82 OD2 
# 
loop_
_software.name 
_software.classification 
_software.version 
_software.citation_id 
_software.pdbx_ordinal 
CNS       refinement       1.1 ? 1 
HKL-2000  'data reduction' .   ? 2 
SCALEPACK 'data scaling'   .   ? 3 
CNS       phasing          .   ? 4 
# 
_cell.entry_id           1WZ3 
_cell.length_a           44.693 
_cell.length_b           38.264 
_cell.length_c           52.511 
_cell.angle_alpha        90.00 
_cell.angle_beta         98.87 
_cell.angle_gamma        90.00 
_cell.Z_PDB              4 
_cell.pdbx_unique_axis   ? 
# 
_symmetry.entry_id                         1WZ3 
_symmetry.space_group_name_H-M             'P 1 21 1' 
_symmetry.pdbx_full_space_group_name_H-M   ? 
_symmetry.cell_setting                     ? 
_symmetry.Int_Tables_number                4 
_symmetry.space_group_name_Hall            ? 
# 
_exptl.entry_id          1WZ3 
_exptl.method            'X-RAY DIFFRACTION' 
_exptl.crystals_number   1 
# 
_exptl_crystal.id                    1 
_exptl_crystal.density_meas          ? 
_exptl_crystal.density_Matthews      2.11 
_exptl_crystal.density_percent_sol   41.65 
_exptl_crystal.description           ? 
_exptl_crystal.F_000                 ? 
_exptl_crystal.preparation           ? 
# 
_exptl_crystal_grow.crystal_id      1 
_exptl_crystal_grow.method          'VAPOR DIFFUSION, SITTING DROP' 
_exptl_crystal_grow.temp            293 
_exptl_crystal_grow.temp_details    ? 
_exptl_crystal_grow.pH              7.4 
_exptl_crystal_grow.pdbx_details    'PEG8000, HEPES, pH 7.4, VAPOR DIFFUSION, SITTING DROP, temperature 293K' 
_exptl_crystal_grow.pdbx_pH_range   . 
# 
_diffrn.id                     1 
_diffrn.ambient_temp           100 
_diffrn.ambient_temp_details   ? 
_diffrn.crystal_id             1 
# 
_diffrn_detector.diffrn_id              1 
_diffrn_detector.detector               'IMAGE PLATE' 
_diffrn_detector.type                   'RIGAKU RAXIS' 
_diffrn_detector.pdbx_collection_date   ? 
_diffrn_detector.details                ? 
# 
_diffrn_radiation.diffrn_id                        1 
_diffrn_radiation.wavelength_id                    1 
_diffrn_radiation.pdbx_monochromatic_or_laue_m_l   M 
_diffrn_radiation.monochromator                    ? 
_diffrn_radiation.pdbx_diffrn_protocol             'SINGLE WAVELENGTH' 
_diffrn_radiation.pdbx_scattering_type             x-ray 
# 
_diffrn_radiation_wavelength.id           1 
_diffrn_radiation_wavelength.wavelength   1.5418 
_diffrn_radiation_wavelength.wt           1.0 
# 
_diffrn_source.diffrn_id                   1 
_diffrn_source.source                      'ROTATING ANODE' 
_diffrn_source.type                        RIGAKU 
_diffrn_source.pdbx_synchrotron_site       ? 
_diffrn_source.pdbx_synchrotron_beamline   ? 
_diffrn_source.pdbx_wavelength             ? 
_diffrn_source.pdbx_wavelength_list        1.5418 
# 
_reflns.entry_id                     1WZ3 
_reflns.observed_criterion_sigma_I   -3 
_reflns.observed_criterion_sigma_F   0 
_reflns.d_resolution_low             50.0 
_reflns.d_resolution_high            1.80 
_reflns.number_obs                   16031 
_reflns.number_all                   16031 
_reflns.percent_possible_obs         97.3 
_reflns.pdbx_Rmerge_I_obs            0.04 
_reflns.pdbx_Rsym_value              ? 
_reflns.pdbx_netI_over_sigmaI        20.8 
_reflns.B_iso_Wilson_estimate        21.8 
_reflns.pdbx_redundancy              ? 
_reflns.R_free_details               ? 
_reflns.limit_h_max                  ? 
_reflns.limit_h_min                  ? 
_reflns.limit_k_max                  ? 
_reflns.limit_k_min                  ? 
_reflns.limit_l_max                  ? 
_reflns.limit_l_min                  ? 
_reflns.observed_criterion_F_max     ? 
_reflns.observed_criterion_F_min     ? 
_reflns.pdbx_chi_squared             ? 
_reflns.pdbx_scaling_rejects         ? 
_reflns.pdbx_diffrn_id               1 
_reflns.pdbx_ordinal                 1 
# 
_reflns_shell.d_res_high             1.80 
_reflns_shell.d_res_low              1.86 
_reflns_shell.percent_possible_all   80.5 
_reflns_shell.Rmerge_I_obs           0.275 
_reflns_shell.pdbx_Rsym_value        ? 
_reflns_shell.meanI_over_sigI_obs    ? 
_reflns_shell.pdbx_redundancy        ? 
_reflns_shell.percent_possible_obs   ? 
_reflns_shell.number_unique_all      ? 
_reflns_shell.number_measured_all    ? 
_reflns_shell.number_measured_obs    ? 
_reflns_shell.number_unique_obs      ? 
_reflns_shell.pdbx_chi_squared       ? 
_reflns_shell.pdbx_diffrn_id         ? 
_reflns_shell.pdbx_ordinal           1 
# 
_refine.entry_id                                 1WZ3 
_refine.ls_number_reflns_obs                     15322 
_refine.ls_number_reflns_all                     15322 
_refine.pdbx_ls_sigma_I                          ? 
_refine.pdbx_ls_sigma_F                          0.0 
_refine.pdbx_data_cutoff_high_absF               564936.56 
_refine.pdbx_data_cutoff_low_absF                0.000000 
_refine.pdbx_data_cutoff_high_rms_absF           ? 
_refine.ls_d_res_low                             28.92 
_refine.ls_d_res_high                            1.80 
_refine.ls_percent_reflns_obs                    92.8 
_refine.ls_R_factor_obs                          0.221 
_refine.ls_R_factor_all                          0.221 
_refine.ls_R_factor_R_work                       0.219 
_refine.ls_R_factor_R_free                       0.242 
_refine.ls_R_factor_R_free_error                 0.006 
_refine.ls_R_factor_R_free_error_details         ? 
_refine.ls_percent_reflns_R_free                 10.0 
_refine.ls_number_reflns_R_free                  1528 
_refine.ls_number_parameters                     ? 
_refine.ls_number_restraints                     ? 
_refine.occupancy_min                            ? 
_refine.occupancy_max                            ? 
_refine.correlation_coeff_Fo_to_Fc               ? 
_refine.correlation_coeff_Fo_to_Fc_free          ? 
_refine.B_iso_mean                               28.6 
_refine.aniso_B[1][1]                            -5.31 
_refine.aniso_B[2][2]                            -5.60 
_refine.aniso_B[3][3]                            10.90 
_refine.aniso_B[1][2]                            0.00 
_refine.aniso_B[1][3]                            3.46 
_refine.aniso_B[2][3]                            0.00 
_refine.solvent_model_details                    'FLAT MODEL' 
_refine.solvent_model_param_ksol                 0.403451 
_refine.solvent_model_param_bsol                 64.9019 
_refine.pdbx_solvent_vdw_probe_radii             ? 
_refine.pdbx_solvent_ion_probe_radii             ? 
_refine.pdbx_solvent_shrinkage_radii             ? 
_refine.pdbx_ls_cross_valid_method               THROUGHOUT 
_refine.details                                  ? 
_refine.pdbx_starting_model                      ? 
_refine.pdbx_method_to_determine_struct          MIRAS 
_refine.pdbx_isotropic_thermal_model             RESTRAINED 
_refine.pdbx_stereochemistry_target_values       'Engh & Huber' 
_refine.pdbx_stereochem_target_val_spec_case     ? 
_refine.pdbx_R_Free_selection_details            RANDOM 
_refine.pdbx_overall_ESU_R                       ? 
_refine.pdbx_overall_ESU_R_Free                  ? 
_refine.overall_SU_ML                            ? 
_refine.overall_SU_B                             ? 
_refine.ls_redundancy_reflns_obs                 ? 
_refine.B_iso_min                                ? 
_refine.B_iso_max                                ? 
_refine.overall_SU_R_Cruickshank_DPI             ? 
_refine.overall_SU_R_free                        ? 
_refine.ls_wR_factor_R_free                      ? 
_refine.ls_wR_factor_R_work                      ? 
_refine.overall_FOM_free_R_set                   ? 
_refine.overall_FOM_work_R_set                   ? 
_refine.pdbx_refine_id                           'X-RAY DIFFRACTION' 
_refine.pdbx_diffrn_id                           1 
_refine.pdbx_TLS_residual_ADP_flag               ? 
_refine.pdbx_overall_phase_error                 ? 
_refine.pdbx_overall_SU_R_free_Cruickshank_DPI   ? 
_refine.pdbx_overall_SU_R_Blow_DPI               ? 
_refine.pdbx_overall_SU_R_free_Blow_DPI          ? 
# 
_refine_analyze.entry_id                        1WZ3 
_refine_analyze.Luzzati_coordinate_error_obs    0.23 
_refine_analyze.Luzzati_sigma_a_obs             0.20 
_refine_analyze.Luzzati_d_res_low_obs           5.00 
_refine_analyze.Luzzati_coordinate_error_free   0.28 
_refine_analyze.Luzzati_sigma_a_free            0.24 
_refine_analyze.Luzzati_d_res_low_free          ? 
_refine_analyze.number_disordered_residues      ? 
_refine_analyze.occupancy_sum_hydrogen          ? 
_refine_analyze.occupancy_sum_non_hydrogen      ? 
_refine_analyze.pdbx_Luzzati_d_res_high_obs     ? 
_refine_analyze.pdbx_refine_id                  'X-RAY DIFFRACTION' 
# 
_refine_hist.pdbx_refine_id                   'X-RAY DIFFRACTION' 
_refine_hist.cycle_id                         LAST 
_refine_hist.pdbx_number_atoms_protein        1285 
_refine_hist.pdbx_number_atoms_nucleic_acid   0 
_refine_hist.pdbx_number_atoms_ligand         0 
_refine_hist.number_atoms_solvent             156 
_refine_hist.number_atoms_total               1441 
_refine_hist.d_res_high                       1.80 
_refine_hist.d_res_low                        28.92 
# 
loop_
_refine_ls_restr.type 
_refine_ls_restr.dev_ideal 
_refine_ls_restr.dev_ideal_target 
_refine_ls_restr.weight 
_refine_ls_restr.number 
_refine_ls_restr.pdbx_refine_id 
_refine_ls_restr.pdbx_restraint_function 
c_bond_d           0.005 ? ? ? 'X-RAY DIFFRACTION' ? 
c_angle_deg        1.3   ? ? ? 'X-RAY DIFFRACTION' ? 
c_dihedral_angle_d 25.2  ? ? ? 'X-RAY DIFFRACTION' ? 
c_improper_angle_d 0.63  ? ? ? 'X-RAY DIFFRACTION' ? 
# 
_refine_ls_shell.pdbx_total_number_of_bins_used   6 
_refine_ls_shell.d_res_high                       1.80 
_refine_ls_shell.d_res_low                        1.91 
_refine_ls_shell.number_reflns_R_work             1825 
_refine_ls_shell.R_factor_R_work                  0.334 
_refine_ls_shell.percent_reflns_obs               74.5 
_refine_ls_shell.R_factor_R_free                  0.394 
_refine_ls_shell.R_factor_R_free_error            0.029 
_refine_ls_shell.percent_reflns_R_free            9.5 
_refine_ls_shell.number_reflns_R_free             191 
_refine_ls_shell.number_reflns_obs                2016 
_refine_ls_shell.redundancy_reflns_obs            ? 
_refine_ls_shell.number_reflns_all                ? 
_refine_ls_shell.pdbx_refine_id                   'X-RAY DIFFRACTION' 
_refine_ls_shell.R_factor_all                     ? 
# 
loop_
_pdbx_xplor_file.serial_no 
_pdbx_xplor_file.param_file 
_pdbx_xplor_file.topol_file 
_pdbx_xplor_file.pdbx_refine_id 
1 PROTEIN_REP.PARAM PROTEIN.TOP 'X-RAY DIFFRACTION' 
2 DNA-RNA_REP.PARAM DNA-RNA.TOP 'X-RAY DIFFRACTION' 
3 WATER_REP.PARAM   WATER.TOP   'X-RAY DIFFRACTION' 
4 ION.PARAM         ION.TOP     'X-RAY DIFFRACTION' 
# 
_struct.entry_id                  1WZ3 
_struct.title                     'The crystal structure of plant ATG12' 
_struct.pdbx_model_details        ? 
_struct.pdbx_CASP_flag            ? 
_struct.pdbx_model_type_details   ? 
# 
_struct_keywords.entry_id        1WZ3 
_struct_keywords.pdbx_keywords   'PLANT PROTEIN' 
_struct_keywords.text            'ubiquitin-fold, PLANT PROTEIN' 
# 
loop_
_struct_asym.id 
_struct_asym.pdbx_blank_PDB_chainid_flag 
_struct_asym.pdbx_modified 
_struct_asym.entity_id 
_struct_asym.details 
A N N 1 ? 
B N N 1 ? 
C N N 2 ? 
D N N 2 ? 
# 
_struct_ref.id                         1 
_struct_ref.db_name                    UNP 
_struct_ref.db_code                    Q9LVK3_ARATH 
_struct_ref.pdbx_db_accession          Q9LVK3 
_struct_ref.entity_id                  1 
_struct_ref.pdbx_seq_one_letter_code   
;MATESPNSVQKIVVHLRATGGAPILKQSKFKVSGSDKFANVIDFLRRQLHSDSLFVYVNSAFSPNPDESVIDLYNNFGFD
GKLVVNYACSMAWG
;
_struct_ref.pdbx_align_begin           1 
_struct_ref.pdbx_db_isoform            ? 
# 
loop_
_struct_ref_seq.align_id 
_struct_ref_seq.ref_id 
_struct_ref_seq.pdbx_PDB_id_code 
_struct_ref_seq.pdbx_strand_id 
_struct_ref_seq.seq_align_beg 
_struct_ref_seq.pdbx_seq_align_beg_ins_code 
_struct_ref_seq.seq_align_end 
_struct_ref_seq.pdbx_seq_align_end_ins_code 
_struct_ref_seq.pdbx_db_accession 
_struct_ref_seq.db_align_beg 
_struct_ref_seq.pdbx_db_align_beg_ins_code 
_struct_ref_seq.db_align_end 
_struct_ref_seq.pdbx_db_align_end_ins_code 
_struct_ref_seq.pdbx_auth_seq_align_beg 
_struct_ref_seq.pdbx_auth_seq_align_end 
1 1 1WZ3 A 3 ? 96 ? Q9LVK3 1 ? 94 ? 1 94 
2 1 1WZ3 B 3 ? 96 ? Q9LVK3 1 ? 94 ? 1 94 
# 
loop_
_struct_ref_seq_dif.align_id 
_struct_ref_seq_dif.pdbx_pdb_id_code 
_struct_ref_seq_dif.mon_id 
_struct_ref_seq_dif.pdbx_pdb_strand_id 
_struct_ref_seq_dif.seq_num 
_struct_ref_seq_dif.pdbx_pdb_ins_code 
_struct_ref_seq_dif.pdbx_seq_db_name 
_struct_ref_seq_dif.pdbx_seq_db_accession_code 
_struct_ref_seq_dif.db_mon_id 
_struct_ref_seq_dif.pdbx_seq_db_seq_num 
_struct_ref_seq_dif.details 
_struct_ref_seq_dif.pdbx_auth_seq_num 
_struct_ref_seq_dif.pdbx_ordinal 
1 1WZ3 GLY A 1 ? UNP Q9LVK3 ? ? 'cloning artifact' -1 1 
1 1WZ3 PRO A 2 ? UNP Q9LVK3 ? ? 'cloning artifact' 0  2 
2 1WZ3 GLY B 1 ? UNP Q9LVK3 ? ? 'cloning artifact' -1 3 
2 1WZ3 PRO B 2 ? UNP Q9LVK3 ? ? 'cloning artifact' 0  4 
# 
_pdbx_struct_assembly.id                   1 
_pdbx_struct_assembly.details              author_and_software_defined_assembly 
_pdbx_struct_assembly.method_details       PISA 
_pdbx_struct_assembly.oligomeric_details   dimeric 
_pdbx_struct_assembly.oligomeric_count     2 
# 
loop_
_pdbx_struct_assembly_prop.biol_id 
_pdbx_struct_assembly_prop.type 
_pdbx_struct_assembly_prop.value 
_pdbx_struct_assembly_prop.details 
1 'ABSA (A^2)' 5860 ? 
1 MORE         -47  ? 
1 'SSA (A^2)'  9450 ? 
# 
_pdbx_struct_assembly_gen.assembly_id       1 
_pdbx_struct_assembly_gen.oper_expression   1 
_pdbx_struct_assembly_gen.asym_id_list      A,B,C,D 
# 
_pdbx_struct_oper_list.id                   1 
_pdbx_struct_oper_list.type                 'identity operation' 
_pdbx_struct_oper_list.name                 1_555 
_pdbx_struct_oper_list.symmetry_operation   x,y,z 
_pdbx_struct_oper_list.matrix[1][1]         1.0000000000 
_pdbx_struct_oper_list.matrix[1][2]         0.0000000000 
_pdbx_struct_oper_list.matrix[1][3]         0.0000000000 
_pdbx_struct_oper_list.vector[1]            0.0000000000 
_pdbx_struct_oper_list.matrix[2][1]         0.0000000000 
_pdbx_struct_oper_list.matrix[2][2]         1.0000000000 
_pdbx_struct_oper_list.matrix[2][3]         0.0000000000 
_pdbx_struct_oper_list.vector[2]            0.0000000000 
_pdbx_struct_oper_list.matrix[3][1]         0.0000000000 
_pdbx_struct_oper_list.matrix[3][2]         0.0000000000 
_pdbx_struct_oper_list.matrix[3][3]         1.0000000000 
_pdbx_struct_oper_list.vector[3]            0.0000000000 
# 
loop_
_struct_conf.conf_type_id 
_struct_conf.id 
_struct_conf.pdbx_PDB_helix_id 
_struct_conf.beg_label_comp_id 
_struct_conf.beg_label_asym_id 
_struct_conf.beg_label_seq_id 
_struct_conf.pdbx_beg_PDB_ins_code 
_struct_conf.end_label_comp_id 
_struct_conf.end_label_asym_id 
_struct_conf.end_label_seq_id 
_struct_conf.pdbx_end_PDB_ins_code 
_struct_conf.beg_auth_comp_id 
_struct_conf.beg_auth_asym_id 
_struct_conf.beg_auth_seq_id 
_struct_conf.end_auth_comp_id 
_struct_conf.end_auth_asym_id 
_struct_conf.end_auth_seq_id 
_struct_conf.pdbx_PDB_helix_class 
_struct_conf.details 
_struct_conf.pdbx_PDB_helix_length 
HELX_P HELX_P1 1 PHE A 40 ? HIS A 52 ? PHE A 38 HIS A 50 1 ? 13 
HELX_P HELX_P2 2 SER A 71 ? GLY A 80 ? SER A 69 GLY A 78 1 ? 10 
HELX_P HELX_P3 3 PHE B 40 ? LEU B 51 ? PHE B 38 LEU B 49 1 ? 12 
HELX_P HELX_P4 4 SER B 71 ? GLY B 80 ? SER B 69 GLY B 78 1 ? 10 
# 
_struct_conf_type.id          HELX_P 
_struct_conf_type.criteria    ? 
_struct_conf_type.reference   ? 
# 
_struct_sheet.id               A 
_struct_sheet.type             ? 
_struct_sheet.number_strands   8 
_struct_sheet.details          ? 
# 
loop_
_struct_sheet_order.sheet_id 
_struct_sheet_order.range_id_1 
_struct_sheet_order.range_id_2 
_struct_sheet_order.offset 
_struct_sheet_order.sense 
A 1 2 ? anti-parallel 
A 2 3 ? parallel      
A 3 4 ? anti-parallel 
A 4 5 ? anti-parallel 
A 5 6 ? anti-parallel 
A 6 7 ? parallel      
A 7 8 ? anti-parallel 
# 
loop_
_struct_sheet_range.sheet_id 
_struct_sheet_range.id 
_struct_sheet_range.beg_label_comp_id 
_struct_sheet_range.beg_label_asym_id 
_struct_sheet_range.beg_label_seq_id 
_struct_sheet_range.pdbx_beg_PDB_ins_code 
_struct_sheet_range.end_label_comp_id 
_struct_sheet_range.end_label_asym_id 
_struct_sheet_range.end_label_seq_id 
_struct_sheet_range.pdbx_end_PDB_ins_code 
_struct_sheet_range.beg_auth_comp_id 
_struct_sheet_range.beg_auth_asym_id 
_struct_sheet_range.beg_auth_seq_id 
_struct_sheet_range.end_auth_comp_id 
_struct_sheet_range.end_auth_asym_id 
_struct_sheet_range.end_auth_seq_id 
A 1 LYS A 31 ? SER A 35 ? LYS A 29 SER A 33 
A 2 LYS A 13 ? ALA A 20 ? LYS A 11 ALA A 18 
A 3 LEU B 85 ? ALA B 90 ? LEU B 83 ALA B 88 
A 4 PHE A 57 ? PHE A 64 ? PHE A 55 PHE A 62 
A 5 PHE B 57 ? PHE B 64 ? PHE B 55 PHE B 62 
A 6 LEU A 85 ? ALA A 90 ? LEU A 83 ALA A 88 
A 7 LYS B 13 ? THR B 21 ? LYS B 11 THR B 19 
A 8 LYS B 31 ? SER B 35 ? LYS B 29 SER B 33 
# 
loop_
_pdbx_struct_sheet_hbond.sheet_id 
_pdbx_struct_sheet_hbond.range_id_1 
_pdbx_struct_sheet_hbond.range_id_2 
_pdbx_struct_sheet_hbond.range_1_label_atom_id 
_pdbx_struct_sheet_hbond.range_1_label_comp_id 
_pdbx_struct_sheet_hbond.range_1_label_asym_id 
_pdbx_struct_sheet_hbond.range_1_label_seq_id 
_pdbx_struct_sheet_hbond.range_1_PDB_ins_code 
_pdbx_struct_sheet_hbond.range_1_auth_atom_id 
_pdbx_struct_sheet_hbond.range_1_auth_comp_id 
_pdbx_struct_sheet_hbond.range_1_auth_asym_id 
_pdbx_struct_sheet_hbond.range_1_auth_seq_id 
_pdbx_struct_sheet_hbond.range_2_label_atom_id 
_pdbx_struct_sheet_hbond.range_2_label_comp_id 
_pdbx_struct_sheet_hbond.range_2_label_asym_id 
_pdbx_struct_sheet_hbond.range_2_label_seq_id 
_pdbx_struct_sheet_hbond.range_2_PDB_ins_code 
_pdbx_struct_sheet_hbond.range_2_auth_atom_id 
_pdbx_struct_sheet_hbond.range_2_auth_comp_id 
_pdbx_struct_sheet_hbond.range_2_auth_asym_id 
_pdbx_struct_sheet_hbond.range_2_auth_seq_id 
A 1 2 O VAL A 34 ? O VAL A 32 N ILE A 14 ? N ILE A 12 
A 2 3 N ARG A 19 ? N ARG A 17 O VAL B 87 ? O VAL B 85 
A 3 4 O ALA B 90 ? O ALA B 88 N PHE A 57 ? N PHE A 55 
A 4 5 N SER A 62 ? N SER A 60 O SER B 62 ? O SER B 60 
A 5 6 O PHE B 57 ? O PHE B 55 N ALA A 90 ? N ALA A 88 
A 6 7 N VAL A 87 ? N VAL A 85 O HIS B 17 ? O HIS B 15 
A 7 8 N ILE B 14 ? N ILE B 12 O VAL B 34 ? O VAL B 32 
# 
_pdbx_validate_torsion.id              1 
_pdbx_validate_torsion.PDB_model_num   1 
_pdbx_validate_torsion.auth_comp_id    ALA 
_pdbx_validate_torsion.auth_asym_id    A 
_pdbx_validate_torsion.auth_seq_id     92 
_pdbx_validate_torsion.PDB_ins_code    ? 
_pdbx_validate_torsion.label_alt_id    ? 
_pdbx_validate_torsion.phi             -113.99 
_pdbx_validate_torsion.psi             60.05 
# 
loop_
_pdbx_unobs_or_zero_occ_residues.id 
_pdbx_unobs_or_zero_occ_residues.PDB_model_num 
_pdbx_unobs_or_zero_occ_residues.polymer_flag 
_pdbx_unobs_or_zero_occ_residues.occupancy_flag 
_pdbx_unobs_or_zero_occ_residues.auth_asym_id 
_pdbx_unobs_or_zero_occ_residues.auth_comp_id 
_pdbx_unobs_or_zero_occ_residues.auth_seq_id 
_pdbx_unobs_or_zero_occ_residues.PDB_ins_code 
_pdbx_unobs_or_zero_occ_residues.label_asym_id 
_pdbx_unobs_or_zero_occ_residues.label_comp_id 
_pdbx_unobs_or_zero_occ_residues.label_seq_id 
1  1 Y 1 A GLY -1 ? A GLY 1  
2  1 Y 1 A PRO 0  ? A PRO 2  
3  1 Y 1 A MET 1  ? A MET 3  
4  1 Y 1 A ALA 2  ? A ALA 4  
5  1 Y 1 A THR 3  ? A THR 5  
6  1 Y 1 A GLU 4  ? A GLU 6  
7  1 Y 1 A SER 5  ? A SER 7  
8  1 Y 1 A PRO 6  ? A PRO 8  
9  1 Y 1 A ASN 7  ? A ASN 9  
10 1 Y 1 A SER 8  ? A SER 10 
11 1 Y 1 A VAL 9  ? A VAL 11 
12 1 Y 1 A GLY 94 ? A GLY 96 
13 1 Y 1 B GLY -1 ? B GLY 1  
14 1 Y 1 B PRO 0  ? B PRO 2  
15 1 Y 1 B MET 1  ? B MET 3  
16 1 Y 1 B ALA 2  ? B ALA 4  
17 1 Y 1 B THR 3  ? B THR 5  
18 1 Y 1 B GLU 4  ? B GLU 6  
19 1 Y 1 B SER 5  ? B SER 7  
20 1 Y 1 B PRO 6  ? B PRO 8  
21 1 Y 1 B ASN 7  ? B ASN 9  
22 1 Y 1 B SER 8  ? B SER 10 
23 1 Y 1 B VAL 9  ? B VAL 11 
24 1 Y 1 B GLY 94 ? B GLY 96 
# 
loop_
_chem_comp_atom.comp_id 
_chem_comp_atom.atom_id 
_chem_comp_atom.type_symbol 
_chem_comp_atom.pdbx_aromatic_flag 
_chem_comp_atom.pdbx_stereo_config 
_chem_comp_atom.pdbx_ordinal 
ALA N    N N N 1   
ALA CA   C N S 2   
ALA C    C N N 3   
ALA O    O N N 4   
ALA CB   C N N 5   
ALA OXT  O N N 6   
ALA H    H N N 7   
ALA H2   H N N 8   
ALA HA   H N N 9   
ALA HB1  H N N 10  
ALA HB2  H N N 11  
ALA HB3  H N N 12  
ALA HXT  H N N 13  
ARG N    N N N 14  
ARG CA   C N S 15  
ARG C    C N N 16  
ARG O    O N N 17  
ARG CB   C N N 18  
ARG CG   C N N 19  
ARG CD   C N N 20  
ARG NE   N N N 21  
ARG CZ   C N N 22  
ARG NH1  N N N 23  
ARG NH2  N N N 24  
ARG OXT  O N N 25  
ARG H    H N N 26  
ARG H2   H N N 27  
ARG HA   H N N 28  
ARG HB2  H N N 29  
ARG HB3  H N N 30  
ARG HG2  H N N 31  
ARG HG3  H N N 32  
ARG HD2  H N N 33  
ARG HD3  H N N 34  
ARG HE   H N N 35  
ARG HH11 H N N 36  
ARG HH12 H N N 37  
ARG HH21 H N N 38  
ARG HH22 H N N 39  
ARG HXT  H N N 40  
ASN N    N N N 41  
ASN CA   C N S 42  
ASN C    C N N 43  
ASN O    O N N 44  
ASN CB   C N N 45  
ASN CG   C N N 46  
ASN OD1  O N N 47  
ASN ND2  N N N 48  
ASN OXT  O N N 49  
ASN H    H N N 50  
ASN H2   H N N 51  
ASN HA   H N N 52  
ASN HB2  H N N 53  
ASN HB3  H N N 54  
ASN HD21 H N N 55  
ASN HD22 H N N 56  
ASN HXT  H N N 57  
ASP N    N N N 58  
ASP CA   C N S 59  
ASP C    C N N 60  
ASP O    O N N 61  
ASP CB   C N N 62  
ASP CG   C N N 63  
ASP OD1  O N N 64  
ASP OD2  O N N 65  
ASP OXT  O N N 66  
ASP H    H N N 67  
ASP H2   H N N 68  
ASP HA   H N N 69  
ASP HB2  H N N 70  
ASP HB3  H N N 71  
ASP HD2  H N N 72  
ASP HXT  H N N 73  
CYS N    N N N 74  
CYS CA   C N R 75  
CYS C    C N N 76  
CYS O    O N N 77  
CYS CB   C N N 78  
CYS SG   S N N 79  
CYS OXT  O N N 80  
CYS H    H N N 81  
CYS H2   H N N 82  
CYS HA   H N N 83  
CYS HB2  H N N 84  
CYS HB3  H N N 85  
CYS HG   H N N 86  
CYS HXT  H N N 87  
GLN N    N N N 88  
GLN CA   C N S 89  
GLN C    C N N 90  
GLN O    O N N 91  
GLN CB   C N N 92  
GLN CG   C N N 93  
GLN CD   C N N 94  
GLN OE1  O N N 95  
GLN NE2  N N N 96  
GLN OXT  O N N 97  
GLN H    H N N 98  
GLN H2   H N N 99  
GLN HA   H N N 100 
GLN HB2  H N N 101 
GLN HB3  H N N 102 
GLN HG2  H N N 103 
GLN HG3  H N N 104 
GLN HE21 H N N 105 
GLN HE22 H N N 106 
GLN HXT  H N N 107 
GLU N    N N N 108 
GLU CA   C N S 109 
GLU C    C N N 110 
GLU O    O N N 111 
GLU CB   C N N 112 
GLU CG   C N N 113 
GLU CD   C N N 114 
GLU OE1  O N N 115 
GLU OE2  O N N 116 
GLU OXT  O N N 117 
GLU H    H N N 118 
GLU H2   H N N 119 
GLU HA   H N N 120 
GLU HB2  H N N 121 
GLU HB3  H N N 122 
GLU HG2  H N N 123 
GLU HG3  H N N 124 
GLU HE2  H N N 125 
GLU HXT  H N N 126 
GLY N    N N N 127 
GLY CA   C N N 128 
GLY C    C N N 129 
GLY O    O N N 130 
GLY OXT  O N N 131 
GLY H    H N N 132 
GLY H2   H N N 133 
GLY HA2  H N N 134 
GLY HA3  H N N 135 
GLY HXT  H N N 136 
HIS N    N N N 137 
HIS CA   C N S 138 
HIS C    C N N 139 
HIS O    O N N 140 
HIS CB   C N N 141 
HIS CG   C Y N 142 
HIS ND1  N Y N 143 
HIS CD2  C Y N 144 
HIS CE1  C Y N 145 
HIS NE2  N Y N 146 
HIS OXT  O N N 147 
HIS H    H N N 148 
HIS H2   H N N 149 
HIS HA   H N N 150 
HIS HB2  H N N 151 
HIS HB3  H N N 152 
HIS HD1  H N N 153 
HIS HD2  H N N 154 
HIS HE1  H N N 155 
HIS HE2  H N N 156 
HIS HXT  H N N 157 
HOH O    O N N 158 
HOH H1   H N N 159 
HOH H2   H N N 160 
ILE N    N N N 161 
ILE CA   C N S 162 
ILE C    C N N 163 
ILE O    O N N 164 
ILE CB   C N S 165 
ILE CG1  C N N 166 
ILE CG2  C N N 167 
ILE CD1  C N N 168 
ILE OXT  O N N 169 
ILE H    H N N 170 
ILE H2   H N N 171 
ILE HA   H N N 172 
ILE HB   H N N 173 
ILE HG12 H N N 174 
ILE HG13 H N N 175 
ILE HG21 H N N 176 
ILE HG22 H N N 177 
ILE HG23 H N N 178 
ILE HD11 H N N 179 
ILE HD12 H N N 180 
ILE HD13 H N N 181 
ILE HXT  H N N 182 
LEU N    N N N 183 
LEU CA   C N S 184 
LEU C    C N N 185 
LEU O    O N N 186 
LEU CB   C N N 187 
LEU CG   C N N 188 
LEU CD1  C N N 189 
LEU CD2  C N N 190 
LEU OXT  O N N 191 
LEU H    H N N 192 
LEU H2   H N N 193 
LEU HA   H N N 194 
LEU HB2  H N N 195 
LEU HB3  H N N 196 
LEU HG   H N N 197 
LEU HD11 H N N 198 
LEU HD12 H N N 199 
LEU HD13 H N N 200 
LEU HD21 H N N 201 
LEU HD22 H N N 202 
LEU HD23 H N N 203 
LEU HXT  H N N 204 
LYS N    N N N 205 
LYS CA   C N S 206 
LYS C    C N N 207 
LYS O    O N N 208 
LYS CB   C N N 209 
LYS CG   C N N 210 
LYS CD   C N N 211 
LYS CE   C N N 212 
LYS NZ   N N N 213 
LYS OXT  O N N 214 
LYS H    H N N 215 
LYS H2   H N N 216 
LYS HA   H N N 217 
LYS HB2  H N N 218 
LYS HB3  H N N 219 
LYS HG2  H N N 220 
LYS HG3  H N N 221 
LYS HD2  H N N 222 
LYS HD3  H N N 223 
LYS HE2  H N N 224 
LYS HE3  H N N 225 
LYS HZ1  H N N 226 
LYS HZ2  H N N 227 
LYS HZ3  H N N 228 
LYS HXT  H N N 229 
MET N    N N N 230 
MET CA   C N S 231 
MET C    C N N 232 
MET O    O N N 233 
MET CB   C N N 234 
MET CG   C N N 235 
MET SD   S N N 236 
MET CE   C N N 237 
MET OXT  O N N 238 
MET H    H N N 239 
MET H2   H N N 240 
MET HA   H N N 241 
MET HB2  H N N 242 
MET HB3  H N N 243 
MET HG2  H N N 244 
MET HG3  H N N 245 
MET HE1  H N N 246 
MET HE2  H N N 247 
MET HE3  H N N 248 
MET HXT  H N N 249 
PHE N    N N N 250 
PHE CA   C N S 251 
PHE C    C N N 252 
PHE O    O N N 253 
PHE CB   C N N 254 
PHE CG   C Y N 255 
PHE CD1  C Y N 256 
PHE CD2  C Y N 257 
PHE CE1  C Y N 258 
PHE CE2  C Y N 259 
PHE CZ   C Y N 260 
PHE OXT  O N N 261 
PHE H    H N N 262 
PHE H2   H N N 263 
PHE HA   H N N 264 
PHE HB2  H N N 265 
PHE HB3  H N N 266 
PHE HD1  H N N 267 
PHE HD2  H N N 268 
PHE HE1  H N N 269 
PHE HE2  H N N 270 
PHE HZ   H N N 271 
PHE HXT  H N N 272 
PRO N    N N N 273 
PRO CA   C N S 274 
PRO C    C N N 275 
PRO O    O N N 276 
PRO CB   C N N 277 
PRO CG   C N N 278 
PRO CD   C N N 279 
PRO OXT  O N N 280 
PRO H    H N N 281 
PRO HA   H N N 282 
PRO HB2  H N N 283 
PRO HB3  H N N 284 
PRO HG2  H N N 285 
PRO HG3  H N N 286 
PRO HD2  H N N 287 
PRO HD3  H N N 288 
PRO HXT  H N N 289 
SER N    N N N 290 
SER CA   C N S 291 
SER C    C N N 292 
SER O    O N N 293 
SER CB   C N N 294 
SER OG   O N N 295 
SER OXT  O N N 296 
SER H    H N N 297 
SER H2   H N N 298 
SER HA   H N N 299 
SER HB2  H N N 300 
SER HB3  H N N 301 
SER HG   H N N 302 
SER HXT  H N N 303 
THR N    N N N 304 
THR CA   C N S 305 
THR C    C N N 306 
THR O    O N N 307 
THR CB   C N R 308 
THR OG1  O N N 309 
THR CG2  C N N 310 
THR OXT  O N N 311 
THR H    H N N 312 
THR H2   H N N 313 
THR HA   H N N 314 
THR HB   H N N 315 
THR HG1  H N N 316 
THR HG21 H N N 317 
THR HG22 H N N 318 
THR HG23 H N N 319 
THR HXT  H N N 320 
TRP N    N N N 321 
TRP CA   C N S 322 
TRP C    C N N 323 
TRP O    O N N 324 
TRP CB   C N N 325 
TRP CG   C Y N 326 
TRP CD1  C Y N 327 
TRP CD2  C Y N 328 
TRP NE1  N Y N 329 
TRP CE2  C Y N 330 
TRP CE3  C Y N 331 
TRP CZ2  C Y N 332 
TRP CZ3  C Y N 333 
TRP CH2  C Y N 334 
TRP OXT  O N N 335 
TRP H    H N N 336 
TRP H2   H N N 337 
TRP HA   H N N 338 
TRP HB2  H N N 339 
TRP HB3  H N N 340 
TRP HD1  H N N 341 
TRP HE1  H N N 342 
TRP HE3  H N N 343 
TRP HZ2  H N N 344 
TRP HZ3  H N N 345 
TRP HH2  H N N 346 
TRP HXT  H N N 347 
TYR N    N N N 348 
TYR CA   C N S 349 
TYR C    C N N 350 
TYR O    O N N 351 
TYR CB   C N N 352 
TYR CG   C Y N 353 
TYR CD1  C Y N 354 
TYR CD2  C Y N 355 
TYR CE1  C Y N 356 
TYR CE2  C Y N 357 
TYR CZ   C Y N 358 
TYR OH   O N N 359 
TYR OXT  O N N 360 
TYR H    H N N 361 
TYR H2   H N N 362 
TYR HA   H N N 363 
TYR HB2  H N N 364 
TYR HB3  H N N 365 
TYR HD1  H N N 366 
TYR HD2  H N N 367 
TYR HE1  H N N 368 
TYR HE2  H N N 369 
TYR HH   H N N 370 
TYR HXT  H N N 371 
VAL N    N N N 372 
VAL CA   C N S 373 
VAL C    C N N 374 
VAL O    O N N 375 
VAL CB   C N N 376 
VAL CG1  C N N 377 
VAL CG2  C N N 378 
VAL OXT  O N N 379 
VAL H    H N N 380 
VAL H2   H N N 381 
VAL HA   H N N 382 
VAL HB   H N N 383 
VAL HG11 H N N 384 
VAL HG12 H N N 385 
VAL HG13 H N N 386 
VAL HG21 H N N 387 
VAL HG22 H N N 388 
VAL HG23 H N N 389 
VAL HXT  H N N 390 
# 
loop_
_chem_comp_bond.comp_id 
_chem_comp_bond.atom_id_1 
_chem_comp_bond.atom_id_2 
_chem_comp_bond.value_order 
_chem_comp_bond.pdbx_aromatic_flag 
_chem_comp_bond.pdbx_stereo_config 
_chem_comp_bond.pdbx_ordinal 
ALA N   CA   sing N N 1   
ALA N   H    sing N N 2   
ALA N   H2   sing N N 3   
ALA CA  C    sing N N 4   
ALA CA  CB   sing N N 5   
ALA CA  HA   sing N N 6   
ALA C   O    doub N N 7   
ALA C   OXT  sing N N 8   
ALA CB  HB1  sing N N 9   
ALA CB  HB2  sing N N 10  
ALA CB  HB3  sing N N 11  
ALA OXT HXT  sing N N 12  
ARG N   CA   sing N N 13  
ARG N   H    sing N N 14  
ARG N   H2   sing N N 15  
ARG CA  C    sing N N 16  
ARG CA  CB   sing N N 17  
ARG CA  HA   sing N N 18  
ARG C   O    doub N N 19  
ARG C   OXT  sing N N 20  
ARG CB  CG   sing N N 21  
ARG CB  HB2  sing N N 22  
ARG CB  HB3  sing N N 23  
ARG CG  CD   sing N N 24  
ARG CG  HG2  sing N N 25  
ARG CG  HG3  sing N N 26  
ARG CD  NE   sing N N 27  
ARG CD  HD2  sing N N 28  
ARG CD  HD3  sing N N 29  
ARG NE  CZ   sing N N 30  
ARG NE  HE   sing N N 31  
ARG CZ  NH1  sing N N 32  
ARG CZ  NH2  doub N N 33  
ARG NH1 HH11 sing N N 34  
ARG NH1 HH12 sing N N 35  
ARG NH2 HH21 sing N N 36  
ARG NH2 HH22 sing N N 37  
ARG OXT HXT  sing N N 38  
ASN N   CA   sing N N 39  
ASN N   H    sing N N 40  
ASN N   H2   sing N N 41  
ASN CA  C    sing N N 42  
ASN CA  CB   sing N N 43  
ASN CA  HA   sing N N 44  
ASN C   O    doub N N 45  
ASN C   OXT  sing N N 46  
ASN CB  CG   sing N N 47  
ASN CB  HB2  sing N N 48  
ASN CB  HB3  sing N N 49  
ASN CG  OD1  doub N N 50  
ASN CG  ND2  sing N N 51  
ASN ND2 HD21 sing N N 52  
ASN ND2 HD22 sing N N 53  
ASN OXT HXT  sing N N 54  
ASP N   CA   sing N N 55  
ASP N   H    sing N N 56  
ASP N   H2   sing N N 57  
ASP CA  C    sing N N 58  
ASP CA  CB   sing N N 59  
ASP CA  HA   sing N N 60  
ASP C   O    doub N N 61  
ASP C   OXT  sing N N 62  
ASP CB  CG   sing N N 63  
ASP CB  HB2  sing N N 64  
ASP CB  HB3  sing N N 65  
ASP CG  OD1  doub N N 66  
ASP CG  OD2  sing N N 67  
ASP OD2 HD2  sing N N 68  
ASP OXT HXT  sing N N 69  
CYS N   CA   sing N N 70  
CYS N   H    sing N N 71  
CYS N   H2   sing N N 72  
CYS CA  C    sing N N 73  
CYS CA  CB   sing N N 74  
CYS CA  HA   sing N N 75  
CYS C   O    doub N N 76  
CYS C   OXT  sing N N 77  
CYS CB  SG   sing N N 78  
CYS CB  HB2  sing N N 79  
CYS CB  HB3  sing N N 80  
CYS SG  HG   sing N N 81  
CYS OXT HXT  sing N N 82  
GLN N   CA   sing N N 83  
GLN N   H    sing N N 84  
GLN N   H2   sing N N 85  
GLN CA  C    sing N N 86  
GLN CA  CB   sing N N 87  
GLN CA  HA   sing N N 88  
GLN C   O    doub N N 89  
GLN C   OXT  sing N N 90  
GLN CB  CG   sing N N 91  
GLN CB  HB2  sing N N 92  
GLN CB  HB3  sing N N 93  
GLN CG  CD   sing N N 94  
GLN CG  HG2  sing N N 95  
GLN CG  HG3  sing N N 96  
GLN CD  OE1  doub N N 97  
GLN CD  NE2  sing N N 98  
GLN NE2 HE21 sing N N 99  
GLN NE2 HE22 sing N N 100 
GLN OXT HXT  sing N N 101 
GLU N   CA   sing N N 102 
GLU N   H    sing N N 103 
GLU N   H2   sing N N 104 
GLU CA  C    sing N N 105 
GLU CA  CB   sing N N 106 
GLU CA  HA   sing N N 107 
GLU C   O    doub N N 108 
GLU C   OXT  sing N N 109 
GLU CB  CG   sing N N 110 
GLU CB  HB2  sing N N 111 
GLU CB  HB3  sing N N 112 
GLU CG  CD   sing N N 113 
GLU CG  HG2  sing N N 114 
GLU CG  HG3  sing N N 115 
GLU CD  OE1  doub N N 116 
GLU CD  OE2  sing N N 117 
GLU OE2 HE2  sing N N 118 
GLU OXT HXT  sing N N 119 
GLY N   CA   sing N N 120 
GLY N   H    sing N N 121 
GLY N   H2   sing N N 122 
GLY CA  C    sing N N 123 
GLY CA  HA2  sing N N 124 
GLY CA  HA3  sing N N 125 
GLY C   O    doub N N 126 
GLY C   OXT  sing N N 127 
GLY OXT HXT  sing N N 128 
HIS N   CA   sing N N 129 
HIS N   H    sing N N 130 
HIS N   H2   sing N N 131 
HIS CA  C    sing N N 132 
HIS CA  CB   sing N N 133 
HIS CA  HA   sing N N 134 
HIS C   O    doub N N 135 
HIS C   OXT  sing N N 136 
HIS CB  CG   sing N N 137 
HIS CB  HB2  sing N N 138 
HIS CB  HB3  sing N N 139 
HIS CG  ND1  sing Y N 140 
HIS CG  CD2  doub Y N 141 
HIS ND1 CE1  doub Y N 142 
HIS ND1 HD1  sing N N 143 
HIS CD2 NE2  sing Y N 144 
HIS CD2 HD2  sing N N 145 
HIS CE1 NE2  sing Y N 146 
HIS CE1 HE1  sing N N 147 
HIS NE2 HE2  sing N N 148 
HIS OXT HXT  sing N N 149 
HOH O   H1   sing N N 150 
HOH O   H2   sing N N 151 
ILE N   CA   sing N N 152 
ILE N   H    sing N N 153 
ILE N   H2   sing N N 154 
ILE CA  C    sing N N 155 
ILE CA  CB   sing N N 156 
ILE CA  HA   sing N N 157 
ILE C   O    doub N N 158 
ILE C   OXT  sing N N 159 
ILE CB  CG1  sing N N 160 
ILE CB  CG2  sing N N 161 
ILE CB  HB   sing N N 162 
ILE CG1 CD1  sing N N 163 
ILE CG1 HG12 sing N N 164 
ILE CG1 HG13 sing N N 165 
ILE CG2 HG21 sing N N 166 
ILE CG2 HG22 sing N N 167 
ILE CG2 HG23 sing N N 168 
ILE CD1 HD11 sing N N 169 
ILE CD1 HD12 sing N N 170 
ILE CD1 HD13 sing N N 171 
ILE OXT HXT  sing N N 172 
LEU N   CA   sing N N 173 
LEU N   H    sing N N 174 
LEU N   H2   sing N N 175 
LEU CA  C    sing N N 176 
LEU CA  CB   sing N N 177 
LEU CA  HA   sing N N 178 
LEU C   O    doub N N 179 
LEU C   OXT  sing N N 180 
LEU CB  CG   sing N N 181 
LEU CB  HB2  sing N N 182 
LEU CB  HB3  sing N N 183 
LEU CG  CD1  sing N N 184 
LEU CG  CD2  sing N N 185 
LEU CG  HG   sing N N 186 
LEU CD1 HD11 sing N N 187 
LEU CD1 HD12 sing N N 188 
LEU CD1 HD13 sing N N 189 
LEU CD2 HD21 sing N N 190 
LEU CD2 HD22 sing N N 191 
LEU CD2 HD23 sing N N 192 
LEU OXT HXT  sing N N 193 
LYS N   CA   sing N N 194 
LYS N   H    sing N N 195 
LYS N   H2   sing N N 196 
LYS CA  C    sing N N 197 
LYS CA  CB   sing N N 198 
LYS CA  HA   sing N N 199 
LYS C   O    doub N N 200 
LYS C   OXT  sing N N 201 
LYS CB  CG   sing N N 202 
LYS CB  HB2  sing N N 203 
LYS CB  HB3  sing N N 204 
LYS CG  CD   sing N N 205 
LYS CG  HG2  sing N N 206 
LYS CG  HG3  sing N N 207 
LYS CD  CE   sing N N 208 
LYS CD  HD2  sing N N 209 
LYS CD  HD3  sing N N 210 
LYS CE  NZ   sing N N 211 
LYS CE  HE2  sing N N 212 
LYS CE  HE3  sing N N 213 
LYS NZ  HZ1  sing N N 214 
LYS NZ  HZ2  sing N N 215 
LYS NZ  HZ3  sing N N 216 
LYS OXT HXT  sing N N 217 
MET N   CA   sing N N 218 
MET N   H    sing N N 219 
MET N   H2   sing N N 220 
MET CA  C    sing N N 221 
MET CA  CB   sing N N 222 
MET CA  HA   sing N N 223 
MET C   O    doub N N 224 
MET C   OXT  sing N N 225 
MET CB  CG   sing N N 226 
MET CB  HB2  sing N N 227 
MET CB  HB3  sing N N 228 
MET CG  SD   sing N N 229 
MET CG  HG2  sing N N 230 
MET CG  HG3  sing N N 231 
MET SD  CE   sing N N 232 
MET CE  HE1  sing N N 233 
MET CE  HE2  sing N N 234 
MET CE  HE3  sing N N 235 
MET OXT HXT  sing N N 236 
PHE N   CA   sing N N 237 
PHE N   H    sing N N 238 
PHE N   H2   sing N N 239 
PHE CA  C    sing N N 240 
PHE CA  CB   sing N N 241 
PHE CA  HA   sing N N 242 
PHE C   O    doub N N 243 
PHE C   OXT  sing N N 244 
PHE CB  CG   sing N N 245 
PHE CB  HB2  sing N N 246 
PHE CB  HB3  sing N N 247 
PHE CG  CD1  doub Y N 248 
PHE CG  CD2  sing Y N 249 
PHE CD1 CE1  sing Y N 250 
PHE CD1 HD1  sing N N 251 
PHE CD2 CE2  doub Y N 252 
PHE CD2 HD2  sing N N 253 
PHE CE1 CZ   doub Y N 254 
PHE CE1 HE1  sing N N 255 
PHE CE2 CZ   sing Y N 256 
PHE CE2 HE2  sing N N 257 
PHE CZ  HZ   sing N N 258 
PHE OXT HXT  sing N N 259 
PRO N   CA   sing N N 260 
PRO N   CD   sing N N 261 
PRO N   H    sing N N 262 
PRO CA  C    sing N N 263 
PRO CA  CB   sing N N 264 
PRO CA  HA   sing N N 265 
PRO C   O    doub N N 266 
PRO C   OXT  sing N N 267 
PRO CB  CG   sing N N 268 
PRO CB  HB2  sing N N 269 
PRO CB  HB3  sing N N 270 
PRO CG  CD   sing N N 271 
PRO CG  HG2  sing N N 272 
PRO CG  HG3  sing N N 273 
PRO CD  HD2  sing N N 274 
PRO CD  HD3  sing N N 275 
PRO OXT HXT  sing N N 276 
SER N   CA   sing N N 277 
SER N   H    sing N N 278 
SER N   H2   sing N N 279 
SER CA  C    sing N N 280 
SER CA  CB   sing N N 281 
SER CA  HA   sing N N 282 
SER C   O    doub N N 283 
SER C   OXT  sing N N 284 
SER CB  OG   sing N N 285 
SER CB  HB2  sing N N 286 
SER CB  HB3  sing N N 287 
SER OG  HG   sing N N 288 
SER OXT HXT  sing N N 289 
THR N   CA   sing N N 290 
THR N   H    sing N N 291 
THR N   H2   sing N N 292 
THR CA  C    sing N N 293 
THR CA  CB   sing N N 294 
THR CA  HA   sing N N 295 
THR C   O    doub N N 296 
THR C   OXT  sing N N 297 
THR CB  OG1  sing N N 298 
THR CB  CG2  sing N N 299 
THR CB  HB   sing N N 300 
THR OG1 HG1  sing N N 301 
THR CG2 HG21 sing N N 302 
THR CG2 HG22 sing N N 303 
THR CG2 HG23 sing N N 304 
THR OXT HXT  sing N N 305 
TRP N   CA   sing N N 306 
TRP N   H    sing N N 307 
TRP N   H2   sing N N 308 
TRP CA  C    sing N N 309 
TRP CA  CB   sing N N 310 
TRP CA  HA   sing N N 311 
TRP C   O    doub N N 312 
TRP C   OXT  sing N N 313 
TRP CB  CG   sing N N 314 
TRP CB  HB2  sing N N 315 
TRP CB  HB3  sing N N 316 
TRP CG  CD1  doub Y N 317 
TRP CG  CD2  sing Y N 318 
TRP CD1 NE1  sing Y N 319 
TRP CD1 HD1  sing N N 320 
TRP CD2 CE2  doub Y N 321 
TRP CD2 CE3  sing Y N 322 
TRP NE1 CE2  sing Y N 323 
TRP NE1 HE1  sing N N 324 
TRP CE2 CZ2  sing Y N 325 
TRP CE3 CZ3  doub Y N 326 
TRP CE3 HE3  sing N N 327 
TRP CZ2 CH2  doub Y N 328 
TRP CZ2 HZ2  sing N N 329 
TRP CZ3 CH2  sing Y N 330 
TRP CZ3 HZ3  sing N N 331 
TRP CH2 HH2  sing N N 332 
TRP OXT HXT  sing N N 333 
TYR N   CA   sing N N 334 
TYR N   H    sing N N 335 
TYR N   H2   sing N N 336 
TYR CA  C    sing N N 337 
TYR CA  CB   sing N N 338 
TYR CA  HA   sing N N 339 
TYR C   O    doub N N 340 
TYR C   OXT  sing N N 341 
TYR CB  CG   sing N N 342 
TYR CB  HB2  sing N N 343 
TYR CB  HB3  sing N N 344 
TYR CG  CD1  doub Y N 345 
TYR CG  CD2  sing Y N 346 
TYR CD1 CE1  sing Y N 347 
TYR CD1 HD1  sing N N 348 
TYR CD2 CE2  doub Y N 349 
TYR CD2 HD2  sing N N 350 
TYR CE1 CZ   doub Y N 351 
TYR CE1 HE1  sing N N 352 
TYR CE2 CZ   sing Y N 353 
TYR CE2 HE2  sing N N 354 
TYR CZ  OH   sing N N 355 
TYR OH  HH   sing N N 356 
TYR OXT HXT  sing N N 357 
VAL N   CA   sing N N 358 
VAL N   H    sing N N 359 
VAL N   H2   sing N N 360 
VAL CA  C    sing N N 361 
VAL CA  CB   sing N N 362 
VAL CA  HA   sing N N 363 
VAL C   O    doub N N 364 
VAL C   OXT  sing N N 365 
VAL CB  CG1  sing N N 366 
VAL CB  CG2  sing N N 367 
VAL CB  HB   sing N N 368 
VAL CG1 HG11 sing N N 369 
VAL CG1 HG12 sing N N 370 
VAL CG1 HG13 sing N N 371 
VAL CG2 HG21 sing N N 372 
VAL CG2 HG22 sing N N 373 
VAL CG2 HG23 sing N N 374 
VAL OXT HXT  sing N N 375 
# 
_atom_sites.entry_id                    1WZ3 
_atom_sites.fract_transf_matrix[1][1]   0.02072694 
_atom_sites.fract_transf_matrix[1][2]   -0.00603297 
_atom_sites.fract_transf_matrix[1][3]   -0.00684388 
_atom_sites.fract_transf_matrix[2][1]   -0.01011371 
_atom_sites.fract_transf_matrix[2][2]   -0.02064273 
_atom_sites.fract_transf_matrix[2][3]   -0.01243289 
_atom_sites.fract_transf_matrix[3][1]   0.00058862 
_atom_sites.fract_transf_matrix[3][2]   0.00972709 
_atom_sites.fract_transf_matrix[3][3]   -0.01662902 
_atom_sites.fract_transf_vector[1]      0.243682 
_atom_sites.fract_transf_vector[2]      0.553245 
_atom_sites.fract_transf_vector[3]      -0.003233 
# 
loop_
_atom_type.symbol 
C 
N 
O 
S 
# 
loop_
_atom_site.group_PDB 
_atom_site.id 
_atom_site.type_symbol 
_atom_site.label_atom_id 
_atom_site.label_alt_id 
_atom_site.label_comp_id 
_atom_site.label_asym_id 
_atom_site.label_entity_id 
_atom_site.label_seq_id 
_atom_site.pdbx_PDB_ins_code 
_atom_site.Cartn_x 
_atom_site.Cartn_y 
_atom_site.Cartn_z 
_atom_site.occupancy 
_atom_site.B_iso_or_equiv 
_atom_site.pdbx_formal_charge 
_atom_site.auth_seq_id 
_atom_site.auth_comp_id 
_atom_site.auth_asym_id 
_atom_site.auth_atom_id 
_atom_site.pdbx_PDB_model_num 
ATOM   1    N N   . GLN A 1 12 ? 1.336   11.861  -22.086 1.00 47.73 ? 10  GLN A N   1 
ATOM   2    C CA  . GLN A 1 12 ? 1.134   12.057  -20.622 1.00 47.26 ? 10  GLN A CA  1 
ATOM   3    C C   . GLN A 1 12 ? 2.337   11.537  -19.843 1.00 47.02 ? 10  GLN A C   1 
ATOM   4    O O   . GLN A 1 12 ? 2.781   10.403  -20.041 1.00 47.91 ? 10  GLN A O   1 
ATOM   5    C CB  . GLN A 1 12 ? -0.136  11.337  -20.167 1.00 47.00 ? 10  GLN A CB  1 
ATOM   6    N N   . LYS A 1 13 ? 2.865   12.381  -18.962 1.00 45.59 ? 11  LYS A N   1 
ATOM   7    C CA  . LYS A 1 13 ? 4.011   12.016  -18.143 1.00 43.48 ? 11  LYS A CA  1 
ATOM   8    C C   . LYS A 1 13 ? 3.497   11.623  -16.764 1.00 41.65 ? 11  LYS A C   1 
ATOM   9    O O   . LYS A 1 13 ? 2.681   12.330  -16.170 1.00 40.74 ? 11  LYS A O   1 
ATOM   10   C CB  . LYS A 1 13 ? 4.971   13.200  -18.017 1.00 43.81 ? 11  LYS A CB  1 
ATOM   11   C CG  . LYS A 1 13 ? 6.409   12.899  -18.412 1.00 44.30 ? 11  LYS A CG  1 
ATOM   12   C CD  . LYS A 1 13 ? 6.529   12.515  -19.882 1.00 44.77 ? 11  LYS A CD  1 
ATOM   13   C CE  . LYS A 1 13 ? 7.977   12.585  -20.349 1.00 45.50 ? 11  LYS A CE  1 
ATOM   14   N NZ  . LYS A 1 13 ? 8.901   11.778  -19.497 1.00 46.22 ? 11  LYS A NZ  1 
ATOM   15   N N   . ILE A 1 14 ? 3.971   10.487  -16.263 1.00 39.98 ? 12  ILE A N   1 
ATOM   16   C CA  . ILE A 1 14 ? 3.561   9.991   -14.955 1.00 37.43 ? 12  ILE A CA  1 
ATOM   17   C C   . ILE A 1 14 ? 4.709   10.129  -13.968 1.00 35.92 ? 12  ILE A C   1 
ATOM   18   O O   . ILE A 1 14 ? 5.853   9.824   -14.295 1.00 34.24 ? 12  ILE A O   1 
ATOM   19   C CB  . ILE A 1 14 ? 3.167   8.502   -15.022 1.00 38.00 ? 12  ILE A CB  1 
ATOM   20   C CG1 . ILE A 1 14 ? 2.093   8.290   -16.094 1.00 38.09 ? 12  ILE A CG1 1 
ATOM   21   C CG2 . ILE A 1 14 ? 2.685   8.027   -13.653 1.00 38.60 ? 12  ILE A CG2 1 
ATOM   22   C CD1 . ILE A 1 14 ? 0.817   9.080   -15.859 1.00 37.61 ? 12  ILE A CD1 1 
ATOM   23   N N   . VAL A 1 15 ? 4.408   10.600  -12.764 1.00 34.73 ? 13  VAL A N   1 
ATOM   24   C CA  . VAL A 1 15 ? 5.441   10.741  -11.754 1.00 34.34 ? 13  VAL A CA  1 
ATOM   25   C C   . VAL A 1 15 ? 5.625   9.397   -11.065 1.00 33.33 ? 13  VAL A C   1 
ATOM   26   O O   . VAL A 1 15 ? 4.673   8.821   -10.529 1.00 32.38 ? 13  VAL A O   1 
ATOM   27   C CB  . VAL A 1 15 ? 5.071   11.786  -10.690 1.00 35.38 ? 13  VAL A CB  1 
ATOM   28   C CG1 . VAL A 1 15 ? 6.184   11.878  -9.657  1.00 35.35 ? 13  VAL A CG1 1 
ATOM   29   C CG2 . VAL A 1 15 ? 4.847   13.139  -11.342 1.00 35.83 ? 13  VAL A CG2 1 
ATOM   30   N N   . VAL A 1 16 ? 6.852   8.894   -11.097 1.00 30.74 ? 14  VAL A N   1 
ATOM   31   C CA  . VAL A 1 16 ? 7.161   7.623   -10.474 1.00 29.28 ? 14  VAL A CA  1 
ATOM   32   C C   . VAL A 1 16 ? 8.159   7.841   -9.357  1.00 28.17 ? 14  VAL A C   1 
ATOM   33   O O   . VAL A 1 16 ? 9.204   8.460   -9.560  1.00 27.58 ? 14  VAL A O   1 
ATOM   34   C CB  . VAL A 1 16 ? 7.745   6.627   -11.497 1.00 28.89 ? 14  VAL A CB  1 
ATOM   35   C CG1 . VAL A 1 16 ? 8.179   5.341   -10.795 1.00 30.42 ? 14  VAL A CG1 1 
ATOM   36   C CG2 . VAL A 1 16 ? 6.700   6.317   -12.560 1.00 31.99 ? 14  VAL A CG2 1 
ATOM   37   N N   . HIS A 1 17 ? 7.810   7.359   -8.167  1.00 28.85 ? 15  HIS A N   1 
ATOM   38   C CA  . HIS A 1 17 ? 8.684   7.469   -7.008  1.00 27.86 ? 15  HIS A CA  1 
ATOM   39   C C   . HIS A 1 17 ? 9.198   6.081   -6.647  1.00 26.64 ? 15  HIS A C   1 
ATOM   40   O O   . HIS A 1 17 ? 8.413   5.151   -6.435  1.00 23.91 ? 15  HIS A O   1 
ATOM   41   C CB  . HIS A 1 17 ? 7.941   8.072   -5.807  1.00 30.44 ? 15  HIS A CB  1 
ATOM   42   C CG  . HIS A 1 17 ? 7.722   9.550   -5.910  1.00 32.94 ? 15  HIS A CG  1 
ATOM   43   N ND1 . HIS A 1 17 ? 7.358   10.326  -4.831  1.00 34.58 ? 15  HIS A ND1 1 
ATOM   44   C CD2 . HIS A 1 17 ? 7.818   10.395  -6.965  1.00 35.60 ? 15  HIS A CD2 1 
ATOM   45   C CE1 . HIS A 1 17 ? 7.238   11.585  -5.215  1.00 36.20 ? 15  HIS A CE1 1 
ATOM   46   N NE2 . HIS A 1 17 ? 7.513   11.654  -6.506  1.00 35.25 ? 15  HIS A NE2 1 
ATOM   47   N N   . LEU A 1 18 ? 10.520  5.941   -6.600  1.00 25.23 ? 16  LEU A N   1 
ATOM   48   C CA  . LEU A 1 18 ? 11.140  4.668   -6.263  1.00 24.63 ? 16  LEU A CA  1 
ATOM   49   C C   . LEU A 1 18 ? 11.361  4.637   -4.756  1.00 24.12 ? 16  LEU A C   1 
ATOM   50   O O   . LEU A 1 18 ? 11.995  5.528   -4.189  1.00 24.47 ? 16  LEU A O   1 
ATOM   51   C CB  . LEU A 1 18 ? 12.468  4.506   -7.010  1.00 21.50 ? 16  LEU A CB  1 
ATOM   52   C CG  . LEU A 1 18 ? 12.389  4.599   -8.538  1.00 21.84 ? 16  LEU A CG  1 
ATOM   53   C CD1 . LEU A 1 18 ? 13.787  4.542   -9.130  1.00 22.35 ? 16  LEU A CD1 1 
ATOM   54   C CD2 . LEU A 1 18 ? 11.517  3.475   -9.085  1.00 20.17 ? 16  LEU A CD2 1 
ATOM   55   N N   . ARG A 1 19 ? 10.833  3.602   -4.115  1.00 21.80 ? 17  ARG A N   1 
ATOM   56   C CA  . ARG A 1 19 ? 10.923  3.459   -2.667  1.00 20.57 ? 17  ARG A CA  1 
ATOM   57   C C   . ARG A 1 19 ? 11.633  2.176   -2.243  1.00 20.52 ? 17  ARG A C   1 
ATOM   58   O O   . ARG A 1 19 ? 11.161  1.069   -2.517  1.00 17.10 ? 17  ARG A O   1 
ATOM   59   C CB  . ARG A 1 19 ? 9.505   3.500   -2.082  1.00 23.29 ? 17  ARG A CB  1 
ATOM   60   C CG  . ARG A 1 19 ? 9.394   3.430   -0.565  1.00 25.76 ? 17  ARG A CG  1 
ATOM   61   C CD  . ARG A 1 19 ? 7.979   3.790   -0.124  1.00 28.89 ? 17  ARG A CD  1 
ATOM   62   N NE  . ARG A 1 19 ? 7.808   3.778   1.329   1.00 34.97 ? 17  ARG A NE  1 
ATOM   63   C CZ  . ARG A 1 19 ? 7.563   2.689   2.051   1.00 36.55 ? 17  ARG A CZ  1 
ATOM   64   N NH1 . ARG A 1 19 ? 7.458   1.503   1.463   1.00 39.13 ? 17  ARG A NH1 1 
ATOM   65   N NH2 . ARG A 1 19 ? 7.403   2.786   3.363   1.00 37.12 ? 17  ARG A NH2 1 
ATOM   66   N N   . ALA A 1 20 ? 12.770  2.333   -1.571  1.00 17.14 ? 18  ALA A N   1 
ATOM   67   C CA  . ALA A 1 20 ? 13.543  1.196   -1.093  1.00 17.65 ? 18  ALA A CA  1 
ATOM   68   C C   . ALA A 1 20 ? 12.861  0.562   0.123   1.00 18.98 ? 18  ALA A C   1 
ATOM   69   O O   . ALA A 1 20 ? 12.338  1.268   0.983   1.00 17.63 ? 18  ALA A O   1 
ATOM   70   C CB  . ALA A 1 20 ? 14.968  1.657   -0.703  1.00 19.80 ? 18  ALA A CB  1 
ATOM   71   N N   . THR A 1 21 ? 12.863  -0.767  0.186   1.00 18.69 ? 19  THR A N   1 
ATOM   72   C CA  . THR A 1 21 ? 12.288  -1.486  1.322   1.00 19.36 ? 19  THR A CA  1 
ATOM   73   C C   . THR A 1 21 ? 13.203  -2.658  1.626   1.00 19.76 ? 19  THR A C   1 
ATOM   74   O O   . THR A 1 21 ? 14.124  -2.940  0.861   1.00 18.91 ? 19  THR A O   1 
ATOM   75   C CB  . THR A 1 21 ? 10.856  -2.023  1.035   1.00 19.33 ? 19  THR A CB  1 
ATOM   76   O OG1 . THR A 1 21 ? 10.902  -3.026  0.014   1.00 20.58 ? 19  THR A OG1 1 
ATOM   77   C CG2 . THR A 1 21 ? 9.943   -0.891  0.588   1.00 21.08 ? 19  THR A CG2 1 
ATOM   78   N N   . GLY A 1 22 ? 12.967  -3.319  2.754   1.00 21.57 ? 20  GLY A N   1 
ATOM   79   C CA  . GLY A 1 22 ? 13.771  -4.472  3.123   1.00 21.31 ? 20  GLY A CA  1 
ATOM   80   C C   . GLY A 1 22 ? 15.268  -4.229  3.227   1.00 21.80 ? 20  GLY A C   1 
ATOM   81   O O   . GLY A 1 22 ? 16.059  -5.144  2.985   1.00 20.58 ? 20  GLY A O   1 
ATOM   82   N N   . GLY A 1 23 ? 15.654  -3.005  3.578   1.00 20.44 ? 21  GLY A N   1 
ATOM   83   C CA  . GLY A 1 23 ? 17.062  -2.666  3.717   1.00 19.84 ? 21  GLY A CA  1 
ATOM   84   C C   . GLY A 1 23 ? 17.824  -2.468  2.414   1.00 19.59 ? 21  GLY A C   1 
ATOM   85   O O   . GLY A 1 23 ? 19.056  -2.434  2.413   1.00 20.39 ? 21  GLY A O   1 
ATOM   86   N N   . ALA A 1 24 ? 17.102  -2.342  1.307   1.00 18.85 ? 22  ALA A N   1 
ATOM   87   C CA  . ALA A 1 24 ? 17.727  -2.139  0.007   1.00 19.10 ? 22  ALA A CA  1 
ATOM   88   C C   . ALA A 1 24 ? 18.367  -0.753  -0.032  1.00 20.35 ? 22  ALA A C   1 
ATOM   89   O O   . ALA A 1 24 ? 17.989  0.140   0.732   1.00 18.77 ? 22  ALA A O   1 
ATOM   90   C CB  . ALA A 1 24 ? 16.681  -2.271  -1.106  1.00 19.42 ? 22  ALA A CB  1 
ATOM   91   N N   . PRO A 1 25 ? 19.356  -0.560  -0.921  1.00 20.44 ? 23  PRO A N   1 
ATOM   92   C CA  . PRO A 1 25 ? 20.047  0.725   -1.053  1.00 20.12 ? 23  PRO A CA  1 
ATOM   93   C C   . PRO A 1 25 ? 19.099  1.850   -1.429  1.00 20.17 ? 23  PRO A C   1 
ATOM   94   O O   . PRO A 1 25 ? 18.251  1.695   -2.307  1.00 20.68 ? 23  PRO A O   1 
ATOM   95   C CB  . PRO A 1 25 ? 21.063  0.459   -2.161  1.00 21.29 ? 23  PRO A CB  1 
ATOM   96   C CG  . PRO A 1 25 ? 21.352  -0.998  -2.004  1.00 19.50 ? 23  PRO A CG  1 
ATOM   97   C CD  . PRO A 1 25 ? 19.984  -1.578  -1.779  1.00 19.59 ? 23  PRO A CD  1 
ATOM   98   N N   . ILE A 1 26 ? 19.256  2.986   -0.762  1.00 21.23 ? 24  ILE A N   1 
ATOM   99   C CA  . ILE A 1 26 ? 18.433  4.152   -1.030  1.00 21.28 ? 24  ILE A CA  1 
ATOM   100  C C   . ILE A 1 26 ? 19.079  4.918   -2.176  1.00 23.84 ? 24  ILE A C   1 
ATOM   101  O O   . ILE A 1 26 ? 20.295  5.120   -2.187  1.00 23.79 ? 24  ILE A O   1 
ATOM   102  C CB  . ILE A 1 26 ? 18.350  5.054   0.223   1.00 21.97 ? 24  ILE A CB  1 
ATOM   103  C CG1 . ILE A 1 26 ? 17.672  4.285   1.360   1.00 22.11 ? 24  ILE A CG1 1 
ATOM   104  C CG2 . ILE A 1 26 ? 17.603  6.343   -0.105  1.00 22.49 ? 24  ILE A CG2 1 
ATOM   105  C CD1 . ILE A 1 26 ? 17.681  5.011   2.690   1.00 22.70 ? 24  ILE A CD1 1 
ATOM   106  N N   . LEU A 1 27 ? 18.280  5.330   -3.152  1.00 23.08 ? 25  LEU A N   1 
ATOM   107  C CA  . LEU A 1 27 ? 18.825  6.062   -4.289  1.00 22.73 ? 25  LEU A CA  1 
ATOM   108  C C   . LEU A 1 27 ? 18.673  7.565   -4.082  1.00 23.75 ? 25  LEU A C   1 
ATOM   109  O O   . LEU A 1 27 ? 17.628  8.038   -3.640  1.00 21.62 ? 25  LEU A O   1 
ATOM   110  C CB  . LEU A 1 27 ? 18.128  5.629   -5.586  1.00 21.89 ? 25  LEU A CB  1 
ATOM   111  C CG  . LEU A 1 27 ? 18.311  4.156   -5.970  1.00 23.28 ? 25  LEU A CG  1 
ATOM   112  C CD1 . LEU A 1 27 ? 17.491  3.846   -7.217  1.00 24.47 ? 25  LEU A CD1 1 
ATOM   113  C CD2 . LEU A 1 27 ? 19.796  3.858   -6.205  1.00 25.02 ? 25  LEU A CD2 1 
ATOM   114  N N   . LYS A 1 28 ? 19.729  8.312   -4.384  1.00 23.53 ? 26  LYS A N   1 
ATOM   115  C CA  . LYS A 1 28 ? 19.687  9.758   -4.235  1.00 25.65 ? 26  LYS A CA  1 
ATOM   116  C C   . LYS A 1 28 ? 18.584  10.334  -5.117  1.00 26.07 ? 26  LYS A C   1 
ATOM   117  O O   . LYS A 1 28 ? 17.824  11.212  -4.694  1.00 26.62 ? 26  LYS A O   1 
ATOM   118  C CB  . LYS A 1 28 ? 21.037  10.367  -4.625  1.00 25.77 ? 26  LYS A CB  1 
ATOM   119  C CG  . LYS A 1 28 ? 21.028  11.877  -4.645  1.00 28.76 ? 26  LYS A CG  1 
ATOM   120  C CD  . LYS A 1 28 ? 22.395  12.449  -5.005  1.00 27.20 ? 26  LYS A CD  1 
ATOM   121  C CE  . LYS A 1 28 ? 22.325  13.966  -5.107  1.00 31.36 ? 26  LYS A CE  1 
ATOM   122  N NZ  . LYS A 1 28 ? 23.661  14.563  -5.364  1.00 32.33 ? 26  LYS A NZ  1 
ATOM   123  N N   . GLN A 1 29 ? 18.512  9.840   -6.347  1.00 26.92 ? 27  GLN A N   1 
ATOM   124  C CA  . GLN A 1 29 ? 17.500  10.286  -7.297  1.00 28.40 ? 27  GLN A CA  1 
ATOM   125  C C   . GLN A 1 29 ? 16.410  9.221   -7.310  1.00 28.56 ? 27  GLN A C   1 
ATOM   126  O O   . GLN A 1 29 ? 16.532  8.212   -8.002  1.00 28.69 ? 27  GLN A O   1 
ATOM   127  C CB  . GLN A 1 29 ? 18.112  10.434  -8.679  1.00 30.14 ? 27  GLN A CB  1 
ATOM   128  N N   . SER A 1 30 ? 15.353  9.452   -6.537  1.00 29.07 ? 28  SER A N   1 
ATOM   129  C CA  . SER A 1 30 ? 14.250  8.502   -6.428  1.00 30.60 ? 28  SER A CA  1 
ATOM   130  C C   . SER A 1 30 ? 12.956  8.961   -7.088  1.00 30.77 ? 28  SER A C   1 
ATOM   131  O O   . SER A 1 30 ? 11.978  8.216   -7.110  1.00 29.48 ? 28  SER A O   1 
ATOM   132  C CB  . SER A 1 30 ? 13.967  8.194   -4.950  1.00 31.18 ? 28  SER A CB  1 
ATOM   133  O OG  . SER A 1 30 ? 15.075  7.562   -4.324  1.00 35.58 ? 28  SER A OG  1 
ATOM   134  N N   . LYS A 1 31 ? 12.946  10.178  -7.620  1.00 32.54 ? 29  LYS A N   1 
ATOM   135  C CA  . LYS A 1 31 ? 11.748  10.716  -8.264  1.00 34.62 ? 29  LYS A CA  1 
ATOM   136  C C   . LYS A 1 31 ? 11.953  10.956  -9.754  1.00 35.12 ? 29  LYS A C   1 
ATOM   137  O O   . LYS A 1 31 ? 12.890  11.639  -10.166 1.00 34.41 ? 29  LYS A O   1 
ATOM   138  C CB  . LYS A 1 31 ? 11.332  12.019  -7.581  1.00 36.28 ? 29  LYS A CB  1 
ATOM   139  C CG  . LYS A 1 31 ? 11.141  11.875  -6.082  1.00 39.76 ? 29  LYS A CG  1 
ATOM   140  C CD  . LYS A 1 31 ? 10.770  13.195  -5.421  1.00 43.42 ? 29  LYS A CD  1 
ATOM   141  C CE  . LYS A 1 31 ? 10.605  13.026  -3.914  1.00 44.94 ? 29  LYS A CE  1 
ATOM   142  N NZ  . LYS A 1 31 ? 10.095  14.259  -3.258  1.00 47.46 ? 29  LYS A NZ  1 
ATOM   143  N N   . PHE A 1 32 ? 11.072  10.381  -10.565 1.00 35.73 ? 30  PHE A N   1 
ATOM   144  C CA  . PHE A 1 32 ? 11.163  10.534  -12.011 1.00 35.75 ? 30  PHE A CA  1 
ATOM   145  C C   . PHE A 1 32 ? 9.815   10.815  -12.651 1.00 36.28 ? 30  PHE A C   1 
ATOM   146  O O   . PHE A 1 32 ? 8.765   10.650  -12.033 1.00 36.85 ? 30  PHE A O   1 
ATOM   147  C CB  . PHE A 1 32 ? 11.740  9.268   -12.655 1.00 36.85 ? 30  PHE A CB  1 
ATOM   148  C CG  . PHE A 1 32 ? 13.106  8.903   -12.159 1.00 36.97 ? 30  PHE A CG  1 
ATOM   149  C CD1 . PHE A 1 32 ? 13.285  8.391   -10.875 1.00 36.64 ? 30  PHE A CD1 1 
ATOM   150  C CD2 . PHE A 1 32 ? 14.221  9.094   -12.967 1.00 36.99 ? 30  PHE A CD2 1 
ATOM   151  C CE1 . PHE A 1 32 ? 14.557  8.080   -10.402 1.00 36.54 ? 30  PHE A CE1 1 
ATOM   152  C CE2 . PHE A 1 32 ? 15.497  8.787   -12.506 1.00 36.95 ? 30  PHE A CE2 1 
ATOM   153  C CZ  . PHE A 1 32 ? 15.665  8.278   -11.216 1.00 36.86 ? 30  PHE A CZ  1 
ATOM   154  N N   . LYS A 1 33 ? 9.875   11.246  -13.903 1.00 36.96 ? 31  LYS A N   1 
ATOM   155  C CA  . LYS A 1 33 ? 8.694   11.526  -14.703 1.00 38.47 ? 31  LYS A CA  1 
ATOM   156  C C   . LYS A 1 33 ? 8.920   10.672  -15.937 1.00 39.55 ? 31  LYS A C   1 
ATOM   157  O O   . LYS A 1 33 ? 9.987   10.738  -16.549 1.00 40.90 ? 31  LYS A O   1 
ATOM   158  C CB  . LYS A 1 33 ? 8.632   13.008  -15.076 1.00 37.97 ? 31  LYS A CB  1 
ATOM   159  N N   . VAL A 1 34 ? 7.942   9.845   -16.285 1.00 38.84 ? 32  VAL A N   1 
ATOM   160  C CA  . VAL A 1 34 ? 8.091   8.987   -17.450 1.00 39.10 ? 32  VAL A CA  1 
ATOM   161  C C   . VAL A 1 34 ? 6.800   8.933   -18.252 1.00 38.46 ? 32  VAL A C   1 
ATOM   162  O O   . VAL A 1 34 ? 5.712   9.150   -17.716 1.00 40.62 ? 32  VAL A O   1 
ATOM   163  C CB  . VAL A 1 34 ? 8.507   7.560   -17.030 1.00 40.30 ? 32  VAL A CB  1 
ATOM   164  C CG1 . VAL A 1 34 ? 7.426   6.934   -16.181 1.00 40.50 ? 32  VAL A CG1 1 
ATOM   165  C CG2 . VAL A 1 34 ? 8.783   6.713   -18.251 1.00 41.94 ? 32  VAL A CG2 1 
ATOM   166  N N   . SER A 1 35 ? 6.931   8.657   -19.544 1.00 38.41 ? 33  SER A N   1 
ATOM   167  C CA  . SER A 1 35 ? 5.781   8.577   -20.429 1.00 38.48 ? 33  SER A CA  1 
ATOM   168  C C   . SER A 1 35 ? 4.873   7.437   -19.999 1.00 37.52 ? 33  SER A C   1 
ATOM   169  O O   . SER A 1 35 ? 5.343   6.328   -19.737 1.00 37.71 ? 33  SER A O   1 
ATOM   170  C CB  . SER A 1 35 ? 6.246   8.346   -21.862 1.00 39.72 ? 33  SER A CB  1 
ATOM   171  O OG  . SER A 1 35 ? 7.170   9.343   -22.264 1.00 41.27 ? 33  SER A OG  1 
ATOM   172  N N   . GLY A 1 36 ? 3.575   7.714   -19.929 1.00 36.62 ? 34  GLY A N   1 
ATOM   173  C CA  . GLY A 1 36 ? 2.621   6.693   -19.538 1.00 34.60 ? 34  GLY A CA  1 
ATOM   174  C C   . GLY A 1 36 ? 2.660   5.476   -20.449 1.00 33.99 ? 34  GLY A C   1 
ATOM   175  O O   . GLY A 1 36 ? 2.394   4.357   -20.011 1.00 31.69 ? 34  GLY A O   1 
ATOM   176  N N   . SER A 1 37 ? 3.007   5.691   -21.716 1.00 34.56 ? 35  SER A N   1 
ATOM   177  C CA  . SER A 1 37 ? 3.071   4.605   -22.690 1.00 35.51 ? 35  SER A CA  1 
ATOM   178  C C   . SER A 1 37 ? 4.276   3.681   -22.493 1.00 35.26 ? 35  SER A C   1 
ATOM   179  O O   . SER A 1 37 ? 4.328   2.589   -23.062 1.00 34.17 ? 35  SER A O   1 
ATOM   180  C CB  . SER A 1 37 ? 3.086   5.183   -24.108 1.00 37.14 ? 35  SER A CB  1 
ATOM   181  O OG  . SER A 1 37 ? 4.217   6.010   -24.310 1.00 38.56 ? 35  SER A OG  1 
ATOM   182  N N   . ASP A 1 38 ? 5.248   4.119   -21.696 1.00 35.20 ? 36  ASP A N   1 
ATOM   183  C CA  . ASP A 1 38 ? 6.432   3.309   -21.433 1.00 34.66 ? 36  ASP A CA  1 
ATOM   184  C C   . ASP A 1 38 ? 6.056   1.998   -20.748 1.00 33.42 ? 36  ASP A C   1 
ATOM   185  O O   . ASP A 1 38 ? 5.149   1.958   -19.916 1.00 31.03 ? 36  ASP A O   1 
ATOM   186  C CB  . ASP A 1 38 ? 7.419   4.077   -20.547 1.00 37.66 ? 36  ASP A CB  1 
ATOM   187  C CG  . ASP A 1 38 ? 8.336   4.989   -21.346 1.00 40.53 ? 36  ASP A CG  1 
ATOM   188  O OD1 . ASP A 1 38 ? 7.970   5.363   -22.478 1.00 41.70 ? 36  ASP A OD1 1 
ATOM   189  O OD2 . ASP A 1 38 ? 9.423   5.338   -20.836 1.00 42.10 ? 36  ASP A OD2 1 
ATOM   190  N N   . LYS A 1 39 ? 6.755   0.927   -21.110 1.00 32.06 ? 37  LYS A N   1 
ATOM   191  C CA  . LYS A 1 39 ? 6.507   -0.380  -20.513 1.00 32.14 ? 37  LYS A CA  1 
ATOM   192  C C   . LYS A 1 39 ? 7.219   -0.440  -19.162 1.00 30.98 ? 37  LYS A C   1 
ATOM   193  O O   . LYS A 1 39 ? 8.318   0.102   -19.003 1.00 30.78 ? 37  LYS A O   1 
ATOM   194  C CB  . LYS A 1 39 ? 7.016   -1.489  -21.435 1.00 33.74 ? 37  LYS A CB  1 
ATOM   195  C CG  . LYS A 1 39 ? 6.233   -1.610  -22.739 1.00 37.38 ? 37  LYS A CG  1 
ATOM   196  C CD  . LYS A 1 39 ? 4.762   -1.905  -22.480 1.00 39.81 ? 37  LYS A CD  1 
ATOM   197  C CE  . LYS A 1 39 ? 3.999   -2.158  -23.775 1.00 42.38 ? 37  LYS A CE  1 
ATOM   198  N NZ  . LYS A 1 39 ? 3.957   -0.965  -24.662 1.00 44.89 ? 37  LYS A NZ  1 
ATOM   199  N N   . PHE A 1 40 ? 6.592   -1.095  -18.192 1.00 27.85 ? 38  PHE A N   1 
ATOM   200  C CA  . PHE A 1 40 ? 7.165   -1.190  -16.856 1.00 26.91 ? 38  PHE A CA  1 
ATOM   201  C C   . PHE A 1 40 ? 8.555   -1.811  -16.888 1.00 26.25 ? 38  PHE A C   1 
ATOM   202  O O   . PHE A 1 40 ? 9.320   -1.689  -15.932 1.00 25.89 ? 38  PHE A O   1 
ATOM   203  C CB  . PHE A 1 40 ? 6.245   -1.998  -15.938 1.00 26.29 ? 38  PHE A CB  1 
ATOM   204  C CG  . PHE A 1 40 ? 6.542   -1.815  -14.479 1.00 24.70 ? 38  PHE A CG  1 
ATOM   205  C CD1 . PHE A 1 40 ? 6.375   -0.572  -13.876 1.00 26.49 ? 38  PHE A CD1 1 
ATOM   206  C CD2 . PHE A 1 40 ? 7.004   -2.879  -13.710 1.00 23.19 ? 38  PHE A CD2 1 
ATOM   207  C CE1 . PHE A 1 40 ? 6.666   -0.387  -12.522 1.00 25.21 ? 38  PHE A CE1 1 
ATOM   208  C CE2 . PHE A 1 40 ? 7.300   -2.708  -12.362 1.00 25.33 ? 38  PHE A CE2 1 
ATOM   209  C CZ  . PHE A 1 40 ? 7.131   -1.457  -11.765 1.00 25.44 ? 38  PHE A CZ  1 
ATOM   210  N N   . ALA A 1 41 ? 8.880   -2.472  -17.996 1.00 24.31 ? 39  ALA A N   1 
ATOM   211  C CA  . ALA A 1 41 ? 10.188  -3.091  -18.152 1.00 25.50 ? 39  ALA A CA  1 
ATOM   212  C C   . ALA A 1 41 ? 11.273  -2.028  -17.984 1.00 26.09 ? 39  ALA A C   1 
ATOM   213  O O   . ALA A 1 41 ? 12.374  -2.317  -17.515 1.00 25.94 ? 39  ALA A O   1 
ATOM   214  C CB  . ALA A 1 41 ? 10.297  -3.739  -19.528 1.00 26.65 ? 39  ALA A CB  1 
ATOM   215  N N   . ASN A 1 42 ? 10.952  -0.796  -18.364 1.00 25.87 ? 40  ASN A N   1 
ATOM   216  C CA  . ASN A 1 42 ? 11.903  0.304   -18.263 1.00 27.72 ? 40  ASN A CA  1 
ATOM   217  C C   . ASN A 1 42 ? 12.263  0.606   -16.820 1.00 26.76 ? 40  ASN A C   1 
ATOM   218  O O   . ASN A 1 42 ? 13.422  0.880   -16.502 1.00 25.30 ? 40  ASN A O   1 
ATOM   219  C CB  . ASN A 1 42 ? 11.332  1.555   -18.926 1.00 30.22 ? 40  ASN A CB  1 
ATOM   220  C CG  . ASN A 1 42 ? 11.226  1.414   -20.431 1.00 34.11 ? 40  ASN A CG  1 
ATOM   221  O OD1 . ASN A 1 42 ? 10.715  2.302   -21.112 1.00 39.56 ? 40  ASN A OD1 1 
ATOM   222  N ND2 . ASN A 1 42 ? 11.711  0.294   -20.959 1.00 34.26 ? 40  ASN A ND2 1 
ATOM   223  N N   . VAL A 1 43 ? 11.262  0.560   -15.948 1.00 25.80 ? 41  VAL A N   1 
ATOM   224  C CA  . VAL A 1 43 ? 11.480  0.824   -14.534 1.00 24.59 ? 41  VAL A CA  1 
ATOM   225  C C   . VAL A 1 43 ? 12.287  -0.310  -13.913 1.00 23.84 ? 41  VAL A C   1 
ATOM   226  O O   . VAL A 1 43 ? 13.226  -0.074  -13.152 1.00 23.91 ? 41  VAL A O   1 
ATOM   227  C CB  . VAL A 1 43 ? 10.141  0.963   -13.784 1.00 23.99 ? 41  VAL A CB  1 
ATOM   228  C CG1 . VAL A 1 43 ? 10.398  1.227   -12.314 1.00 24.60 ? 41  VAL A CG1 1 
ATOM   229  C CG2 . VAL A 1 43 ? 9.326   2.099   -14.387 1.00 24.80 ? 41  VAL A CG2 1 
ATOM   230  N N   . ILE A 1 44 ? 11.915  -1.541  -14.246 1.00 23.73 ? 42  ILE A N   1 
ATOM   231  C CA  . ILE A 1 44 ? 12.608  -2.715  -13.738 1.00 23.52 ? 42  ILE A CA  1 
ATOM   232  C C   . ILE A 1 44 ? 14.079  -2.654  -14.144 1.00 23.60 ? 42  ILE A C   1 
ATOM   233  O O   . ILE A 1 44 ? 14.973  -2.891  -13.326 1.00 21.64 ? 42  ILE A O   1 
ATOM   234  C CB  . ILE A 1 44 ? 11.994  -4.015  -14.310 1.00 24.20 ? 42  ILE A CB  1 
ATOM   235  C CG1 . ILE A 1 44 ? 10.544  -4.166  -13.835 1.00 25.32 ? 42  ILE A CG1 1 
ATOM   236  C CG2 . ILE A 1 44 ? 12.831  -5.216  -13.889 1.00 22.99 ? 42  ILE A CG2 1 
ATOM   237  C CD1 . ILE A 1 44 ? 9.840   -5.385  -14.431 1.00 24.71 ? 42  ILE A CD1 1 
ATOM   238  N N   . ASP A 1 45 ? 14.318  -2.330  -15.414 1.00 23.73 ? 43  ASP A N   1 
ATOM   239  C CA  . ASP A 1 45 ? 15.677  -2.258  -15.941 1.00 23.46 ? 43  ASP A CA  1 
ATOM   240  C C   . ASP A 1 45 ? 16.502  -1.138  -15.311 1.00 22.56 ? 43  ASP A C   1 
ATOM   241  O O   . ASP A 1 45 ? 17.702  -1.295  -15.094 1.00 21.43 ? 43  ASP A O   1 
ATOM   242  C CB  . ASP A 1 45 ? 15.652  -2.085  -17.456 1.00 27.47 ? 43  ASP A CB  1 
ATOM   243  C CG  . ASP A 1 45 ? 17.023  -2.233  -18.070 1.00 32.65 ? 43  ASP A CG  1 
ATOM   244  O OD1 . ASP A 1 45 ? 17.632  -3.315  -17.905 1.00 34.31 ? 43  ASP A OD1 1 
ATOM   245  O OD2 . ASP A 1 45 ? 17.495  -1.271  -18.708 1.00 35.52 ? 43  ASP A OD2 1 
ATOM   246  N N   . PHE A 1 46 ? 15.864  -0.009  -15.018 1.00 20.74 ? 44  PHE A N   1 
ATOM   247  C CA  . PHE A 1 46 ? 16.568  1.106   -14.390 1.00 21.56 ? 44  PHE A CA  1 
ATOM   248  C C   . PHE A 1 46 ? 17.079  0.688   -13.012 1.00 22.77 ? 44  PHE A C   1 
ATOM   249  O O   . PHE A 1 46 ? 18.239  0.923   -12.673 1.00 23.40 ? 44  PHE A O   1 
ATOM   250  C CB  . PHE A 1 46 ? 15.642  2.317   -14.240 1.00 22.16 ? 44  PHE A CB  1 
ATOM   251  C CG  . PHE A 1 46 ? 16.279  3.479   -13.525 1.00 22.54 ? 44  PHE A CG  1 
ATOM   252  C CD1 . PHE A 1 46 ? 17.182  4.310   -14.182 1.00 24.75 ? 44  PHE A CD1 1 
ATOM   253  C CD2 . PHE A 1 46 ? 15.997  3.725   -12.186 1.00 23.61 ? 44  PHE A CD2 1 
ATOM   254  C CE1 . PHE A 1 46 ? 17.795  5.371   -13.512 1.00 24.67 ? 44  PHE A CE1 1 
ATOM   255  C CE2 . PHE A 1 46 ? 16.604  4.778   -11.507 1.00 26.33 ? 44  PHE A CE2 1 
ATOM   256  C CZ  . PHE A 1 46 ? 17.505  5.603   -12.172 1.00 24.51 ? 44  PHE A CZ  1 
ATOM   257  N N   . LEU A 1 47 ? 16.209  0.064   -12.217 1.00 21.56 ? 45  LEU A N   1 
ATOM   258  C CA  . LEU A 1 47 ? 16.585  -0.379  -10.876 1.00 22.48 ? 45  LEU A CA  1 
ATOM   259  C C   . LEU A 1 47 ? 17.646  -1.462  -10.919 1.00 22.32 ? 45  LEU A C   1 
ATOM   260  O O   . LEU A 1 47 ? 18.569  -1.468  -10.106 1.00 23.63 ? 45  LEU A O   1 
ATOM   261  C CB  . LEU A 1 47 ? 15.361  -0.902  -10.122 1.00 21.33 ? 45  LEU A CB  1 
ATOM   262  C CG  . LEU A 1 47 ? 14.379  0.184   -9.686  1.00 23.12 ? 45  LEU A CG  1 
ATOM   263  C CD1 . LEU A 1 47 ? 13.096  -0.470  -9.183  1.00 20.77 ? 45  LEU A CD1 1 
ATOM   264  C CD2 . LEU A 1 47 ? 15.018  1.043   -8.601  1.00 23.18 ? 45  LEU A CD2 1 
ATOM   265  N N   . ARG A 1 48 ? 17.503  -2.386  -11.861 1.00 22.84 ? 46  ARG A N   1 
ATOM   266  C CA  . ARG A 1 48 ? 18.470  -3.469  -12.003 1.00 24.38 ? 46  ARG A CA  1 
ATOM   267  C C   . ARG A 1 48 ? 19.859  -2.883  -12.246 1.00 24.71 ? 46  ARG A C   1 
ATOM   268  O O   . ARG A 1 48 ? 20.853  -3.391  -11.731 1.00 23.84 ? 46  ARG A O   1 
ATOM   269  C CB  . ARG A 1 48 ? 18.073  -4.389  -13.163 1.00 24.28 ? 46  ARG A CB  1 
ATOM   270  N N   . ARG A 1 49 ? 19.917  -1.806  -13.024 1.00 25.02 ? 47  ARG A N   1 
ATOM   271  C CA  . ARG A 1 49 ? 21.188  -1.152  -13.333 1.00 27.16 ? 47  ARG A CA  1 
ATOM   272  C C   . ARG A 1 49 ? 21.733  -0.349  -12.156 1.00 26.50 ? 47  ARG A C   1 
ATOM   273  O O   . ARG A 1 49 ? 22.933  -0.368  -11.884 1.00 25.76 ? 47  ARG A O   1 
ATOM   274  C CB  . ARG A 1 49 ? 21.036  -0.223  -14.545 1.00 29.93 ? 47  ARG A CB  1 
ATOM   275  C CG  . ARG A 1 49 ? 20.671  -0.940  -15.834 1.00 34.51 ? 47  ARG A CG  1 
ATOM   276  C CD  . ARG A 1 49 ? 20.851  -0.045  -17.061 1.00 39.30 ? 47  ARG A CD  1 
ATOM   277  N NE  . ARG A 1 49 ? 19.585  0.423   -17.625 1.00 42.50 ? 47  ARG A NE  1 
ATOM   278  C CZ  . ARG A 1 49 ? 18.956  1.538   -17.266 1.00 43.14 ? 47  ARG A CZ  1 
ATOM   279  N NH1 . ARG A 1 49 ? 19.467  2.329   -16.333 1.00 45.45 ? 47  ARG A NH1 1 
ATOM   280  N NH2 . ARG A 1 49 ? 17.808  1.863   -17.845 1.00 43.19 ? 47  ARG A NH2 1 
ATOM   281  N N   . GLN A 1 50 ? 20.851  0.358   -11.460 1.00 24.87 ? 48  GLN A N   1 
ATOM   282  C CA  . GLN A 1 50 ? 21.268  1.172   -10.326 1.00 24.15 ? 48  GLN A CA  1 
ATOM   283  C C   . GLN A 1 50 ? 21.761  0.348   -9.149  1.00 25.16 ? 48  GLN A C   1 
ATOM   284  O O   . GLN A 1 50 ? 22.695  0.749   -8.450  1.00 22.84 ? 48  GLN A O   1 
ATOM   285  C CB  . GLN A 1 50 ? 20.114  2.063   -9.858  1.00 26.57 ? 48  GLN A CB  1 
ATOM   286  C CG  . GLN A 1 50 ? 19.719  3.116   -10.865 1.00 30.41 ? 48  GLN A CG  1 
ATOM   287  C CD  . GLN A 1 50 ? 20.866  4.043   -11.204 1.00 35.60 ? 48  GLN A CD  1 
ATOM   288  O OE1 . GLN A 1 50 ? 21.298  4.843   -10.376 1.00 39.68 ? 48  GLN A OE1 1 
ATOM   289  N NE2 . GLN A 1 50 ? 21.374  3.933   -12.423 1.00 38.79 ? 48  GLN A NE2 1 
ATOM   290  N N   . LEU A 1 51 ? 21.123  -0.798  -8.925  1.00 23.65 ? 49  LEU A N   1 
ATOM   291  C CA  . LEU A 1 51 ? 21.491  -1.661  -7.813  1.00 23.66 ? 49  LEU A CA  1 
ATOM   292  C C   . LEU A 1 51 ? 22.417  -2.806  -8.207  1.00 24.00 ? 49  LEU A C   1 
ATOM   293  O O   . LEU A 1 51 ? 22.881  -3.542  -7.344  1.00 23.51 ? 49  LEU A O   1 
ATOM   294  C CB  . LEU A 1 51 ? 20.232  -2.225  -7.151  1.00 23.75 ? 49  LEU A CB  1 
ATOM   295  C CG  . LEU A 1 51 ? 19.244  -1.193  -6.608  1.00 25.50 ? 49  LEU A CG  1 
ATOM   296  C CD1 . LEU A 1 51 ? 18.027  -1.918  -6.057  1.00 25.98 ? 49  LEU A CD1 1 
ATOM   297  C CD2 . LEU A 1 51 ? 19.906  -0.351  -5.521  1.00 25.34 ? 49  LEU A CD2 1 
ATOM   298  N N   . HIS A 1 52 ? 22.682  -2.957  -9.502  1.00 24.64 ? 50  HIS A N   1 
ATOM   299  C CA  . HIS A 1 52 ? 23.566  -4.013  -9.987  1.00 25.81 ? 50  HIS A CA  1 
ATOM   300  C C   . HIS A 1 52 ? 23.083  -5.421  -9.623  1.00 27.64 ? 50  HIS A C   1 
ATOM   301  O O   . HIS A 1 52 ? 23.845  -6.251  -9.120  1.00 25.79 ? 50  HIS A O   1 
ATOM   302  C CB  . HIS A 1 52 ? 24.977  -3.778  -9.443  1.00 27.17 ? 50  HIS A CB  1 
ATOM   303  C CG  . HIS A 1 52 ? 25.588  -2.486  -9.893  1.00 28.41 ? 50  HIS A CG  1 
ATOM   304  N ND1 . HIS A 1 52 ? 25.987  -2.264  -11.195 1.00 30.57 ? 50  HIS A ND1 1 
ATOM   305  C CD2 . HIS A 1 52 ? 25.865  -1.345  -9.216  1.00 29.66 ? 50  HIS A CD2 1 
ATOM   306  C CE1 . HIS A 1 52 ? 26.486  -1.044  -11.299 1.00 29.13 ? 50  HIS A CE1 1 
ATOM   307  N NE2 . HIS A 1 52 ? 26.424  -0.466  -10.114 1.00 30.32 ? 50  HIS A NE2 1 
ATOM   308  N N   . SER A 1 53 ? 21.807  -5.684  -9.892  1.00 29.19 ? 51  SER A N   1 
ATOM   309  C CA  . SER A 1 53 ? 21.219  -6.988  -9.608  1.00 30.15 ? 51  SER A CA  1 
ATOM   310  C C   . SER A 1 53 ? 20.191  -7.384  -10.661 1.00 31.08 ? 51  SER A C   1 
ATOM   311  O O   . SER A 1 53 ? 19.439  -6.543  -11.151 1.00 30.45 ? 51  SER A O   1 
ATOM   312  C CB  . SER A 1 53 ? 20.550  -6.985  -8.230  1.00 31.89 ? 51  SER A CB  1 
ATOM   313  O OG  . SER A 1 53 ? 19.816  -8.184  -8.020  1.00 32.78 ? 51  SER A OG  1 
ATOM   314  N N   . ASP A 1 54 ? 20.157  -8.670  -10.998 1.00 31.23 ? 52  ASP A N   1 
ATOM   315  C CA  . ASP A 1 54 ? 19.205  -9.177  -11.978 1.00 32.42 ? 52  ASP A CA  1 
ATOM   316  C C   . ASP A 1 54 ? 18.020  -9.858  -11.309 1.00 31.76 ? 52  ASP A C   1 
ATOM   317  O O   . ASP A 1 54 ? 17.134  -10.374 -11.994 1.00 33.52 ? 52  ASP A O   1 
ATOM   318  C CB  . ASP A 1 54 ? 19.880  -10.180 -12.918 1.00 34.53 ? 52  ASP A CB  1 
ATOM   319  C CG  . ASP A 1 54 ? 20.774  -9.511  -13.936 1.00 38.05 ? 52  ASP A CG  1 
ATOM   320  O OD1 . ASP A 1 54 ? 20.281  -8.609  -14.643 1.00 40.55 ? 52  ASP A OD1 1 
ATOM   321  O OD2 . ASP A 1 54 ? 21.959  -9.889  -14.034 1.00 38.30 ? 52  ASP A OD2 1 
ATOM   322  N N   . SER A 1 55 ? 17.994  -9.858  -9.979  1.00 28.66 ? 53  SER A N   1 
ATOM   323  C CA  . SER A 1 55 ? 16.920  -10.520 -9.251  1.00 27.94 ? 53  SER A CA  1 
ATOM   324  C C   . SER A 1 55 ? 16.271  -9.664  -8.167  1.00 27.63 ? 53  SER A C   1 
ATOM   325  O O   . SER A 1 55 ? 16.039  -10.123 -7.045  1.00 29.45 ? 53  SER A O   1 
ATOM   326  C CB  . SER A 1 55 ? 17.447  -11.819 -8.641  1.00 29.52 ? 53  SER A CB  1 
ATOM   327  O OG  . SER A 1 55 ? 17.923  -12.690 -9.655  1.00 31.77 ? 53  SER A OG  1 
ATOM   328  N N   . LEU A 1 56 ? 15.962  -8.425  -8.515  1.00 22.82 ? 54  LEU A N   1 
ATOM   329  C CA  . LEU A 1 56 ? 15.329  -7.508  -7.577  1.00 24.51 ? 54  LEU A CA  1 
ATOM   330  C C   . LEU A 1 56 ? 13.827  -7.721  -7.487  1.00 23.23 ? 54  LEU A C   1 
ATOM   331  O O   . LEU A 1 56 ? 13.196  -8.197  -8.429  1.00 23.70 ? 54  LEU A O   1 
ATOM   332  C CB  . LEU A 1 56 ? 15.552  -6.063  -8.017  1.00 25.55 ? 54  LEU A CB  1 
ATOM   333  C CG  . LEU A 1 56 ? 16.931  -5.424  -7.928  1.00 28.53 ? 54  LEU A CG  1 
ATOM   334  C CD1 . LEU A 1 56 ? 16.854  -4.022  -8.529  1.00 30.27 ? 54  LEU A CD1 1 
ATOM   335  C CD2 . LEU A 1 56 ? 17.374  -5.367  -6.474  1.00 28.89 ? 54  LEU A CD2 1 
ATOM   336  N N   . PHE A 1 57 ? 13.262  -7.352  -6.343  1.00 20.87 ? 55  PHE A N   1 
ATOM   337  C CA  . PHE A 1 57 ? 11.820  -7.419  -6.144  1.00 22.79 ? 55  PHE A CA  1 
ATOM   338  C C   . PHE A 1 57 ? 11.371  -5.992  -6.426  1.00 21.18 ? 55  PHE A C   1 
ATOM   339  O O   . PHE A 1 57 ? 11.845  -5.050  -5.783  1.00 20.60 ? 55  PHE A O   1 
ATOM   340  C CB  . PHE A 1 57 ? 11.464  -7.774  -4.699  1.00 24.40 ? 55  PHE A CB  1 
ATOM   341  C CG  . PHE A 1 57 ? 11.829  -9.164  -4.312  1.00 27.64 ? 55  PHE A CG  1 
ATOM   342  C CD1 . PHE A 1 57 ? 13.045  -9.439  -3.700  1.00 27.94 ? 55  PHE A CD1 1 
ATOM   343  C CD2 . PHE A 1 57 ? 10.958  -10.216 -4.582  1.00 30.26 ? 55  PHE A CD2 1 
ATOM   344  C CE1 . PHE A 1 57 ? 13.392  -10.744 -3.356  1.00 29.47 ? 55  PHE A CE1 1 
ATOM   345  C CE2 . PHE A 1 57 ? 11.294  -11.525 -4.242  1.00 31.06 ? 55  PHE A CE2 1 
ATOM   346  C CZ  . PHE A 1 57 ? 12.513  -11.790 -3.629  1.00 30.45 ? 55  PHE A CZ  1 
ATOM   347  N N   . VAL A 1 58 ? 10.484  -5.834  -7.398  1.00 19.16 ? 56  VAL A N   1 
ATOM   348  C CA  . VAL A 1 58 ? 9.975   -4.524  -7.775  1.00 19.99 ? 56  VAL A CA  1 
ATOM   349  C C   . VAL A 1 58 ? 8.470   -4.675  -7.773  1.00 21.32 ? 56  VAL A C   1 
ATOM   350  O O   . VAL A 1 58 ? 7.905   -5.343  -8.640  1.00 22.14 ? 56  VAL A O   1 
ATOM   351  C CB  . VAL A 1 58 ? 10.461  -4.126  -9.177  1.00 20.32 ? 56  VAL A CB  1 
ATOM   352  C CG1 . VAL A 1 58 ? 9.940   -2.757  -9.540  1.00 19.13 ? 56  VAL A CG1 1 
ATOM   353  C CG2 . VAL A 1 58 ? 11.982  -4.154  -9.220  1.00 21.95 ? 56  VAL A CG2 1 
ATOM   354  N N   . TYR A 1 59 ? 7.814   -4.049  -6.802  1.00 21.03 ? 57  TYR A N   1 
ATOM   355  C CA  . TYR A 1 59 ? 6.374   -4.209  -6.678  1.00 19.14 ? 57  TYR A CA  1 
ATOM   356  C C   . TYR A 1 59 ? 5.581   -2.947  -6.354  1.00 20.05 ? 57  TYR A C   1 
ATOM   357  O O   . TYR A 1 59 ? 6.133   -1.931  -5.946  1.00 17.33 ? 57  TYR A O   1 
ATOM   358  C CB  . TYR A 1 59 ? 6.113   -5.267  -5.615  1.00 19.96 ? 57  TYR A CB  1 
ATOM   359  C CG  . TYR A 1 59 ? 6.690   -4.922  -4.259  1.00 23.07 ? 57  TYR A CG  1 
ATOM   360  C CD1 . TYR A 1 59 ? 5.883   -4.387  -3.258  1.00 23.89 ? 57  TYR A CD1 1 
ATOM   361  C CD2 . TYR A 1 59 ? 8.040   -5.140  -3.971  1.00 23.74 ? 57  TYR A CD2 1 
ATOM   362  C CE1 . TYR A 1 59 ? 6.398   -4.078  -2.001  1.00 24.51 ? 57  TYR A CE1 1 
ATOM   363  C CE2 . TYR A 1 59 ? 8.567   -4.834  -2.713  1.00 23.66 ? 57  TYR A CE2 1 
ATOM   364  C CZ  . TYR A 1 59 ? 7.732   -4.304  -1.732  1.00 23.62 ? 57  TYR A CZ  1 
ATOM   365  O OH  . TYR A 1 59 ? 8.223   -4.012  -0.479  1.00 24.78 ? 57  TYR A OH  1 
ATOM   366  N N   . VAL A 1 60 ? 4.268   -3.044  -6.530  1.00 18.64 ? 58  VAL A N   1 
ATOM   367  C CA  . VAL A 1 60 ? 3.359   -1.939  -6.272  1.00 18.40 ? 58  VAL A CA  1 
ATOM   368  C C   . VAL A 1 60 ? 2.332   -2.403  -5.245  1.00 19.61 ? 58  VAL A C   1 
ATOM   369  O O   . VAL A 1 60 ? 1.980   -3.583  -5.201  1.00 18.80 ? 58  VAL A O   1 
ATOM   370  C CB  . VAL A 1 60 ? 2.650   -1.523  -7.576  1.00 21.40 ? 58  VAL A CB  1 
ATOM   371  C CG1 . VAL A 1 60 ? 1.578   -0.482  -7.296  1.00 22.41 ? 58  VAL A CG1 1 
ATOM   372  C CG2 . VAL A 1 60 ? 3.678   -0.971  -8.553  1.00 21.09 ? 58  VAL A CG2 1 
ATOM   373  N N   . ASN A 1 61 ? 1.866   -1.485  -4.405  1.00 18.56 ? 59  ASN A N   1 
ATOM   374  C CA  . ASN A 1 61 ? 0.880   -1.853  -3.406  1.00 20.24 ? 59  ASN A CA  1 
ATOM   375  C C   . ASN A 1 61 ? -0.490  -1.935  -4.076  1.00 21.69 ? 59  ASN A C   1 
ATOM   376  O O   . ASN A 1 61 ? -0.764  -1.241  -5.055  1.00 19.83 ? 59  ASN A O   1 
ATOM   377  C CB  . ASN A 1 61 ? 0.883   -0.839  -2.257  1.00 23.34 ? 59  ASN A CB  1 
ATOM   378  C CG  . ASN A 1 61 ? 2.185   -0.858  -1.473  1.00 25.77 ? 59  ASN A CG  1 
ATOM   379  O OD1 . ASN A 1 61 ? 2.893   0.146   -1.400  1.00 30.83 ? 59  ASN A OD1 1 
ATOM   380  N ND2 . ASN A 1 61 ? 2.511   -2.009  -0.891  1.00 28.37 ? 59  ASN A ND2 1 
ATOM   381  N N   . SER A 1 62 ? -1.328  -2.822  -3.558  1.00 22.23 ? 60  SER A N   1 
ATOM   382  C CA  . SER A 1 62 ? -2.671  -3.033  -4.080  1.00 24.51 ? 60  SER A CA  1 
ATOM   383  C C   . SER A 1 62 ? -3.618  -3.067  -2.886  1.00 23.60 ? 60  SER A C   1 
ATOM   384  O O   . SER A 1 62 ? -3.412  -3.833  -1.952  1.00 27.30 ? 60  SER A O   1 
ATOM   385  C CB  . SER A 1 62 ? -2.730  -4.372  -4.827  1.00 25.28 ? 60  SER A CB  1 
ATOM   386  O OG  . SER A 1 62 ? -4.031  -4.627  -5.315  1.00 30.10 ? 60  SER A OG  1 
ATOM   387  N N   . ALA A 1 63 ? -4.653  -2.235  -2.911  1.00 22.73 ? 61  ALA A N   1 
ATOM   388  C CA  . ALA A 1 63 ? -5.608  -2.196  -1.812  1.00 22.16 ? 61  ALA A CA  1 
ATOM   389  C C   . ALA A 1 63 ? -6.730  -3.215  -1.973  1.00 22.63 ? 61  ALA A C   1 
ATOM   390  O O   . ALA A 1 63 ? -7.182  -3.488  -3.086  1.00 20.68 ? 61  ALA A O   1 
ATOM   391  C CB  . ALA A 1 63 ? -6.206  -0.798  -1.699  1.00 23.85 ? 61  ALA A CB  1 
ATOM   392  N N   . PHE A 1 64 ? -7.178  -3.775  -0.855  1.00 19.78 ? 62  PHE A N   1 
ATOM   393  C CA  . PHE A 1 64 ? -8.272  -4.732  -0.881  1.00 20.70 ? 62  PHE A CA  1 
ATOM   394  C C   . PHE A 1 64 ? -8.998  -4.633  0.455   1.00 20.59 ? 62  PHE A C   1 
ATOM   395  O O   . PHE A 1 64 ? -8.406  -4.231  1.458   1.00 20.58 ? 62  PHE A O   1 
ATOM   396  C CB  . PHE A 1 64 ? -7.737  -6.152  -1.120  1.00 21.24 ? 62  PHE A CB  1 
ATOM   397  C CG  . PHE A 1 64 ? -7.126  -6.787  0.093   1.00 21.52 ? 62  PHE A CG  1 
ATOM   398  C CD1 . PHE A 1 64 ? -7.892  -7.601  0.925   1.00 22.49 ? 62  PHE A CD1 1 
ATOM   399  C CD2 . PHE A 1 64 ? -5.796  -6.549  0.427   1.00 20.75 ? 62  PHE A CD2 1 
ATOM   400  C CE1 . PHE A 1 64 ? -7.344  -8.166  2.072   1.00 22.48 ? 62  PHE A CE1 1 
ATOM   401  C CE2 . PHE A 1 64 ? -5.237  -7.108  1.572   1.00 21.94 ? 62  PHE A CE2 1 
ATOM   402  C CZ  . PHE A 1 64 ? -6.012  -7.917  2.397   1.00 25.06 ? 62  PHE A CZ  1 
ATOM   403  N N   . SER A 1 65 ? -10.285 -4.953  0.462   1.00 20.33 ? 63  SER A N   1 
ATOM   404  C CA  . SER A 1 65 ? -11.064 -4.908  1.694   1.00 20.45 ? 63  SER A CA  1 
ATOM   405  C C   . SER A 1 65 ? -11.038 -6.291  2.344   1.00 21.22 ? 63  SER A C   1 
ATOM   406  O O   . SER A 1 65 ? -11.600 -7.247  1.811   1.00 19.83 ? 63  SER A O   1 
ATOM   407  C CB  . SER A 1 65 ? -12.508 -4.494  1.398   1.00 22.90 ? 63  SER A CB  1 
ATOM   408  O OG  . SER A 1 65 ? -12.557 -3.165  0.909   1.00 25.33 ? 63  SER A OG  1 
ATOM   409  N N   . PRO A 1 66 ? -10.376 -6.412  3.505   1.00 20.73 ? 64  PRO A N   1 
ATOM   410  C CA  . PRO A 1 66 ? -10.281 -7.687  4.223   1.00 21.63 ? 64  PRO A CA  1 
ATOM   411  C C   . PRO A 1 66 ? -11.632 -8.304  4.581   1.00 22.30 ? 64  PRO A C   1 
ATOM   412  O O   . PRO A 1 66 ? -12.622 -7.603  4.760   1.00 21.30 ? 64  PRO A O   1 
ATOM   413  C CB  . PRO A 1 66 ? -9.482  -7.321  5.473   1.00 22.52 ? 64  PRO A CB  1 
ATOM   414  C CG  . PRO A 1 66 ? -8.594  -6.221  4.988   1.00 21.15 ? 64  PRO A CG  1 
ATOM   415  C CD  . PRO A 1 66 ? -9.544  -5.383  4.159   1.00 21.68 ? 64  PRO A CD  1 
ATOM   416  N N   . ASN A 1 67 ? -11.653 -9.626  4.685   1.00 23.46 ? 65  ASN A N   1 
ATOM   417  C CA  . ASN A 1 67 ? -12.857 -10.371 5.037   1.00 24.50 ? 65  ASN A CA  1 
ATOM   418  C C   . ASN A 1 67 ? -13.262 -10.014 6.475   1.00 23.83 ? 65  ASN A C   1 
ATOM   419  O O   . ASN A 1 67 ? -12.474 -10.172 7.407   1.00 22.99 ? 65  ASN A O   1 
ATOM   420  C CB  . ASN A 1 67 ? -12.552 -11.867 4.919   1.00 26.72 ? 65  ASN A CB  1 
ATOM   421  C CG  . ASN A 1 67 ? -13.744 -12.740 5.225   1.00 27.37 ? 65  ASN A CG  1 
ATOM   422  O OD1 . ASN A 1 67 ? -14.833 -12.255 5.538   1.00 26.05 ? 65  ASN A OD1 1 
ATOM   423  N ND2 . ASN A 1 67 ? -13.543 -14.052 5.133   1.00 28.56 ? 65  ASN A ND2 1 
ATOM   424  N N   . PRO A 1 68 ? -14.492 -9.516  6.671   1.00 24.67 ? 66  PRO A N   1 
ATOM   425  C CA  . PRO A 1 68 ? -14.932 -9.155  8.024   1.00 23.77 ? 66  PRO A CA  1 
ATOM   426  C C   . PRO A 1 68 ? -14.855 -10.316 9.012   1.00 23.06 ? 66  PRO A C   1 
ATOM   427  O O   . PRO A 1 68 ? -14.719 -10.110 10.223  1.00 21.71 ? 66  PRO A O   1 
ATOM   428  C CB  . PRO A 1 68 ? -16.371 -8.689  7.811   1.00 25.96 ? 66  PRO A CB  1 
ATOM   429  C CG  . PRO A 1 68 ? -16.367 -8.183  6.407   1.00 26.67 ? 66  PRO A CG  1 
ATOM   430  C CD  . PRO A 1 68 ? -15.544 -9.218  5.682   1.00 24.70 ? 66  PRO A CD  1 
ATOM   431  N N   . ASP A 1 69 ? -14.939 -11.532 8.485   1.00 24.51 ? 67  ASP A N   1 
ATOM   432  C CA  . ASP A 1 69 ? -14.916 -12.734 9.306   1.00 25.09 ? 67  ASP A CA  1 
ATOM   433  C C   . ASP A 1 69 ? -13.520 -13.180 9.704   1.00 25.36 ? 67  ASP A C   1 
ATOM   434  O O   . ASP A 1 69 ? -13.374 -14.090 10.514  1.00 25.53 ? 67  ASP A O   1 
ATOM   435  C CB  . ASP A 1 69 ? -15.630 -13.879 8.577   1.00 28.09 ? 67  ASP A CB  1 
ATOM   436  C CG  . ASP A 1 69 ? -16.073 -14.989 9.518   1.00 33.11 ? 67  ASP A CG  1 
ATOM   437  O OD1 . ASP A 1 69 ? -15.600 -16.137 9.365   1.00 33.44 ? 67  ASP A OD1 1 
ATOM   438  O OD2 . ASP A 1 69 ? -16.904 -14.708 10.415  1.00 34.59 ? 67  ASP A OD2 1 
ATOM   439  N N   . GLU A 1 70 ? -12.489 -12.556 9.147   1.00 24.57 ? 68  GLU A N   1 
ATOM   440  C CA  . GLU A 1 70 ? -11.128 -12.948 9.498   1.00 24.48 ? 68  GLU A CA  1 
ATOM   441  C C   . GLU A 1 70 ? -10.685 -12.296 10.812  1.00 24.81 ? 68  GLU A C   1 
ATOM   442  O O   . GLU A 1 70 ? -11.041 -11.153 11.097  1.00 23.49 ? 68  GLU A O   1 
ATOM   443  C CB  . GLU A 1 70 ? -10.161 -12.593 8.360   1.00 24.08 ? 68  GLU A CB  1 
ATOM   444  C CG  . GLU A 1 70 ? -8.741  -13.104 8.569   1.00 25.84 ? 68  GLU A CG  1 
ATOM   445  C CD  . GLU A 1 70 ? -7.932  -13.164 7.282   1.00 27.19 ? 68  GLU A CD  1 
ATOM   446  O OE1 . GLU A 1 70 ? -6.712  -13.424 7.362   1.00 30.38 ? 68  GLU A OE1 1 
ATOM   447  O OE2 . GLU A 1 70 ? -8.515  -12.966 6.190   1.00 26.65 ? 68  GLU A OE2 1 
ATOM   448  N N   . SER A 1 71 ? -9.920  -13.027 11.621  1.00 25.41 ? 69  SER A N   1 
ATOM   449  C CA  . SER A 1 71 ? -9.448  -12.497 12.902  1.00 25.65 ? 69  SER A CA  1 
ATOM   450  C C   . SER A 1 71 ? -8.437  -11.379 12.681  1.00 25.07 ? 69  SER A C   1 
ATOM   451  O O   . SER A 1 71 ? -7.788  -11.316 11.636  1.00 23.84 ? 69  SER A O   1 
ATOM   452  C CB  . SER A 1 71 ? -8.793  -13.602 13.741  1.00 25.33 ? 69  SER A CB  1 
ATOM   453  O OG  . SER A 1 71 ? -7.529  -13.968 13.209  1.00 26.30 ? 69  SER A OG  1 
ATOM   454  N N   . VAL A 1 72 ? -8.303  -10.496 13.665  1.00 24.41 ? 70  VAL A N   1 
ATOM   455  C CA  . VAL A 1 72 ? -7.356  -9.400  13.543  1.00 23.60 ? 70  VAL A CA  1 
ATOM   456  C C   . VAL A 1 72 ? -5.920  -9.919  13.601  1.00 22.71 ? 70  VAL A C   1 
ATOM   457  O O   . VAL A 1 72 ? -5.036  -9.400  12.916  1.00 22.26 ? 70  VAL A O   1 
ATOM   458  C CB  . VAL A 1 72 ? -7.568  -8.338  14.653  1.00 22.91 ? 70  VAL A CB  1 
ATOM   459  C CG1 . VAL A 1 72 ? -6.461  -7.292  14.584  1.00 23.38 ? 70  VAL A CG1 1 
ATOM   460  C CG2 . VAL A 1 72 ? -8.928  -7.668  14.480  1.00 23.41 ? 70  VAL A CG2 1 
ATOM   461  N N   . ILE A 1 73 ? -5.685  -10.949 14.407  1.00 23.87 ? 71  ILE A N   1 
ATOM   462  C CA  . ILE A 1 73 ? -4.340  -11.505 14.524  1.00 25.07 ? 71  ILE A CA  1 
ATOM   463  C C   . ILE A 1 73 ? -3.855  -12.048 13.181  1.00 24.52 ? 71  ILE A C   1 
ATOM   464  O O   . ILE A 1 73 ? -2.694  -11.858 12.811  1.00 24.73 ? 71  ILE A O   1 
ATOM   465  C CB  . ILE A 1 73 ? -4.274  -12.623 15.616  1.00 26.35 ? 71  ILE A CB  1 
ATOM   466  C CG1 . ILE A 1 73 ? -2.841  -13.147 15.750  1.00 28.19 ? 71  ILE A CG1 1 
ATOM   467  C CG2 . ILE A 1 73 ? -5.226  -13.759 15.283  1.00 25.60 ? 71  ILE A CG2 1 
ATOM   468  C CD1 . ILE A 1 73 ? -1.842  -12.102 16.175  1.00 30.65 ? 71  ILE A CD1 1 
ATOM   469  N N   . ASP A 1 74 ? -4.741  -12.710 12.443  1.00 24.65 ? 72  ASP A N   1 
ATOM   470  C CA  . ASP A 1 74 ? -4.354  -13.247 11.141  1.00 25.24 ? 72  ASP A CA  1 
ATOM   471  C C   . ASP A 1 74 ? -4.005  -12.137 10.156  1.00 24.34 ? 72  ASP A C   1 
ATOM   472  O O   . ASP A 1 74 ? -3.011  -12.240 9.446   1.00 24.38 ? 72  ASP A O   1 
ATOM   473  C CB  . ASP A 1 74 ? -5.455  -14.131 10.553  1.00 26.87 ? 72  ASP A CB  1 
ATOM   474  C CG  . ASP A 1 74 ? -5.512  -15.495 11.207  1.00 29.78 ? 72  ASP A CG  1 
ATOM   475  O OD1 . ASP A 1 74 ? -4.586  -15.822 11.979  1.00 31.84 ? 72  ASP A OD1 1 
ATOM   476  O OD2 . ASP A 1 74 ? -6.479  -16.240 10.950  1.00 31.65 ? 72  ASP A OD2 1 
ATOM   477  N N   . LEU A 1 75 ? -4.809  -11.076 10.108  1.00 22.34 ? 73  LEU A N   1 
ATOM   478  C CA  . LEU A 1 75 ? -4.502  -9.987  9.180   1.00 21.83 ? 73  LEU A CA  1 
ATOM   479  C C   . LEU A 1 75 ? -3.198  -9.313  9.602   1.00 22.02 ? 73  LEU A C   1 
ATOM   480  O O   . LEU A 1 75 ? -2.414  -8.866  8.761   1.00 24.24 ? 73  LEU A O   1 
ATOM   481  C CB  . LEU A 1 75 ? -5.654  -8.975  9.133   1.00 20.77 ? 73  LEU A CB  1 
ATOM   482  C CG  . LEU A 1 75 ? -6.937  -9.529  8.500   1.00 22.19 ? 73  LEU A CG  1 
ATOM   483  C CD1 . LEU A 1 75 ? -8.101  -8.586  8.764   1.00 25.29 ? 73  LEU A CD1 1 
ATOM   484  C CD2 . LEU A 1 75 ? -6.731  -9.732  6.999   1.00 20.22 ? 73  LEU A CD2 1 
ATOM   485  N N   . TYR A 1 76 ? -2.956  -9.251  10.907  1.00 21.06 ? 74  TYR A N   1 
ATOM   486  C CA  . TYR A 1 76 ? -1.727  -8.650  11.405  1.00 23.57 ? 74  TYR A CA  1 
ATOM   487  C C   . TYR A 1 76 ? -0.527  -9.486  10.944  1.00 24.39 ? 74  TYR A C   1 
ATOM   488  O O   . TYR A 1 76 ? 0.485   -8.950  10.491  1.00 25.12 ? 74  TYR A O   1 
ATOM   489  C CB  . TYR A 1 76 ? -1.757  -8.581  12.931  1.00 23.46 ? 74  TYR A CB  1 
ATOM   490  C CG  . TYR A 1 76 ? -0.420  -8.244  13.541  1.00 24.76 ? 74  TYR A CG  1 
ATOM   491  C CD1 . TYR A 1 76 ? 0.150   -6.982  13.374  1.00 25.16 ? 74  TYR A CD1 1 
ATOM   492  C CD2 . TYR A 1 76 ? 0.290   -9.202  14.261  1.00 25.96 ? 74  TYR A CD2 1 
ATOM   493  C CE1 . TYR A 1 76 ? 1.402   -6.686  13.911  1.00 27.18 ? 74  TYR A CE1 1 
ATOM   494  C CE2 . TYR A 1 76 ? 1.535   -8.920  14.799  1.00 29.60 ? 74  TYR A CE2 1 
ATOM   495  C CZ  . TYR A 1 76 ? 2.087   -7.663  14.622  1.00 29.00 ? 74  TYR A CZ  1 
ATOM   496  O OH  . TYR A 1 76 ? 3.322   -7.394  15.162  1.00 29.42 ? 74  TYR A OH  1 
ATOM   497  N N   . ASN A 1 77 ? -0.650  -10.802 11.053  1.00 26.37 ? 75  ASN A N   1 
ATOM   498  C CA  . ASN A 1 77 ? 0.430   -11.696 10.652  1.00 27.47 ? 75  ASN A CA  1 
ATOM   499  C C   . ASN A 1 77 ? 0.703   -11.680 9.150   1.00 27.55 ? 75  ASN A C   1 
ATOM   500  O O   . ASN A 1 77 ? 1.827   -11.928 8.722   1.00 28.30 ? 75  ASN A O   1 
ATOM   501  C CB  . ASN A 1 77 ? 0.132   -13.131 11.099  1.00 28.47 ? 75  ASN A CB  1 
ATOM   502  C CG  . ASN A 1 77 ? 0.244   -13.310 12.602  1.00 30.19 ? 75  ASN A CG  1 
ATOM   503  O OD1 . ASN A 1 77 ? 1.084   -12.689 13.251  1.00 30.72 ? 75  ASN A OD1 1 
ATOM   504  N ND2 . ASN A 1 77 ? -0.592  -14.175 13.158  1.00 31.85 ? 75  ASN A ND2 1 
ATOM   505  N N   . ASN A 1 78 ? -0.320  -11.391 8.352   1.00 25.97 ? 76  ASN A N   1 
ATOM   506  C CA  . ASN A 1 78 ? -0.156  -11.368 6.905   1.00 27.58 ? 76  ASN A CA  1 
ATOM   507  C C   . ASN A 1 78 ? 0.050   -9.983  6.305   1.00 27.14 ? 76  ASN A C   1 
ATOM   508  O O   . ASN A 1 78 ? 0.475   -9.869  5.157   1.00 26.54 ? 76  ASN A O   1 
ATOM   509  C CB  . ASN A 1 78 ? -1.358  -12.031 6.220   1.00 28.00 ? 76  ASN A CB  1 
ATOM   510  C CG  . ASN A 1 78 ? -1.455  -13.512 6.518   1.00 31.97 ? 76  ASN A CG  1 
ATOM   511  O OD1 . ASN A 1 78 ? -0.453  -14.229 6.495   1.00 32.16 ? 76  ASN A OD1 1 
ATOM   512  N ND2 . ASN A 1 78 ? -2.669  -13.986 6.787   1.00 29.64 ? 76  ASN A ND2 1 
ATOM   513  N N   . PHE A 1 79 ? -0.238  -8.929  7.069   1.00 25.60 ? 77  PHE A N   1 
ATOM   514  C CA  . PHE A 1 79 ? -0.098  -7.571  6.539   1.00 25.71 ? 77  PHE A CA  1 
ATOM   515  C C   . PHE A 1 79 ? 0.512   -6.527  7.469   1.00 25.36 ? 77  PHE A C   1 
ATOM   516  O O   . PHE A 1 79 ? 0.797   -5.409  7.043   1.00 24.44 ? 77  PHE A O   1 
ATOM   517  C CB  . PHE A 1 79 ? -1.465  -7.064  6.061   1.00 23.79 ? 77  PHE A CB  1 
ATOM   518  C CG  . PHE A 1 79 ? -2.111  -7.953  5.057   1.00 24.37 ? 77  PHE A CG  1 
ATOM   519  C CD1 . PHE A 1 79 ? -3.061  -8.885  5.449   1.00 22.17 ? 77  PHE A CD1 1 
ATOM   520  C CD2 . PHE A 1 79 ? -1.735  -7.894  3.719   1.00 21.15 ? 77  PHE A CD2 1 
ATOM   521  C CE1 . PHE A 1 79 ? -3.629  -9.753  4.524   1.00 26.11 ? 77  PHE A CE1 1 
ATOM   522  C CE2 . PHE A 1 79 ? -2.299  -8.759  2.785   1.00 23.51 ? 77  PHE A CE2 1 
ATOM   523  C CZ  . PHE A 1 79 ? -3.247  -9.690  3.190   1.00 26.18 ? 77  PHE A CZ  1 
ATOM   524  N N   . GLY A 1 80 ? 0.700   -6.873  8.735   1.00 25.06 ? 78  GLY A N   1 
ATOM   525  C CA  . GLY A 1 80 ? 1.280   -5.914  9.657   1.00 26.91 ? 78  GLY A CA  1 
ATOM   526  C C   . GLY A 1 80 ? 2.756   -5.668  9.398   1.00 26.69 ? 78  GLY A C   1 
ATOM   527  O O   . GLY A 1 80 ? 3.421   -6.467  8.739   1.00 27.15 ? 78  GLY A O   1 
ATOM   528  N N   . PHE A 1 81 ? 3.271   -4.552  9.908   1.00 26.38 ? 79  PHE A N   1 
ATOM   529  C CA  . PHE A 1 81 ? 4.682   -4.208  9.748   1.00 28.61 ? 79  PHE A CA  1 
ATOM   530  C C   . PHE A 1 81 ? 5.130   -3.302  10.894  1.00 28.33 ? 79  PHE A C   1 
ATOM   531  O O   . PHE A 1 81 ? 4.381   -2.433  11.329  1.00 29.20 ? 79  PHE A O   1 
ATOM   532  C CB  . PHE A 1 81 ? 4.922   -3.494  8.414   1.00 29.13 ? 79  PHE A CB  1 
ATOM   533  C CG  . PHE A 1 81 ? 6.353   -3.064  8.205   1.00 32.72 ? 79  PHE A CG  1 
ATOM   534  C CD1 . PHE A 1 81 ? 7.354   -4.004  7.974   1.00 32.58 ? 79  PHE A CD1 1 
ATOM   535  C CD2 . PHE A 1 81 ? 6.701   -1.719  8.263   1.00 33.81 ? 79  PHE A CD2 1 
ATOM   536  C CE1 . PHE A 1 81 ? 8.687   -3.606  7.807   1.00 35.34 ? 79  PHE A CE1 1 
ATOM   537  C CE2 . PHE A 1 81 ? 8.026   -1.312  8.096   1.00 34.69 ? 79  PHE A CE2 1 
ATOM   538  C CZ  . PHE A 1 81 ? 9.020   -2.256  7.869   1.00 35.33 ? 79  PHE A CZ  1 
ATOM   539  N N   . ASP A 1 82 ? 6.351   -3.516  11.372  1.00 28.35 ? 80  ASP A N   1 
ATOM   540  C CA  . ASP A 1 82 ? 6.926   -2.734  12.468  1.00 29.15 ? 80  ASP A CA  1 
ATOM   541  C C   . ASP A 1 82 ? 6.026   -2.714  13.708  1.00 27.84 ? 80  ASP A C   1 
ATOM   542  O O   . ASP A 1 82 ? 5.825   -1.669  14.330  1.00 28.61 ? 80  ASP A O   1 
ATOM   543  C CB  . ASP A 1 82 ? 7.220   -1.299  12.009  1.00 31.55 ? 80  ASP A CB  1 
ATOM   544  C CG  . ASP A 1 82 ? 8.126   -0.538  12.984  1.00 34.13 ? 80  ASP A CG  1 
ATOM   545  O OD1 . ASP A 1 82 ? 8.333   0.676   12.768  1.00 34.95 ? 80  ASP A OD1 1 
ATOM   546  O OD2 . ASP A 1 82 ? 8.636   -1.145  13.955  1.00 32.32 ? 80  ASP A OD2 1 
ATOM   547  N N   . GLY A 1 83 ? 5.476   -3.876  14.051  1.00 26.17 ? 81  GLY A N   1 
ATOM   548  C CA  . GLY A 1 83 ? 4.643   -3.986  15.234  1.00 26.55 ? 81  GLY A CA  1 
ATOM   549  C C   . GLY A 1 83 ? 3.205   -3.510  15.181  1.00 27.05 ? 81  GLY A C   1 
ATOM   550  O O   . GLY A 1 83 ? 2.565   -3.415  16.227  1.00 26.70 ? 81  GLY A O   1 
ATOM   551  N N   . LYS A 1 84 ? 2.683   -3.213  13.994  1.00 24.83 ? 82  LYS A N   1 
ATOM   552  C CA  . LYS A 1 84 ? 1.296   -2.763  13.888  1.00 25.29 ? 82  LYS A CA  1 
ATOM   553  C C   . LYS A 1 84 ? 0.635   -3.102  12.560  1.00 24.47 ? 82  LYS A C   1 
ATOM   554  O O   . LYS A 1 84 ? 1.312   -3.407  11.575  1.00 24.67 ? 82  LYS A O   1 
ATOM   555  C CB  . LYS A 1 84 ? 1.204   -1.248  14.124  1.00 25.61 ? 82  LYS A CB  1 
ATOM   556  C CG  . LYS A 1 84 ? 2.034   -0.384  13.169  1.00 31.83 ? 82  LYS A CG  1 
ATOM   557  C CD  . LYS A 1 84 ? 1.925   1.096   13.538  1.00 34.16 ? 82  LYS A CD  1 
ATOM   558  C CE  . LYS A 1 84 ? 2.913   1.971   12.756  1.00 36.49 ? 82  LYS A CE  1 
ATOM   559  N NZ  . LYS A 1 84 ? 2.563   2.136   11.312  1.00 35.13 ? 82  LYS A NZ  1 
ATOM   560  N N   . LEU A 1 85 ? -0.694  -3.067  12.552  1.00 22.23 ? 83  LEU A N   1 
ATOM   561  C CA  . LEU A 1 85 ? -1.470  -3.328  11.341  1.00 20.99 ? 83  LEU A CA  1 
ATOM   562  C C   . LEU A 1 85 ? -2.103  -2.012  10.926  1.00 22.59 ? 83  LEU A C   1 
ATOM   563  O O   . LEU A 1 85 ? -2.879  -1.426  11.687  1.00 23.27 ? 83  LEU A O   1 
ATOM   564  C CB  . LEU A 1 85 ? -2.590  -4.341  11.596  1.00 21.72 ? 83  LEU A CB  1 
ATOM   565  C CG  . LEU A 1 85 ? -3.597  -4.502  10.438  1.00 20.52 ? 83  LEU A CG  1 
ATOM   566  C CD1 . LEU A 1 85 ? -2.905  -5.130  9.223   1.00 22.48 ? 83  LEU A CD1 1 
ATOM   567  C CD2 . LEU A 1 85 ? -4.758  -5.385  10.880  1.00 19.43 ? 83  LEU A CD2 1 
ATOM   568  N N   . VAL A 1 86 ? -1.764  -1.541  9.731   1.00 21.85 ? 84  VAL A N   1 
ATOM   569  C CA  . VAL A 1 86 ? -2.324  -0.296  9.231   1.00 22.86 ? 84  VAL A CA  1 
ATOM   570  C C   . VAL A 1 86 ? -3.626  -0.584  8.493   1.00 23.46 ? 84  VAL A C   1 
ATOM   571  O O   . VAL A 1 86 ? -3.648  -1.379  7.557   1.00 22.40 ? 84  VAL A O   1 
ATOM   572  C CB  . VAL A 1 86 ? -1.359  0.413   8.257   1.00 23.78 ? 84  VAL A CB  1 
ATOM   573  C CG1 . VAL A 1 86 ? -2.021  1.663   7.689   1.00 25.14 ? 84  VAL A CG1 1 
ATOM   574  C CG2 . VAL A 1 86 ? -0.066  0.771   8.967   1.00 24.35 ? 84  VAL A CG2 1 
ATOM   575  N N   . VAL A 1 87 ? -4.708  0.052   8.933   1.00 21.67 ? 85  VAL A N   1 
ATOM   576  C CA  . VAL A 1 87 ? -6.012  -0.106  8.300   1.00 20.91 ? 85  VAL A CA  1 
ATOM   577  C C   . VAL A 1 87 ? -6.402  1.280   7.777   1.00 21.13 ? 85  VAL A C   1 
ATOM   578  O O   . VAL A 1 87 ? -6.514  2.232   8.546   1.00 19.72 ? 85  VAL A O   1 
ATOM   579  C CB  . VAL A 1 87 ? -7.090  -0.598  9.314   1.00 22.50 ? 85  VAL A CB  1 
ATOM   580  C CG1 . VAL A 1 87 ? -8.455  -0.618  8.655   1.00 21.29 ? 85  VAL A CG1 1 
ATOM   581  C CG2 . VAL A 1 87 ? -6.736  -1.980  9.836   1.00 20.54 ? 85  VAL A CG2 1 
ATOM   582  N N   . ASN A 1 88 ? -6.582  1.391   6.466   1.00 18.27 ? 86  ASN A N   1 
ATOM   583  C CA  . ASN A 1 88 ? -6.938  2.660   5.847   1.00 17.81 ? 86  ASN A CA  1 
ATOM   584  C C   . ASN A 1 88 ? -8.445  2.712   5.646   1.00 17.95 ? 86  ASN A C   1 
ATOM   585  O O   . ASN A 1 88 ? -9.092  1.683   5.516   1.00 17.12 ? 86  ASN A O   1 
ATOM   586  C CB  . ASN A 1 88 ? -6.253  2.789   4.483   1.00 17.30 ? 86  ASN A CB  1 
ATOM   587  C CG  . ASN A 1 88 ? -4.775  2.446   4.534   1.00 21.77 ? 86  ASN A CG  1 
ATOM   588  O OD1 . ASN A 1 88 ? -3.954  3.257   4.955   1.00 23.06 ? 86  ASN A OD1 1 
ATOM   589  N ND2 . ASN A 1 88 ? -4.432  1.228   4.112   1.00 21.59 ? 86  ASN A ND2 1 
ATOM   590  N N   . TYR A 1 89 ? -9.006  3.913   5.630   1.00 17.54 ? 87  TYR A N   1 
ATOM   591  C CA  . TYR A 1 89 ? -10.437 4.048   5.386   1.00 19.11 ? 87  TYR A CA  1 
ATOM   592  C C   . TYR A 1 89 ? -10.650 5.303   4.548   1.00 19.49 ? 87  TYR A C   1 
ATOM   593  O O   . TYR A 1 89 ? -9.915  6.285   4.690   1.00 19.00 ? 87  TYR A O   1 
ATOM   594  C CB  . TYR A 1 89 ? -11.222 4.074   6.708   1.00 18.68 ? 87  TYR A CB  1 
ATOM   595  C CG  . TYR A 1 89 ? -10.914 5.227   7.632   1.00 19.58 ? 87  TYR A CG  1 
ATOM   596  C CD1 . TYR A 1 89 ? -11.587 6.438   7.502   1.00 18.89 ? 87  TYR A CD1 1 
ATOM   597  C CD2 . TYR A 1 89 ? -9.952  5.104   8.638   1.00 20.29 ? 87  TYR A CD2 1 
ATOM   598  C CE1 . TYR A 1 89 ? -11.313 7.505   8.351   1.00 20.02 ? 87  TYR A CE1 1 
ATOM   599  C CE2 . TYR A 1 89 ? -9.666  6.170   9.494   1.00 21.40 ? 87  TYR A CE2 1 
ATOM   600  C CZ  . TYR A 1 89 ? -10.355 7.364   9.342   1.00 21.00 ? 87  TYR A CZ  1 
ATOM   601  O OH  . TYR A 1 89 ? -10.093 8.425   10.179  1.00 20.23 ? 87  TYR A OH  1 
ATOM   602  N N   . ALA A 1 90 ? -11.638 5.268   3.657   1.00 18.45 ? 88  ALA A N   1 
ATOM   603  C CA  . ALA A 1 90 ? -11.870 6.400   2.775   1.00 18.69 ? 88  ALA A CA  1 
ATOM   604  C C   . ALA A 1 90 ? -13.283 6.505   2.223   1.00 19.45 ? 88  ALA A C   1 
ATOM   605  O O   . ALA A 1 90 ? -14.047 5.548   2.258   1.00 18.75 ? 88  ALA A O   1 
ATOM   606  C CB  . ALA A 1 90 ? -10.880 6.330   1.614   1.00 21.70 ? 88  ALA A CB  1 
ATOM   607  N N   . CYS A 1 91 ? -13.622 7.686   1.712   1.00 20.34 ? 89  CYS A N   1 
ATOM   608  C CA  . CYS A 1 91 ? -14.931 7.903   1.103   1.00 21.42 ? 89  CYS A CA  1 
ATOM   609  C C   . CYS A 1 91 ? -14.790 7.502   -0.367  1.00 22.50 ? 89  CYS A C   1 
ATOM   610  O O   . CYS A 1 91 ? -15.637 6.812   -0.928  1.00 23.02 ? 89  CYS A O   1 
ATOM   611  C CB  . CYS A 1 91 ? -15.326 9.376   1.195   1.00 21.18 ? 89  CYS A CB  1 
ATOM   612  S SG  . CYS A 1 91 ? -15.587 9.950   2.887   1.00 23.29 ? 89  CYS A SG  1 
ATOM   613  N N   . SER A 1 92 ? -13.698 7.956   -0.973  1.00 23.20 ? 90  SER A N   1 
ATOM   614  C CA  . SER A 1 92 ? -13.390 7.666   -2.368  1.00 25.68 ? 90  SER A CA  1 
ATOM   615  C C   . SER A 1 92 ? -11.989 7.082   -2.515  1.00 26.12 ? 90  SER A C   1 
ATOM   616  O O   . SER A 1 92 ? -11.053 7.508   -1.832  1.00 24.32 ? 90  SER A O   1 
ATOM   617  C CB  . SER A 1 92 ? -13.496 8.939   -3.209  1.00 25.31 ? 90  SER A CB  1 
ATOM   618  O OG  . SER A 1 92 ? -12.997 8.724   -4.518  1.00 26.85 ? 90  SER A OG  1 
ATOM   619  N N   . MET A 1 93 ? -11.839 6.117   -3.418  1.00 26.76 ? 91  MET A N   1 
ATOM   620  C CA  . MET A 1 93 ? -10.533 5.504   -3.642  1.00 29.46 ? 91  MET A CA  1 
ATOM   621  C C   . MET A 1 93 ? -9.716  6.249   -4.688  1.00 32.05 ? 91  MET A C   1 
ATOM   622  O O   . MET A 1 93 ? -8.615  5.840   -5.025  1.00 34.05 ? 91  MET A O   1 
ATOM   623  C CB  . MET A 1 93 ? -10.698 4.054   -4.094  1.00 29.12 ? 91  MET A CB  1 
ATOM   624  C CG  . MET A 1 93 ? -11.244 3.113   -3.037  1.00 27.31 ? 91  MET A CG  1 
ATOM   625  S SD  . MET A 1 93 ? -10.224 3.076   -1.544  1.00 29.99 ? 91  MET A SD  1 
ATOM   626  C CE  . MET A 1 93 ? -8.700  2.385   -2.117  1.00 27.07 ? 91  MET A CE  1 
ATOM   627  N N   . ALA A 1 94 ? -10.231 7.368   -5.179  1.00 33.84 ? 92  ALA A N   1 
ATOM   628  C CA  . ALA A 1 94 ? -9.530  8.111   -6.224  1.00 36.56 ? 92  ALA A CA  1 
ATOM   629  C C   . ALA A 1 94 ? -8.995  9.501   -5.876  1.00 38.25 ? 92  ALA A C   1 
ATOM   630  O O   . ALA A 1 94 ? -9.343  10.497  -6.497  1.00 41.68 ? 92  ALA A O   1 
ATOM   631  C CB  . ALA A 1 94 ? -10.420 8.222   -7.457  1.00 36.83 ? 92  ALA A CB  1 
ATOM   632  N N   . TRP A 1 95 ? -8.113  9.596   -4.900  1.00 38.59 ? 93  TRP A N   1 
ATOM   633  C CA  . TRP A 1 95 ? -7.550  10.909  -4.568  1.00 39.50 ? 93  TRP A CA  1 
ATOM   634  C C   . TRP A 1 95 ? -6.308  11.162  -5.431  1.00 41.90 ? 93  TRP A C   1 
ATOM   635  O O   . TRP A 1 95 ? -5.667  10.173  -5.839  1.00 42.77 ? 93  TRP A O   1 
ATOM   636  C CB  . TRP A 1 95 ? -7.164  10.985  -3.070  1.00 37.34 ? 93  TRP A CB  1 
ATOM   637  C CG  . TRP A 1 95 ? -7.929  12.011  -2.244  1.00 33.60 ? 93  TRP A CG  1 
ATOM   638  C CD1 . TRP A 1 95 ? -7.446  12.740  -1.198  1.00 31.49 ? 93  TRP A CD1 1 
ATOM   639  C CD2 . TRP A 1 95 ? -9.313  12.364  -2.368  1.00 30.70 ? 93  TRP A CD2 1 
ATOM   640  N NE1 . TRP A 1 95 ? -8.441  13.523  -0.659  1.00 30.16 ? 93  TRP A NE1 1 
ATOM   641  C CE2 . TRP A 1 95 ? -9.597  13.309  -1.358  1.00 30.97 ? 93  TRP A CE2 1 
ATOM   642  C CE3 . TRP A 1 95 ? -10.341 11.970  -3.233  1.00 31.40 ? 93  TRP A CE3 1 
ATOM   643  C CZ2 . TRP A 1 95 ? -10.865 13.865  -1.190  1.00 29.74 ? 93  TRP A CZ2 1 
ATOM   644  C CZ3 . TRP A 1 95 ? -11.601 12.522  -3.065  1.00 28.74 ? 93  TRP A CZ3 1 
ATOM   645  C CH2 . TRP A 1 95 ? -11.850 13.458  -2.050  1.00 28.50 ? 93  TRP A CH2 1 
ATOM   646  N N   . GLN B 1 12 ? -3.833  -11.734 23.627  1.00 38.57 ? 10  GLN B N   1 
ATOM   647  C CA  . GLN B 1 12 ? -2.815  -10.876 22.955  1.00 38.87 ? 10  GLN B CA  1 
ATOM   648  C C   . GLN B 1 12 ? -3.487  -9.675  22.298  1.00 38.25 ? 10  GLN B C   1 
ATOM   649  O O   . GLN B 1 12 ? -4.543  -9.811  21.672  1.00 37.75 ? 10  GLN B O   1 
ATOM   650  C CB  . GLN B 1 12 ? -2.059  -11.690 21.912  1.00 39.28 ? 10  GLN B CB  1 
ATOM   651  N N   . LYS B 1 13 ? -2.879  -8.501  22.448  1.00 36.91 ? 11  LYS B N   1 
ATOM   652  C CA  . LYS B 1 13 ? -3.425  -7.276  21.868  1.00 35.84 ? 11  LYS B CA  1 
ATOM   653  C C   . LYS B 1 13 ? -2.617  -6.818  20.658  1.00 34.22 ? 11  LYS B C   1 
ATOM   654  O O   . LYS B 1 13 ? -1.384  -6.831  20.682  1.00 33.91 ? 11  LYS B O   1 
ATOM   655  C CB  . LYS B 1 13 ? -3.450  -6.167  22.918  1.00 37.50 ? 11  LYS B CB  1 
ATOM   656  C CG  . LYS B 1 13 ? -4.385  -6.446  24.085  1.00 38.81 ? 11  LYS B CG  1 
ATOM   657  C CD  . LYS B 1 13 ? -5.846  -6.356  23.667  1.00 39.30 ? 11  LYS B CD  1 
ATOM   658  C CE  . LYS B 1 13 ? -6.772  -6.675  24.835  1.00 41.88 ? 11  LYS B CE  1 
ATOM   659  N NZ  . LYS B 1 13 ? -8.204  -6.378  24.537  1.00 42.41 ? 11  LYS B NZ  1 
ATOM   660  N N   . ILE B 1 14 ? -3.321  -6.411  19.605  1.00 31.24 ? 12  ILE B N   1 
ATOM   661  C CA  . ILE B 1 14 ? -2.681  -5.954  18.375  1.00 29.47 ? 12  ILE B CA  1 
ATOM   662  C C   . ILE B 1 14 ? -2.870  -4.457  18.188  1.00 27.88 ? 12  ILE B C   1 
ATOM   663  O O   . ILE B 1 14 ? -3.972  -3.936  18.353  1.00 26.97 ? 12  ILE B O   1 
ATOM   664  C CB  . ILE B 1 14 ? -3.276  -6.665  17.131  1.00 29.97 ? 12  ILE B CB  1 
ATOM   665  C CG1 . ILE B 1 14 ? -3.205  -8.187  17.302  1.00 30.88 ? 12  ILE B CG1 1 
ATOM   666  C CG2 . ILE B 1 14 ? -2.526  -6.235  15.876  1.00 29.68 ? 12  ILE B CG2 1 
ATOM   667  C CD1 . ILE B 1 14 ? -1.803  -8.731  17.493  1.00 30.34 ? 12  ILE B CD1 1 
ATOM   668  N N   . VAL B 1 15 ? -1.791  -3.764  17.847  1.00 27.48 ? 13  VAL B N   1 
ATOM   669  C CA  . VAL B 1 15 ? -1.869  -2.331  17.617  1.00 26.75 ? 13  VAL B CA  1 
ATOM   670  C C   . VAL B 1 15 ? -2.404  -2.096  16.207  1.00 26.05 ? 13  VAL B C   1 
ATOM   671  O O   . VAL B 1 15 ? -1.819  -2.551  15.221  1.00 24.75 ? 13  VAL B O   1 
ATOM   672  C CB  . VAL B 1 15 ? -0.488  -1.652  17.742  1.00 27.65 ? 13  VAL B CB  1 
ATOM   673  C CG1 . VAL B 1 15 ? -0.614  -0.169  17.433  1.00 27.89 ? 13  VAL B CG1 1 
ATOM   674  C CG2 . VAL B 1 15 ? 0.073   -1.850  19.152  1.00 28.09 ? 13  VAL B CG2 1 
ATOM   675  N N   . VAL B 1 16 ? -3.527  -1.396  16.115  1.00 25.02 ? 14  VAL B N   1 
ATOM   676  C CA  . VAL B 1 16 ? -4.123  -1.100  14.822  1.00 24.84 ? 14  VAL B CA  1 
ATOM   677  C C   . VAL B 1 16 ? -4.025  0.395   14.559  1.00 26.40 ? 14  VAL B C   1 
ATOM   678  O O   . VAL B 1 16 ? -4.511  1.208   15.339  1.00 25.18 ? 14  VAL B O   1 
ATOM   679  C CB  . VAL B 1 16 ? -5.601  -1.536  14.764  1.00 24.41 ? 14  VAL B CB  1 
ATOM   680  C CG1 . VAL B 1 16 ? -6.223  -1.097  13.447  1.00 26.53 ? 14  VAL B CG1 1 
ATOM   681  C CG2 . VAL B 1 16 ? -5.700  -3.049  14.907  1.00 24.11 ? 14  VAL B CG2 1 
ATOM   682  N N   . HIS B 1 17 ? -3.374  0.742   13.455  1.00 25.72 ? 15  HIS B N   1 
ATOM   683  C CA  . HIS B 1 17 ? -3.181  2.133   13.056  1.00 27.92 ? 15  HIS B CA  1 
ATOM   684  C C   . HIS B 1 17 ? -4.231  2.497   12.005  1.00 27.46 ? 15  HIS B C   1 
ATOM   685  O O   . HIS B 1 17 ? -4.177  2.017   10.873  1.00 24.91 ? 15  HIS B O   1 
ATOM   686  C CB  . HIS B 1 17 ? -1.760  2.289   12.499  1.00 30.47 ? 15  HIS B CB  1 
ATOM   687  C CG  . HIS B 1 17 ? -1.420  3.673   12.040  1.00 35.17 ? 15  HIS B CG  1 
ATOM   688  N ND1 . HIS B 1 17 ? -0.153  4.019   11.617  1.00 37.40 ? 15  HIS B ND1 1 
ATOM   689  C CD2 . HIS B 1 17 ? -2.171  4.794   11.934  1.00 36.34 ? 15  HIS B CD2 1 
ATOM   690  C CE1 . HIS B 1 17 ? -0.140  5.294   11.271  1.00 36.98 ? 15  HIS B CE1 1 
ATOM   691  N NE2 . HIS B 1 17 ? -1.351  5.787   11.453  1.00 37.35 ? 15  HIS B NE2 1 
ATOM   692  N N   . LEU B 1 18 ? -5.195  3.334   12.389  1.00 25.63 ? 16  LEU B N   1 
ATOM   693  C CA  . LEU B 1 18 ? -6.248  3.750   11.464  1.00 26.20 ? 16  LEU B CA  1 
ATOM   694  C C   . LEU B 1 18 ? -5.817  5.012   10.724  1.00 25.05 ? 16  LEU B C   1 
ATOM   695  O O   . LEU B 1 18 ? -5.469  6.022   11.339  1.00 26.88 ? 16  LEU B O   1 
ATOM   696  C CB  . LEU B 1 18 ? -7.559  3.999   12.219  1.00 27.70 ? 16  LEU B CB  1 
ATOM   697  C CG  . LEU B 1 18 ? -8.156  2.779   12.921  1.00 27.75 ? 16  LEU B CG  1 
ATOM   698  C CD1 . LEU B 1 18 ? -9.393  3.176   13.709  1.00 26.51 ? 16  LEU B CD1 1 
ATOM   699  C CD2 . LEU B 1 18 ? -8.499  1.732   11.878  1.00 27.24 ? 16  LEU B CD2 1 
ATOM   700  N N   . ARG B 1 19 ? -5.845  4.957   9.398   1.00 21.85 ? 17  ARG B N   1 
ATOM   701  C CA  . ARG B 1 19 ? -5.417  6.089   8.590   1.00 20.34 ? 17  ARG B CA  1 
ATOM   702  C C   . ARG B 1 19 ? -6.498  6.523   7.615   1.00 18.67 ? 17  ARG B C   1 
ATOM   703  O O   . ARG B 1 19 ? -6.974  5.723   6.811   1.00 15.27 ? 17  ARG B O   1 
ATOM   704  C CB  . ARG B 1 19 ? -4.152  5.708   7.823   1.00 25.19 ? 17  ARG B CB  1 
ATOM   705  C CG  . ARG B 1 19 ? -3.066  6.768   7.799   1.00 32.21 ? 17  ARG B CG  1 
ATOM   706  C CD  . ARG B 1 19 ? -1.838  6.222   7.090   1.00 36.85 ? 17  ARG B CD  1 
ATOM   707  N NE  . ARG B 1 19 ? -2.131  5.884   5.701   1.00 41.13 ? 17  ARG B NE  1 
ATOM   708  C CZ  . ARG B 1 19 ? -2.202  6.769   4.711   1.00 43.06 ? 17  ARG B CZ  1 
ATOM   709  N NH1 . ARG B 1 19 ? -1.992  8.059   4.948   1.00 43.57 ? 17  ARG B NH1 1 
ATOM   710  N NH2 . ARG B 1 19 ? -2.497  6.365   3.481   1.00 44.32 ? 17  ARG B NH2 1 
ATOM   711  N N   . ALA B 1 20 ? -6.886  7.795   7.686   1.00 17.44 ? 18  ALA B N   1 
ATOM   712  C CA  . ALA B 1 20 ? -7.914  8.312   6.795   1.00 17.26 ? 18  ALA B CA  1 
ATOM   713  C C   . ALA B 1 20 ? -7.313  8.713   5.459   1.00 19.63 ? 18  ALA B C   1 
ATOM   714  O O   . ALA B 1 20 ? -6.197  9.237   5.400   1.00 21.04 ? 18  ALA B O   1 
ATOM   715  C CB  . ALA B 1 20 ? -8.605  9.523   7.429   1.00 17.66 ? 18  ALA B CB  1 
ATOM   716  N N   . THR B 1 21 ? -8.048  8.448   4.386   1.00 19.29 ? 19  THR B N   1 
ATOM   717  C CA  . THR B 1 21 ? -7.623  8.821   3.044   1.00 21.21 ? 19  THR B CA  1 
ATOM   718  C C   . THR B 1 21 ? -8.891  9.120   2.256   1.00 19.79 ? 19  THR B C   1 
ATOM   719  O O   . THR B 1 21 ? -9.997  8.972   2.769   1.00 20.34 ? 19  THR B O   1 
ATOM   720  C CB  . THR B 1 21 ? -6.861  7.673   2.308   1.00 22.73 ? 19  THR B CB  1 
ATOM   721  O OG1 . THR B 1 21 ? -7.784  6.644   1.923   1.00 27.75 ? 19  THR B OG1 1 
ATOM   722  C CG2 . THR B 1 21 ? -5.790  7.072   3.201   1.00 25.66 ? 19  THR B CG2 1 
ATOM   723  N N   . GLY B 1 22 ? -8.719  9.553   1.014   1.00 19.52 ? 20  GLY B N   1 
ATOM   724  C CA  . GLY B 1 22 ? -9.849  9.828   0.149   1.00 18.27 ? 20  GLY B CA  1 
ATOM   725  C C   . GLY B 1 22 ? -11.030 10.600  0.706   1.00 19.05 ? 20  GLY B C   1 
ATOM   726  O O   . GLY B 1 22 ? -12.173 10.188  0.526   1.00 17.23 ? 20  GLY B O   1 
ATOM   727  N N   . GLY B 1 23 ? -10.759 11.708  1.389   1.00 18.76 ? 21  GLY B N   1 
ATOM   728  C CA  . GLY B 1 23 ? -11.825 12.539  1.921   1.00 20.21 ? 21  GLY B CA  1 
ATOM   729  C C   . GLY B 1 23 ? -12.491 12.160  3.231   1.00 20.49 ? 21  GLY B C   1 
ATOM   730  O O   . GLY B 1 23 ? -13.367 12.894  3.705   1.00 19.81 ? 21  GLY B O   1 
ATOM   731  N N   . ALA B 1 24 ? -12.086 11.046  3.832   1.00 19.90 ? 22  ALA B N   1 
ATOM   732  C CA  . ALA B 1 24 ? -12.699 10.612  5.085   1.00 20.27 ? 22  ALA B CA  1 
ATOM   733  C C   . ALA B 1 24 ? -12.216 11.435  6.278   1.00 19.79 ? 22  ALA B C   1 
ATOM   734  O O   . ALA B 1 24 ? -11.088 11.930  6.292   1.00 19.25 ? 22  ALA B O   1 
ATOM   735  C CB  . ALA B 1 24 ? -12.420 9.136   5.320   1.00 20.85 ? 22  ALA B CB  1 
ATOM   736  N N   . PRO B 1 25 ? -13.073 11.596  7.294   1.00 19.20 ? 23  PRO B N   1 
ATOM   737  C CA  . PRO B 1 25 ? -12.668 12.375  8.468   1.00 19.97 ? 23  PRO B CA  1 
ATOM   738  C C   . PRO B 1 25 ? -11.502 11.747  9.234   1.00 20.95 ? 23  PRO B C   1 
ATOM   739  O O   . PRO B 1 25 ? -11.405 10.527  9.367   1.00 19.58 ? 23  PRO B O   1 
ATOM   740  C CB  . PRO B 1 25 ? -13.955 12.466  9.294   1.00 22.52 ? 23  PRO B CB  1 
ATOM   741  C CG  . PRO B 1 25 ? -14.726 11.246  8.890   1.00 24.63 ? 23  PRO B CG  1 
ATOM   742  C CD  . PRO B 1 25 ? -14.466 11.129  7.408   1.00 19.44 ? 23  PRO B CD  1 
ATOM   743  N N   . ILE B 1 26 ? -10.610 12.604  9.717   1.00 20.71 ? 24  ILE B N   1 
ATOM   744  C CA  . ILE B 1 26 ? -9.444  12.171  10.471  1.00 20.64 ? 24  ILE B CA  1 
ATOM   745  C C   . ILE B 1 26 ? -9.818  12.046  11.948  1.00 21.49 ? 24  ILE B C   1 
ATOM   746  O O   . ILE B 1 26 ? -10.573 12.861  12.480  1.00 22.02 ? 24  ILE B O   1 
ATOM   747  C CB  . ILE B 1 26 ? -8.295  13.199  10.349  1.00 22.63 ? 24  ILE B CB  1 
ATOM   748  C CG1 . ILE B 1 26 ? -7.990  13.478  8.876   1.00 20.55 ? 24  ILE B CG1 1 
ATOM   749  C CG2 . ILE B 1 26 ? -7.050  12.686  11.073  1.00 23.72 ? 24  ILE B CG2 1 
ATOM   750  C CD1 . ILE B 1 26 ? -6.999  14.622  8.668   1.00 21.95 ? 24  ILE B CD1 1 
ATOM   751  N N   . LEU B 1 27 ? -9.307  11.011  12.604  1.00 19.89 ? 25  LEU B N   1 
ATOM   752  C CA  . LEU B 1 27 ? -9.564  10.814  14.023  1.00 22.22 ? 25  LEU B CA  1 
ATOM   753  C C   . LEU B 1 27 ? -8.383  11.369  14.817  1.00 24.31 ? 25  LEU B C   1 
ATOM   754  O O   . LEU B 1 27 ? -7.233  11.236  14.394  1.00 24.09 ? 25  LEU B O   1 
ATOM   755  C CB  . LEU B 1 27 ? -9.727  9.325   14.338  1.00 21.69 ? 25  LEU B CB  1 
ATOM   756  C CG  . LEU B 1 27 ? -10.983 8.656   13.787  1.00 21.81 ? 25  LEU B CG  1 
ATOM   757  C CD1 . LEU B 1 27 ? -10.874 7.134   13.917  1.00 22.03 ? 25  LEU B CD1 1 
ATOM   758  C CD2 . LEU B 1 27 ? -12.192 9.184   14.543  1.00 22.49 ? 25  LEU B CD2 1 
ATOM   759  N N   . LYS B 1 28 ? -8.672  11.998  15.956  1.00 24.79 ? 26  LYS B N   1 
ATOM   760  C CA  . LYS B 1 28 ? -7.645  12.560  16.832  1.00 28.98 ? 26  LYS B CA  1 
ATOM   761  C C   . LYS B 1 28 ? -6.721  11.427  17.270  1.00 30.59 ? 26  LYS B C   1 
ATOM   762  O O   . LYS B 1 28 ? -5.502  11.509  17.124  1.00 29.12 ? 26  LYS B O   1 
ATOM   763  C CB  . LYS B 1 28 ? -8.313  13.220  18.045  1.00 32.22 ? 26  LYS B CB  1 
ATOM   764  C CG  . LYS B 1 28 ? -7.370  13.701  19.134  1.00 35.07 ? 26  LYS B CG  1 
ATOM   765  C CD  . LYS B 1 28 ? -8.184  14.236  20.310  1.00 34.67 ? 26  LYS B CD  1 
ATOM   766  C CE  . LYS B 1 28 ? -7.331  14.509  21.533  1.00 36.90 ? 26  LYS B CE  1 
ATOM   767  N NZ  . LYS B 1 28 ? -8.190  14.945  22.669  1.00 37.95 ? 26  LYS B NZ  1 
ATOM   768  N N   . GLN B 1 29 ? -7.311  10.373  17.822  1.00 32.79 ? 27  GLN B N   1 
ATOM   769  C CA  . GLN B 1 29 ? -6.544  9.204   18.216  1.00 35.64 ? 27  GLN B CA  1 
ATOM   770  C C   . GLN B 1 29 ? -6.946  8.118   17.240  1.00 37.17 ? 27  GLN B C   1 
ATOM   771  O O   . GLN B 1 29 ? -8.094  7.667   17.248  1.00 36.54 ? 27  GLN B O   1 
ATOM   772  C CB  . GLN B 1 29 ? -6.881  8.753   19.636  1.00 37.78 ? 27  GLN B CB  1 
ATOM   773  C CG  . GLN B 1 29 ? -6.453  7.305   19.930  1.00 42.23 ? 27  GLN B CG  1 
ATOM   774  C CD  . GLN B 1 29 ? -4.944  7.081   19.890  1.00 43.81 ? 27  GLN B CD  1 
ATOM   775  O OE1 . GLN B 1 29 ? -4.225  7.693   19.096  1.00 46.81 ? 27  GLN B OE1 1 
ATOM   776  N NE2 . GLN B 1 29 ? -4.463  6.178   20.738  1.00 45.37 ? 27  GLN B NE2 1 
ATOM   777  N N   . SER B 1 30 ? -6.007  7.721   16.388  1.00 36.39 ? 28  SER B N   1 
ATOM   778  C CA  . SER B 1 30 ? -6.257  6.686   15.400  1.00 38.19 ? 28  SER B CA  1 
ATOM   779  C C   . SER B 1 30 ? -5.476  5.405   15.674  1.00 37.79 ? 28  SER B C   1 
ATOM   780  O O   . SER B 1 30 ? -5.454  4.503   14.836  1.00 39.32 ? 28  SER B O   1 
ATOM   781  C CB  . SER B 1 30 ? -5.907  7.198   14.000  1.00 40.13 ? 28  SER B CB  1 
ATOM   782  O OG  . SER B 1 30 ? -7.050  7.697   13.332  1.00 39.03 ? 28  SER B OG  1 
ATOM   783  N N   . LYS B 1 31 ? -4.825  5.329   16.832  1.00 37.39 ? 29  LYS B N   1 
ATOM   784  C CA  . LYS B 1 31 ? -4.055  4.136   17.191  1.00 35.02 ? 29  LYS B CA  1 
ATOM   785  C C   . LYS B 1 31 ? -4.809  3.409   18.294  1.00 35.23 ? 29  LYS B C   1 
ATOM   786  O O   . LYS B 1 31 ? -5.202  4.014   19.294  1.00 35.46 ? 29  LYS B O   1 
ATOM   787  C CB  . LYS B 1 31 ? -2.660  4.523   17.659  1.00 35.45 ? 29  LYS B CB  1 
ATOM   788  N N   . PHE B 1 32 ? -5.021  2.110   18.110  1.00 31.93 ? 30  PHE B N   1 
ATOM   789  C CA  . PHE B 1 32 ? -5.766  1.331   19.085  1.00 31.44 ? 30  PHE B CA  1 
ATOM   790  C C   . PHE B 1 32 ? -5.174  -0.039  19.334  1.00 31.17 ? 30  PHE B C   1 
ATOM   791  O O   . PHE B 1 32 ? -4.437  -0.571  18.512  1.00 31.02 ? 30  PHE B O   1 
ATOM   792  C CB  . PHE B 1 32 ? -7.212  1.129   18.612  1.00 32.24 ? 30  PHE B CB  1 
ATOM   793  C CG  . PHE B 1 32 ? -7.937  2.404   18.299  1.00 33.79 ? 30  PHE B CG  1 
ATOM   794  C CD1 . PHE B 1 32 ? -7.621  3.139   17.164  1.00 34.53 ? 30  PHE B CD1 1 
ATOM   795  C CD2 . PHE B 1 32 ? -8.933  2.875   19.150  1.00 35.19 ? 30  PHE B CD2 1 
ATOM   796  C CE1 . PHE B 1 32 ? -8.281  4.330   16.874  1.00 36.70 ? 30  PHE B CE1 1 
ATOM   797  C CE2 . PHE B 1 32 ? -9.600  4.069   18.870  1.00 36.67 ? 30  PHE B CE2 1 
ATOM   798  C CZ  . PHE B 1 32 ? -9.271  4.796   17.729  1.00 35.51 ? 30  PHE B CZ  1 
ATOM   799  N N   . LYS B 1 33 ? -5.508  -0.602  20.487  1.00 31.16 ? 31  LYS B N   1 
ATOM   800  C CA  . LYS B 1 33 ? -5.075  -1.942  20.832  1.00 32.39 ? 31  LYS B CA  1 
ATOM   801  C C   . LYS B 1 33 ? -6.339  -2.777  20.737  1.00 31.94 ? 31  LYS B C   1 
ATOM   802  O O   . LYS B 1 33 ? -7.333  -2.490  21.401  1.00 32.23 ? 31  LYS B O   1 
ATOM   803  C CB  . LYS B 1 33 ? -4.489  -1.997  22.246  1.00 33.60 ? 31  LYS B CB  1 
ATOM   804  C CG  . LYS B 1 33 ? -3.044  -1.533  22.306  1.00 36.30 ? 31  LYS B CG  1 
ATOM   805  C CD  . LYS B 1 33 ? -2.305  -2.177  23.467  1.00 39.66 ? 31  LYS B CD  1 
ATOM   806  C CE  . LYS B 1 33 ? -0.821  -1.849  23.433  1.00 41.61 ? 31  LYS B CE  1 
ATOM   807  N NZ  . LYS B 1 33 ? -0.070  -2.619  24.461  1.00 43.40 ? 31  LYS B NZ  1 
ATOM   808  N N   . VAL B 1 34 ? -6.306  -3.785  19.878  1.00 29.84 ? 32  VAL B N   1 
ATOM   809  C CA  . VAL B 1 34 ? -7.451  -4.653  19.670  1.00 29.46 ? 32  VAL B CA  1 
ATOM   810  C C   . VAL B 1 34 ? -7.054  -6.100  19.930  1.00 29.58 ? 32  VAL B C   1 
ATOM   811  O O   . VAL B 1 34 ? -5.942  -6.504  19.599  1.00 30.68 ? 32  VAL B O   1 
ATOM   812  C CB  . VAL B 1 34 ? -7.968  -4.511  18.217  1.00 28.86 ? 32  VAL B CB  1 
ATOM   813  C CG1 . VAL B 1 34 ? -9.094  -5.489  17.956  1.00 27.09 ? 32  VAL B CG1 1 
ATOM   814  C CG2 . VAL B 1 34 ? -8.441  -3.086  17.976  1.00 29.95 ? 32  VAL B CG2 1 
ATOM   815  N N   . SER B 1 35 ? -7.954  -6.878  20.529  1.00 29.68 ? 33  SER B N   1 
ATOM   816  C CA  . SER B 1 35 ? -7.666  -8.283  20.801  1.00 29.48 ? 33  SER B CA  1 
ATOM   817  C C   . SER B 1 35 ? -7.509  -9.007  19.471  1.00 28.97 ? 33  SER B C   1 
ATOM   818  O O   . SER B 1 35 ? -8.379  -8.913  18.614  1.00 27.48 ? 33  SER B O   1 
ATOM   819  C CB  . SER B 1 35 ? -8.809  -8.921  21.593  1.00 31.81 ? 33  SER B CB  1 
ATOM   820  O OG  . SER B 1 35 ? -8.889  -8.379  22.899  1.00 35.45 ? 33  SER B OG  1 
ATOM   821  N N   . GLY B 1 36 ? -6.402  -9.725  19.306  1.00 28.90 ? 34  GLY B N   1 
ATOM   822  C CA  . GLY B 1 36 ? -6.163  -10.441 18.065  1.00 27.48 ? 34  GLY B CA  1 
ATOM   823  C C   . GLY B 1 36 ? -7.285  -11.391 17.697  1.00 27.96 ? 34  GLY B C   1 
ATOM   824  O O   . GLY B 1 36 ? -7.550  -11.635 16.517  1.00 26.69 ? 34  GLY B O   1 
ATOM   825  N N   . SER B 1 37 ? -7.951  -11.924 18.717  1.00 28.19 ? 35  SER B N   1 
ATOM   826  C CA  . SER B 1 37 ? -9.054  -12.861 18.527  1.00 26.67 ? 35  SER B CA  1 
ATOM   827  C C   . SER B 1 37 ? -10.320 -12.220 17.963  1.00 25.77 ? 35  SER B C   1 
ATOM   828  O O   . SER B 1 37 ? -11.235 -12.920 17.539  1.00 25.79 ? 35  SER B O   1 
ATOM   829  C CB  . SER B 1 37 ? -9.383  -13.543 19.854  1.00 27.14 ? 35  SER B CB  1 
ATOM   830  O OG  . SER B 1 37 ? -9.564  -12.583 20.875  1.00 30.31 ? 35  SER B OG  1 
ATOM   831  N N   . ASP B 1 38 ? -10.385 -10.893 17.974  1.00 27.05 ? 36  ASP B N   1 
ATOM   832  C CA  . ASP B 1 38 ? -11.551 -10.188 17.442  1.00 26.26 ? 36  ASP B CA  1 
ATOM   833  C C   . ASP B 1 38 ? -11.628 -10.300 15.921  1.00 24.57 ? 36  ASP B C   1 
ATOM   834  O O   . ASP B 1 38 ? -10.602 -10.357 15.242  1.00 22.24 ? 36  ASP B O   1 
ATOM   835  C CB  . ASP B 1 38 ? -11.494 -8.702  17.805  1.00 29.55 ? 36  ASP B CB  1 
ATOM   836  C CG  . ASP B 1 38 ? -11.952 -8.422  19.216  1.00 32.71 ? 36  ASP B CG  1 
ATOM   837  O OD1 . ASP B 1 38 ? -11.844 -9.321  20.075  1.00 35.99 ? 36  ASP B OD1 1 
ATOM   838  O OD2 . ASP B 1 38 ? -12.407 -7.287  19.463  1.00 37.03 ? 36  ASP B OD2 1 
ATOM   839  N N   . LYS B 1 39 ? -12.849 -10.325 15.395  1.00 25.00 ? 37  LYS B N   1 
ATOM   840  C CA  . LYS B 1 39 ? -13.063 -10.392 13.954  1.00 25.17 ? 37  LYS B CA  1 
ATOM   841  C C   . LYS B 1 39 ? -12.811 -8.990  13.407  1.00 24.10 ? 37  LYS B C   1 
ATOM   842  O O   . LYS B 1 39 ? -13.024 -7.997  14.108  1.00 22.86 ? 37  LYS B O   1 
ATOM   843  C CB  . LYS B 1 39 ? -14.500 -10.809 13.644  1.00 27.65 ? 37  LYS B CB  1 
ATOM   844  C CG  . LYS B 1 39 ? -14.904 -12.179 14.174  1.00 29.23 ? 37  LYS B CG  1 
ATOM   845  C CD  . LYS B 1 39 ? -14.230 -13.284 13.401  1.00 34.36 ? 37  LYS B CD  1 
ATOM   846  C CE  . LYS B 1 39 ? -14.847 -14.639 13.715  1.00 34.34 ? 37  LYS B CE  1 
ATOM   847  N NZ  . LYS B 1 39 ? -14.308 -15.684 12.808  1.00 35.88 ? 37  LYS B NZ  1 
ATOM   848  N N   . PHE B 1 40 ? -12.350 -8.908  12.163  1.00 23.00 ? 38  PHE B N   1 
ATOM   849  C CA  . PHE B 1 40 ? -12.071 -7.615  11.544  1.00 20.68 ? 38  PHE B CA  1 
ATOM   850  C C   . PHE B 1 40 ? -13.342 -6.777  11.502  1.00 22.06 ? 38  PHE B C   1 
ATOM   851  O O   . PHE B 1 40 ? -13.292 -5.547  11.439  1.00 22.56 ? 38  PHE B O   1 
ATOM   852  C CB  . PHE B 1 40 ? -11.541 -7.810  10.123  1.00 21.02 ? 38  PHE B CB  1 
ATOM   853  C CG  . PHE B 1 40 ? -11.007 -6.550  9.495   1.00 21.70 ? 38  PHE B CG  1 
ATOM   854  C CD1 . PHE B 1 40 ? -9.907  -5.895  10.047  1.00 22.33 ? 38  PHE B CD1 1 
ATOM   855  C CD2 . PHE B 1 40 ? -11.599 -6.023  8.348   1.00 21.08 ? 38  PHE B CD2 1 
ATOM   856  C CE1 . PHE B 1 40 ? -9.401  -4.726  9.460   1.00 23.40 ? 38  PHE B CE1 1 
ATOM   857  C CE2 . PHE B 1 40 ? -11.103 -4.858  7.756   1.00 21.08 ? 38  PHE B CE2 1 
ATOM   858  C CZ  . PHE B 1 40 ? -10.004 -4.210  8.313   1.00 20.70 ? 38  PHE B CZ  1 
ATOM   859  N N   . ALA B 1 41 ? -14.481 -7.459  11.523  1.00 20.83 ? 39  ALA B N   1 
ATOM   860  C CA  . ALA B 1 41 ? -15.771 -6.792  11.495  1.00 22.28 ? 39  ALA B CA  1 
ATOM   861  C C   . ALA B 1 41 ? -15.868 -5.730  12.587  1.00 22.90 ? 39  ALA B C   1 
ATOM   862  O O   . ALA B 1 41 ? -16.538 -4.717  12.411  1.00 23.07 ? 39  ALA B O   1 
ATOM   863  C CB  . ALA B 1 41 ? -16.881 -7.815  11.663  1.00 23.49 ? 39  ALA B CB  1 
ATOM   864  N N   . ASN B 1 42 ? -15.194 -5.953  13.710  1.00 23.91 ? 40  ASN B N   1 
ATOM   865  C CA  . ASN B 1 42 ? -15.228 -4.994  14.811  1.00 25.28 ? 40  ASN B CA  1 
ATOM   866  C C   . ASN B 1 42 ? -14.568 -3.672  14.417  1.00 24.62 ? 40  ASN B C   1 
ATOM   867  O O   . ASN B 1 42 ? -15.017 -2.600  14.820  1.00 23.45 ? 40  ASN B O   1 
ATOM   868  C CB  . ASN B 1 42 ? -14.524 -5.563  16.045  1.00 30.50 ? 40  ASN B CB  1 
ATOM   869  C CG  . ASN B 1 42 ? -15.158 -6.850  16.539  1.00 35.33 ? 40  ASN B CG  1 
ATOM   870  O OD1 . ASN B 1 42 ? -16.354 -6.896  16.825  1.00 37.88 ? 40  ASN B OD1 1 
ATOM   871  N ND2 . ASN B 1 42 ? -14.355 -7.903  16.643  1.00 37.59 ? 40  ASN B ND2 1 
ATOM   872  N N   . VAL B 1 43 ? -13.498 -3.749  13.630  1.00 22.72 ? 41  VAL B N   1 
ATOM   873  C CA  . VAL B 1 43 ? -12.796 -2.549  13.190  1.00 21.26 ? 41  VAL B CA  1 
ATOM   874  C C   . VAL B 1 43 ? -13.668 -1.798  12.184  1.00 20.82 ? 41  VAL B C   1 
ATOM   875  O O   . VAL B 1 43 ? -13.813 -0.575  12.245  1.00 20.11 ? 41  VAL B O   1 
ATOM   876  C CB  . VAL B 1 43 ? -11.442 -2.910  12.541  1.00 21.34 ? 41  VAL B CB  1 
ATOM   877  C CG1 . VAL B 1 43 ? -10.725 -1.654  12.095  1.00 19.52 ? 41  VAL B CG1 1 
ATOM   878  C CG2 . VAL B 1 43 ? -10.588 -3.687  13.531  1.00 23.70 ? 41  VAL B CG2 1 
ATOM   879  N N   . ILE B 1 44 ? -14.256 -2.550  11.262  1.00 20.69 ? 42  ILE B N   1 
ATOM   880  C CA  . ILE B 1 44 ? -15.133 -1.979  10.254  1.00 22.06 ? 42  ILE B CA  1 
ATOM   881  C C   . ILE B 1 44 ? -16.306 -1.275  10.926  1.00 22.09 ? 42  ILE B C   1 
ATOM   882  O O   . ILE B 1 44 ? -16.624 -0.132  10.602  1.00 20.42 ? 42  ILE B O   1 
ATOM   883  C CB  . ILE B 1 44 ? -15.682 -3.080  9.322   1.00 22.63 ? 42  ILE B CB  1 
ATOM   884  C CG1 . ILE B 1 44 ? -14.534 -3.656  8.486   1.00 21.13 ? 42  ILE B CG1 1 
ATOM   885  C CG2 . ILE B 1 44 ? -16.799 -2.520  8.452   1.00 21.81 ? 42  ILE B CG2 1 
ATOM   886  C CD1 . ILE B 1 44 ? -14.922 -4.873  7.649   1.00 23.31 ? 42  ILE B CD1 1 
ATOM   887  N N   . ASP B 1 45 ? -16.938 -1.965  11.874  1.00 22.39 ? 43  ASP B N   1 
ATOM   888  C CA  . ASP B 1 45 ? -18.087 -1.411  12.580  1.00 23.82 ? 43  ASP B CA  1 
ATOM   889  C C   . ASP B 1 45 ? -17.721 -0.167  13.379  1.00 22.56 ? 43  ASP B C   1 
ATOM   890  O O   . ASP B 1 45 ? -18.501 0.779   13.453  1.00 22.34 ? 43  ASP B O   1 
ATOM   891  C CB  . ASP B 1 45 ? -18.696 -2.460  13.510  1.00 28.98 ? 43  ASP B CB  1 
ATOM   892  C CG  . ASP B 1 45 ? -19.044 -3.749  12.788  1.00 33.72 ? 43  ASP B CG  1 
ATOM   893  O OD1 . ASP B 1 45 ? -19.065 -3.757  11.536  1.00 37.90 ? 43  ASP B OD1 1 
ATOM   894  O OD2 . ASP B 1 45 ? -19.300 -4.760  13.476  1.00 38.68 ? 43  ASP B OD2 1 
ATOM   895  N N   . PHE B 1 46 ? -16.533 -0.170  13.974  1.00 22.06 ? 44  PHE B N   1 
ATOM   896  C CA  . PHE B 1 46 ? -16.074 0.981   14.753  1.00 21.77 ? 44  PHE B CA  1 
ATOM   897  C C   . PHE B 1 46 ? -16.021 2.222   13.870  1.00 22.11 ? 44  PHE B C   1 
ATOM   898  O O   . PHE B 1 46 ? -16.541 3.279   14.236  1.00 22.63 ? 44  PHE B O   1 
ATOM   899  C CB  . PHE B 1 46 ? -14.685 0.707   15.334  1.00 19.12 ? 44  PHE B CB  1 
ATOM   900  C CG  . PHE B 1 46 ? -14.052 1.908   16.008  1.00 23.90 ? 44  PHE B CG  1 
ATOM   901  C CD1 . PHE B 1 46 ? -14.433 2.296   17.290  1.00 22.47 ? 44  PHE B CD1 1 
ATOM   902  C CD2 . PHE B 1 46 ? -13.074 2.648   15.350  1.00 22.44 ? 44  PHE B CD2 1 
ATOM   903  C CE1 . PHE B 1 46 ? -13.847 3.406   17.907  1.00 24.35 ? 44  PHE B CE1 1 
ATOM   904  C CE2 . PHE B 1 46 ? -12.485 3.755   15.954  1.00 25.68 ? 44  PHE B CE2 1 
ATOM   905  C CZ  . PHE B 1 46 ? -12.870 4.136   17.235  1.00 24.55 ? 44  PHE B CZ  1 
ATOM   906  N N   . LEU B 1 47 ? -15.390 2.087   12.705  1.00 20.52 ? 45  LEU B N   1 
ATOM   907  C CA  . LEU B 1 47 ? -15.262 3.194   11.765  1.00 22.05 ? 45  LEU B CA  1 
ATOM   908  C C   . LEU B 1 47 ? -16.604 3.670   11.230  1.00 22.63 ? 45  LEU B C   1 
ATOM   909  O O   . LEU B 1 47 ? -16.876 4.868   11.201  1.00 23.56 ? 45  LEU B O   1 
ATOM   910  C CB  . LEU B 1 47 ? -14.352 2.789   10.596  1.00 20.66 ? 45  LEU B CB  1 
ATOM   911  C CG  . LEU B 1 47 ? -12.878 2.677   10.983  1.00 22.01 ? 45  LEU B CG  1 
ATOM   912  C CD1 . LEU B 1 47 ? -12.089 2.029   9.845   1.00 22.20 ? 45  LEU B CD1 1 
ATOM   913  C CD2 . LEU B 1 47 ? -12.339 4.071   11.310  1.00 20.75 ? 45  LEU B CD2 1 
ATOM   914  N N   . ARG B 1 48 ? -17.447 2.730   10.811  1.00 23.76 ? 46  ARG B N   1 
ATOM   915  C CA  . ARG B 1 48 ? -18.750 3.085   10.271  1.00 25.80 ? 46  ARG B CA  1 
ATOM   916  C C   . ARG B 1 48 ? -19.575 3.807   11.331  1.00 24.42 ? 46  ARG B C   1 
ATOM   917  O O   . ARG B 1 48 ? -20.289 4.763   11.031  1.00 24.75 ? 46  ARG B O   1 
ATOM   918  C CB  . ARG B 1 48 ? -19.497 1.829   9.818   1.00 31.11 ? 46  ARG B CB  1 
ATOM   919  C CG  . ARG B 1 48 ? -18.626 0.830   9.086   1.00 37.78 ? 46  ARG B CG  1 
ATOM   920  C CD  . ARG B 1 48 ? -18.573 1.057   7.593   1.00 41.78 ? 46  ARG B CD  1 
ATOM   921  N NE  . ARG B 1 48 ? -19.193 -0.066  6.897   1.00 43.92 ? 46  ARG B NE  1 
ATOM   922  C CZ  . ARG B 1 48 ? -18.687 -0.642  5.811   1.00 45.33 ? 46  ARG B CZ  1 
ATOM   923  N NH1 . ARG B 1 48 ? -17.549 -0.201  5.286   1.00 45.24 ? 46  ARG B NH1 1 
ATOM   924  N NH2 . ARG B 1 48 ? -19.315 -1.669  5.254   1.00 45.88 ? 46  ARG B NH2 1 
ATOM   925  N N   . ARG B 1 49 ? -19.473 3.356   12.574  1.00 24.32 ? 47  ARG B N   1 
ATOM   926  C CA  . ARG B 1 49 ? -20.234 3.982   13.655  1.00 23.92 ? 47  ARG B CA  1 
ATOM   927  C C   . ARG B 1 49 ? -19.712 5.365   14.042  1.00 24.06 ? 47  ARG B C   1 
ATOM   928  O O   . ARG B 1 49 ? -20.473 6.335   14.092  1.00 24.17 ? 47  ARG B O   1 
ATOM   929  C CB  . ARG B 1 49 ? -20.246 3.080   14.870  1.00 24.19 ? 47  ARG B CB  1 
ATOM   930  N N   . GLN B 1 50 ? -18.417 5.459   14.316  1.00 21.49 ? 48  GLN B N   1 
ATOM   931  C CA  . GLN B 1 50 ? -17.821 6.726   14.728  1.00 21.80 ? 48  GLN B CA  1 
ATOM   932  C C   . GLN B 1 50 ? -17.778 7.802   13.655  1.00 21.52 ? 48  GLN B C   1 
ATOM   933  O O   . GLN B 1 50 ? -17.859 8.994   13.965  1.00 22.60 ? 48  GLN B O   1 
ATOM   934  C CB  . GLN B 1 50 ? -16.412 6.476   15.271  1.00 22.31 ? 48  GLN B CB  1 
ATOM   935  C CG  . GLN B 1 50 ? -16.397 5.489   16.429  1.00 22.19 ? 48  GLN B CG  1 
ATOM   936  C CD  . GLN B 1 50 ? -17.169 5.982   17.637  1.00 25.95 ? 48  GLN B CD  1 
ATOM   937  O OE1 . GLN B 1 50 ? -17.548 5.195   18.510  1.00 29.59 ? 48  GLN B OE1 1 
ATOM   938  N NE2 . GLN B 1 50 ? -17.394 7.287   17.705  1.00 22.19 ? 48  GLN B NE2 1 
ATOM   939  N N   . LEU B 1 51 ? -17.667 7.388   12.395  1.00 21.06 ? 49  LEU B N   1 
ATOM   940  C CA  . LEU B 1 51 ? -17.600 8.333   11.287  1.00 21.27 ? 49  LEU B CA  1 
ATOM   941  C C   . LEU B 1 51 ? -18.907 8.498   10.504  1.00 22.22 ? 49  LEU B C   1 
ATOM   942  O O   . LEU B 1 51 ? -18.930 9.104   9.437   1.00 22.43 ? 49  LEU B O   1 
ATOM   943  C CB  . LEU B 1 51 ? -16.459 7.940   10.345  1.00 23.11 ? 49  LEU B CB  1 
ATOM   944  C CG  . LEU B 1 51 ? -15.088 7.925   11.035  1.00 23.56 ? 49  LEU B CG  1 
ATOM   945  C CD1 . LEU B 1 51 ? -14.003 7.616   10.021  1.00 26.58 ? 49  LEU B CD1 1 
ATOM   946  C CD2 . LEU B 1 51 ? -14.828 9.260   11.716  1.00 25.25 ? 49  LEU B CD2 1 
ATOM   947  N N   . HIS B 1 52 ? -19.983 7.926   11.031  1.00 21.56 ? 50  HIS B N   1 
ATOM   948  C CA  . HIS B 1 52 ? -21.315 8.060   10.432  1.00 22.48 ? 50  HIS B CA  1 
ATOM   949  C C   . HIS B 1 52 ? -21.481 7.707   8.956   1.00 22.55 ? 50  HIS B C   1 
ATOM   950  O O   . HIS B 1 52 ? -22.144 8.432   8.214   1.00 21.75 ? 50  HIS B O   1 
ATOM   951  C CB  . HIS B 1 52 ? -21.811 9.492   10.644  1.00 22.95 ? 50  HIS B CB  1 
ATOM   952  C CG  . HIS B 1 52 ? -21.412 10.074  11.962  1.00 23.01 ? 50  HIS B CG  1 
ATOM   953  N ND1 . HIS B 1 52 ? -20.206 10.710  12.158  1.00 23.30 ? 50  HIS B ND1 1 
ATOM   954  C CD2 . HIS B 1 52 ? -22.035 10.070  13.164  1.00 23.07 ? 50  HIS B CD2 1 
ATOM   955  C CE1 . HIS B 1 52 ? -20.102 11.071  13.424  1.00 23.13 ? 50  HIS B CE1 1 
ATOM   956  N NE2 . HIS B 1 52 ? -21.199 10.694  14.055  1.00 20.96 ? 50  HIS B NE2 1 
ATOM   957  N N   . SER B 1 53 ? -20.908 6.594   8.523   1.00 22.21 ? 51  SER B N   1 
ATOM   958  C CA  . SER B 1 53 ? -21.041 6.215   7.131   1.00 22.82 ? 51  SER B CA  1 
ATOM   959  C C   . SER B 1 53 ? -21.069 4.711   6.954   1.00 23.57 ? 51  SER B C   1 
ATOM   960  O O   . SER B 1 53 ? -20.226 4.000   7.492   1.00 24.09 ? 51  SER B O   1 
ATOM   961  C CB  . SER B 1 53 ? -19.897 6.805   6.307   1.00 22.80 ? 51  SER B CB  1 
ATOM   962  O OG  . SER B 1 53 ? -20.000 6.388   4.958   1.00 23.95 ? 51  SER B OG  1 
ATOM   963  N N   . ASP B 1 54 ? -22.043 4.237   6.185   1.00 24.68 ? 52  ASP B N   1 
ATOM   964  C CA  . ASP B 1 54 ? -22.191 2.811   5.915   1.00 26.95 ? 52  ASP B CA  1 
ATOM   965  C C   . ASP B 1 54 ? -21.373 2.380   4.704   1.00 26.75 ? 52  ASP B C   1 
ATOM   966  O O   . ASP B 1 54 ? -21.178 1.188   4.488   1.00 27.96 ? 52  ASP B O   1 
ATOM   967  C CB  . ASP B 1 54 ? -23.655 2.457   5.617   1.00 27.42 ? 52  ASP B CB  1 
ATOM   968  C CG  . ASP B 1 54 ? -24.569 2.641   6.808   1.00 30.65 ? 52  ASP B CG  1 
ATOM   969  O OD1 . ASP B 1 54 ? -24.073 2.878   7.929   1.00 33.05 ? 52  ASP B OD1 1 
ATOM   970  O OD2 . ASP B 1 54 ? -25.797 2.537   6.615   1.00 31.97 ? 52  ASP B OD2 1 
ATOM   971  N N   . SER B 1 55 ? -20.899 3.342   3.918   1.00 26.77 ? 53  SER B N   1 
ATOM   972  C CA  . SER B 1 55 ? -20.168 3.019   2.694   1.00 27.33 ? 53  SER B CA  1 
ATOM   973  C C   . SER B 1 55 ? -18.690 3.381   2.676   1.00 26.36 ? 53  SER B C   1 
ATOM   974  O O   . SER B 1 55 ? -18.099 3.530   1.610   1.00 27.29 ? 53  SER B O   1 
ATOM   975  C CB  . SER B 1 55 ? -20.860 3.690   1.505   1.00 27.79 ? 53  SER B CB  1 
ATOM   976  O OG  . SER B 1 55 ? -20.881 5.097   1.665   1.00 30.80 ? 53  SER B OG  1 
ATOM   977  N N   . LEU B 1 56 ? -18.091 3.515   3.849   1.00 23.49 ? 54  LEU B N   1 
ATOM   978  C CA  . LEU B 1 56 ? -16.683 3.854   3.934   1.00 24.18 ? 54  LEU B CA  1 
ATOM   979  C C   . LEU B 1 56 ? -15.865 2.676   3.407   1.00 24.36 ? 54  LEU B C   1 
ATOM   980  O O   . LEU B 1 56 ? -16.219 1.526   3.644   1.00 25.64 ? 54  LEU B O   1 
ATOM   981  C CB  . LEU B 1 56 ? -16.325 4.120   5.395   1.00 26.57 ? 54  LEU B CB  1 
ATOM   982  C CG  . LEU B 1 56 ? -15.367 5.245   5.760   1.00 28.33 ? 54  LEU B CG  1 
ATOM   983  C CD1 . LEU B 1 56 ? -15.909 6.577   5.260   1.00 27.73 ? 54  LEU B CD1 1 
ATOM   984  C CD2 . LEU B 1 56 ? -15.195 5.262   7.275   1.00 29.02 ? 54  LEU B CD2 1 
ATOM   985  N N   . PHE B 1 57 ? -14.794 2.958   2.670   1.00 23.49 ? 55  PHE B N   1 
ATOM   986  C CA  . PHE B 1 57 ? -13.915 1.904   2.169   1.00 22.44 ? 55  PHE B CA  1 
ATOM   987  C C   . PHE B 1 57 ? -12.966 1.613   3.326   1.00 22.91 ? 55  PHE B C   1 
ATOM   988  O O   . PHE B 1 57 ? -12.371 2.537   3.870   1.00 23.00 ? 55  PHE B O   1 
ATOM   989  C CB  . PHE B 1 57 ? -13.072 2.399   0.987   1.00 23.35 ? 55  PHE B CB  1 
ATOM   990  C CG  . PHE B 1 57 ? -13.811 2.480   -0.315  1.00 26.03 ? 55  PHE B CG  1 
ATOM   991  C CD1 . PHE B 1 57 ? -13.766 1.419   -1.217  1.00 26.82 ? 55  PHE B CD1 1 
ATOM   992  C CD2 . PHE B 1 57 ? -14.529 3.628   -0.661  1.00 26.22 ? 55  PHE B CD2 1 
ATOM   993  C CE1 . PHE B 1 57 ? -14.424 1.499   -2.448  1.00 26.34 ? 55  PHE B CE1 1 
ATOM   994  C CE2 . PHE B 1 57 ? -15.191 3.714   -1.893  1.00 24.88 ? 55  PHE B CE2 1 
ATOM   995  C CZ  . PHE B 1 57 ? -15.134 2.643   -2.785  1.00 28.05 ? 55  PHE B CZ  1 
ATOM   996  N N   . VAL B 1 58 ? -12.829 0.350   3.717   1.00 20.27 ? 56  VAL B N   1 
ATOM   997  C CA  . VAL B 1 58 ? -11.904 0.000   4.791   1.00 18.98 ? 56  VAL B CA  1 
ATOM   998  C C   . VAL B 1 58 ? -10.990 -1.034  4.159   1.00 20.80 ? 56  VAL B C   1 
ATOM   999  O O   . VAL B 1 58 ? -11.394 -2.164  3.894   1.00 20.63 ? 56  VAL B O   1 
ATOM   1000 C CB  . VAL B 1 58 ? -12.632 -0.575  6.016   1.00 20.06 ? 56  VAL B CB  1 
ATOM   1001 C CG1 . VAL B 1 58 ? -11.643 -0.829  7.138   1.00 20.82 ? 56  VAL B CG1 1 
ATOM   1002 C CG2 . VAL B 1 58 ? -13.696 0.413   6.491   1.00 21.91 ? 56  VAL B CG2 1 
ATOM   1003 N N   . TYR B 1 59 ? -9.748  -0.638  3.911   1.00 20.27 ? 57  TYR B N   1 
ATOM   1004 C CA  . TYR B 1 59 ? -8.834  -1.525  3.218   1.00 19.46 ? 57  TYR B CA  1 
ATOM   1005 C C   . TYR B 1 59 ? -7.437  -1.680  3.798   1.00 21.28 ? 57  TYR B C   1 
ATOM   1006 O O   . TYR B 1 59 ? -6.977  -0.888  4.616   1.00 19.10 ? 57  TYR B O   1 
ATOM   1007 C CB  . TYR B 1 59 ? -8.728  -1.045  1.767   1.00 18.62 ? 57  TYR B CB  1 
ATOM   1008 C CG  . TYR B 1 59 ? -8.133  0.345   1.607   1.00 19.23 ? 57  TYR B CG  1 
ATOM   1009 C CD1 . TYR B 1 59 ? -6.776  0.511   1.354   1.00 20.71 ? 57  TYR B CD1 1 
ATOM   1010 C CD2 . TYR B 1 59 ? -8.932  1.495   1.698   1.00 21.08 ? 57  TYR B CD2 1 
ATOM   1011 C CE1 . TYR B 1 59 ? -6.215  1.778   1.192   1.00 22.95 ? 57  TYR B CE1 1 
ATOM   1012 C CE2 . TYR B 1 59 ? -8.378  2.775   1.537   1.00 21.06 ? 57  TYR B CE2 1 
ATOM   1013 C CZ  . TYR B 1 59 ? -7.018  2.904   1.286   1.00 23.34 ? 57  TYR B CZ  1 
ATOM   1014 O OH  . TYR B 1 59 ? -6.443  4.152   1.152   1.00 24.23 ? 57  TYR B OH  1 
ATOM   1015 N N   . VAL B 1 60 ? -6.765  -2.727  3.345   1.00 21.50 ? 58  VAL B N   1 
ATOM   1016 C CA  . VAL B 1 60 ? -5.400  -2.995  3.755   1.00 22.19 ? 58  VAL B CA  1 
ATOM   1017 C C   . VAL B 1 60 ? -4.622  -3.083  2.455   1.00 22.34 ? 58  VAL B C   1 
ATOM   1018 O O   . VAL B 1 60 ? -5.200  -3.342  1.399   1.00 21.46 ? 58  VAL B O   1 
ATOM   1019 C CB  . VAL B 1 60 ? -5.298  -4.326  4.527   1.00 22.82 ? 58  VAL B CB  1 
ATOM   1020 C CG1 . VAL B 1 60 ? -3.843  -4.754  4.653   1.00 24.86 ? 58  VAL B CG1 1 
ATOM   1021 C CG2 . VAL B 1 60 ? -5.917  -4.159  5.910   1.00 23.65 ? 58  VAL B CG2 1 
ATOM   1022 N N   . ASN B 1 61 ? -3.319  -2.845  2.513   1.00 22.61 ? 59  ASN B N   1 
ATOM   1023 C CA  . ASN B 1 61 ? -2.530  -2.929  1.303   1.00 22.64 ? 59  ASN B CA  1 
ATOM   1024 C C   . ASN B 1 61 ? -1.828  -4.267  1.128   1.00 23.94 ? 59  ASN B C   1 
ATOM   1025 O O   . ASN B 1 61 ? -1.247  -4.822  2.068   1.00 23.13 ? 59  ASN B O   1 
ATOM   1026 C CB  . ASN B 1 61 ? -1.506  -1.794  1.251   1.00 26.81 ? 59  ASN B CB  1 
ATOM   1027 C CG  . ASN B 1 61 ? -2.114  -0.495  0.767   1.00 28.88 ? 59  ASN B CG  1 
ATOM   1028 O OD1 . ASN B 1 61 ? -2.799  -0.471  -0.253  1.00 27.94 ? 59  ASN B OD1 1 
ATOM   1029 N ND2 . ASN B 1 61 ? -1.865  0.590   1.491   1.00 29.60 ? 59  ASN B ND2 1 
ATOM   1030 N N   . SER B 1 62 ? -1.930  -4.797  -0.085  1.00 22.67 ? 60  SER B N   1 
ATOM   1031 C CA  . SER B 1 62 ? -1.274  -6.041  -0.454  1.00 23.58 ? 60  SER B CA  1 
ATOM   1032 C C   . SER B 1 62 ? -0.214  -5.551  -1.440  1.00 21.64 ? 60  SER B C   1 
ATOM   1033 O O   . SER B 1 62 ? -0.021  -4.341  -1.584  1.00 17.87 ? 60  SER B O   1 
ATOM   1034 C CB  . SER B 1 62 ? -2.257  -6.997  -1.137  1.00 24.24 ? 60  SER B CB  1 
ATOM   1035 O OG  . SER B 1 62 ? -1.612  -8.211  -1.499  1.00 29.47 ? 60  SER B OG  1 
ATOM   1036 N N   . ALA B 1 63 ? 0.463   -6.462  -2.124  1.00 20.11 ? 61  ALA B N   1 
ATOM   1037 C CA  . ALA B 1 63 ? 1.497   -6.058  -3.064  1.00 20.07 ? 61  ALA B CA  1 
ATOM   1038 C C   . ALA B 1 63 ? 1.617   -7.077  -4.184  1.00 18.58 ? 61  ALA B C   1 
ATOM   1039 O O   . ALA B 1 63 ? 1.292   -8.247  -3.998  1.00 18.84 ? 61  ALA B O   1 
ATOM   1040 C CB  . ALA B 1 63 ? 2.835   -5.928  -2.334  1.00 21.45 ? 61  ALA B CB  1 
ATOM   1041 N N   . PHE B 1 64 ? 2.074   -6.626  -5.344  1.00 19.27 ? 62  PHE B N   1 
ATOM   1042 C CA  . PHE B 1 64 ? 2.252   -7.521  -6.484  1.00 17.84 ? 62  PHE B CA  1 
ATOM   1043 C C   . PHE B 1 64 ? 3.330   -6.926  -7.387  1.00 19.52 ? 62  PHE B C   1 
ATOM   1044 O O   . PHE B 1 64 ? 3.553   -5.714  -7.375  1.00 17.37 ? 62  PHE B O   1 
ATOM   1045 C CB  . PHE B 1 64 ? 0.928   -7.664  -7.252  1.00 17.83 ? 62  PHE B CB  1 
ATOM   1046 C CG  . PHE B 1 64 ? 0.590   -6.474  -8.090  1.00 18.68 ? 62  PHE B CG  1 
ATOM   1047 C CD1 . PHE B 1 64 ? 1.026   -6.394  -9.409  1.00 16.95 ? 62  PHE B CD1 1 
ATOM   1048 C CD2 . PHE B 1 64 ? -0.104  -5.396  -7.540  1.00 17.82 ? 62  PHE B CD2 1 
ATOM   1049 C CE1 . PHE B 1 64 ? 0.786   -5.252  -10.174 1.00 18.43 ? 62  PHE B CE1 1 
ATOM   1050 C CE2 . PHE B 1 64 ? -0.350  -4.252  -8.290  1.00 19.85 ? 62  PHE B CE2 1 
ATOM   1051 C CZ  . PHE B 1 64 ? 0.098   -4.175  -9.613  1.00 18.28 ? 62  PHE B CZ  1 
ATOM   1052 N N   . SER B 1 65 ? 4.016   -7.777  -8.149  1.00 19.97 ? 63  SER B N   1 
ATOM   1053 C CA  . SER B 1 65 ? 5.049   -7.300  -9.067  1.00 20.44 ? 63  SER B CA  1 
ATOM   1054 C C   . SER B 1 65 ? 4.448   -7.173  -10.450 1.00 20.60 ? 63  SER B C   1 
ATOM   1055 O O   . SER B 1 65 ? 4.044   -8.172  -11.043 1.00 20.24 ? 63  SER B O   1 
ATOM   1056 C CB  . SER B 1 65 ? 6.231   -8.278  -9.149  1.00 20.14 ? 63  SER B CB  1 
ATOM   1057 O OG  . SER B 1 65 ? 6.982   -8.291  -7.954  1.00 22.00 ? 63  SER B OG  1 
ATOM   1058 N N   . PRO B 1 66 ? 4.377   -5.946  -10.989 1.00 20.06 ? 64  PRO B N   1 
ATOM   1059 C CA  . PRO B 1 66 ? 3.811   -5.751  -12.325 1.00 21.37 ? 64  PRO B CA  1 
ATOM   1060 C C   . PRO B 1 66 ? 4.602   -6.522  -13.382 1.00 22.18 ? 64  PRO B C   1 
ATOM   1061 O O   . PRO B 1 66 ? 5.808   -6.735  -13.244 1.00 20.01 ? 64  PRO B O   1 
ATOM   1062 C CB  . PRO B 1 66 ? 3.921   -4.238  -12.536 1.00 21.61 ? 64  PRO B CB  1 
ATOM   1063 C CG  . PRO B 1 66 ? 3.860   -3.689  -11.142 1.00 19.12 ? 64  PRO B CG  1 
ATOM   1064 C CD  . PRO B 1 66 ? 4.716   -4.655  -10.363 1.00 20.05 ? 64  PRO B CD  1 
ATOM   1065 N N   . ASN B 1 67 ? 3.919   -6.943  -14.441 1.00 22.05 ? 65  ASN B N   1 
ATOM   1066 C CA  . ASN B 1 67 ? 4.594   -7.658  -15.517 1.00 22.76 ? 65  ASN B CA  1 
ATOM   1067 C C   . ASN B 1 67 ? 5.357   -6.637  -16.354 1.00 20.81 ? 65  ASN B C   1 
ATOM   1068 O O   . ASN B 1 67 ? 4.946   -5.489  -16.463 1.00 22.07 ? 65  ASN B O   1 
ATOM   1069 C CB  . ASN B 1 67 ? 3.578   -8.408  -16.382 1.00 23.13 ? 65  ASN B CB  1 
ATOM   1070 C CG  . ASN B 1 67 ? 2.890   -9.539  -15.626 1.00 25.87 ? 65  ASN B CG  1 
ATOM   1071 O OD1 . ASN B 1 67 ? 3.544   -10.344 -14.963 1.00 25.71 ? 65  ASN B OD1 1 
ATOM   1072 N ND2 . ASN B 1 67 ? 1.569   -9.608  -15.736 1.00 26.32 ? 65  ASN B ND2 1 
ATOM   1073 N N   . PRO B 1 68 ? 6.484   -7.043  -16.957 1.00 23.21 ? 66  PRO B N   1 
ATOM   1074 C CA  . PRO B 1 68 ? 7.302   -6.144  -17.782 1.00 23.66 ? 66  PRO B CA  1 
ATOM   1075 C C   . PRO B 1 68 ? 6.565   -5.416  -18.910 1.00 25.67 ? 66  PRO B C   1 
ATOM   1076 O O   . PRO B 1 68 ? 6.886   -4.268  -19.231 1.00 25.69 ? 66  PRO B O   1 
ATOM   1077 C CB  . PRO B 1 68 ? 8.388   -7.073  -18.323 1.00 24.25 ? 66  PRO B CB  1 
ATOM   1078 C CG  . PRO B 1 68 ? 8.524   -8.104  -17.240 1.00 24.83 ? 66  PRO B CG  1 
ATOM   1079 C CD  . PRO B 1 68 ? 7.083   -8.388  -16.899 1.00 23.04 ? 66  PRO B CD  1 
ATOM   1080 N N   . ASP B 1 69 ? 5.582   -6.082  -19.510 1.00 26.53 ? 67  ASP B N   1 
ATOM   1081 C CA  . ASP B 1 69 ? 4.834   -5.494  -20.618 1.00 29.60 ? 67  ASP B CA  1 
ATOM   1082 C C   . ASP B 1 69 ? 3.717   -4.545  -20.198 1.00 29.05 ? 67  ASP B C   1 
ATOM   1083 O O   . ASP B 1 69 ? 3.080   -3.932  -21.052 1.00 29.41 ? 67  ASP B O   1 
ATOM   1084 C CB  . ASP B 1 69 ? 4.227   -6.593  -21.486 1.00 34.03 ? 67  ASP B CB  1 
ATOM   1085 C CG  . ASP B 1 69 ? 2.927   -7.124  -20.915 1.00 40.07 ? 67  ASP B CG  1 
ATOM   1086 O OD1 . ASP B 1 69 ? 2.915   -7.506  -19.726 1.00 40.91 ? 67  ASP B OD1 1 
ATOM   1087 O OD2 . ASP B 1 69 ? 1.918   -7.156  -21.653 1.00 43.49 ? 67  ASP B OD2 1 
ATOM   1088 N N   . GLU B 1 70 ? 3.453   -4.430  -18.901 1.00 26.38 ? 68  GLU B N   1 
ATOM   1089 C CA  . GLU B 1 70 ? 2.391   -3.526  -18.464 1.00 25.29 ? 68  GLU B CA  1 
ATOM   1090 C C   . GLU B 1 70 ? 2.813   -2.074  -18.684 1.00 25.49 ? 68  GLU B C   1 
ATOM   1091 O O   . GLU B 1 70 ? 3.988   -1.734  -18.542 1.00 25.33 ? 68  GLU B O   1 
ATOM   1092 C CB  . GLU B 1 70 ? 2.039   -3.768  -16.989 1.00 25.03 ? 68  GLU B CB  1 
ATOM   1093 C CG  . GLU B 1 70 ? 1.235   -5.047  -16.757 1.00 26.42 ? 68  GLU B CG  1 
ATOM   1094 C CD  . GLU B 1 70 ? 0.716   -5.183  -15.333 1.00 27.88 ? 68  GLU B CD  1 
ATOM   1095 O OE1 . GLU B 1 70 ? 1.279   -5.986  -14.559 1.00 24.27 ? 68  GLU B OE1 1 
ATOM   1096 O OE2 . GLU B 1 70 ? -0.259  -4.481  -14.985 1.00 28.05 ? 68  GLU B OE2 1 
ATOM   1097 N N   . SER B 1 71 ? 1.859   -1.221  -19.042 1.00 25.70 ? 69  SER B N   1 
ATOM   1098 C CA  . SER B 1 71 ? 2.172   0.183   -19.282 1.00 26.43 ? 69  SER B CA  1 
ATOM   1099 C C   . SER B 1 71 ? 2.153   0.975   -17.983 1.00 26.36 ? 69  SER B C   1 
ATOM   1100 O O   . SER B 1 71 ? 1.412   0.654   -17.055 1.00 25.68 ? 69  SER B O   1 
ATOM   1101 C CB  . SER B 1 71 ? 1.168   0.798   -20.254 1.00 27.45 ? 69  SER B CB  1 
ATOM   1102 O OG  . SER B 1 71 ? -0.072  1.015   -19.613 1.00 28.46 ? 69  SER B OG  1 
ATOM   1103 N N   . VAL B 1 72 ? 2.981   2.010   -17.922 1.00 27.88 ? 70  VAL B N   1 
ATOM   1104 C CA  . VAL B 1 72 ? 3.047   2.848   -16.738 1.00 27.87 ? 70  VAL B CA  1 
ATOM   1105 C C   . VAL B 1 72 ? 1.700   3.508   -16.494 1.00 28.15 ? 70  VAL B C   1 
ATOM   1106 O O   . VAL B 1 72 ? 1.244   3.594   -15.353 1.00 27.85 ? 70  VAL B O   1 
ATOM   1107 C CB  . VAL B 1 72 ? 4.113   3.949   -16.891 1.00 27.92 ? 70  VAL B CB  1 
ATOM   1108 C CG1 . VAL B 1 72 ? 3.956   4.984   -15.785 1.00 27.49 ? 70  VAL B CG1 1 
ATOM   1109 C CG2 . VAL B 1 72 ? 5.503   3.325   -16.847 1.00 28.85 ? 70  VAL B CG2 1 
ATOM   1110 N N   . ILE B 1 73 ? 1.069   3.968   -17.572 1.00 28.84 ? 71  ILE B N   1 
ATOM   1111 C CA  . ILE B 1 73 ? -0.219  4.639   -17.473 1.00 28.49 ? 71  ILE B CA  1 
ATOM   1112 C C   . ILE B 1 73 ? -1.289  3.762   -16.829 1.00 26.74 ? 71  ILE B C   1 
ATOM   1113 O O   . ILE B 1 73 ? -2.034  4.232   -15.976 1.00 25.80 ? 71  ILE B O   1 
ATOM   1114 C CB  . ILE B 1 73 ? -0.712  5.127   -18.864 1.00 30.68 ? 71  ILE B CB  1 
ATOM   1115 C CG1 . ILE B 1 73 ? -2.019  5.907   -18.714 1.00 31.44 ? 71  ILE B CG1 1 
ATOM   1116 C CG2 . ILE B 1 73 ? -0.916  3.947   -19.795 1.00 32.38 ? 71  ILE B CG2 1 
ATOM   1117 C CD1 . ILE B 1 73 ? -1.896  7.173   -17.884 1.00 31.50 ? 71  ILE B CD1 1 
ATOM   1118 N N   . ASP B 1 74 ? -1.373  2.495   -17.227 1.00 26.44 ? 72  ASP B N   1 
ATOM   1119 C CA  . ASP B 1 74 ? -2.375  1.609   -16.635 1.00 25.97 ? 72  ASP B CA  1 
ATOM   1120 C C   . ASP B 1 74 ? -2.077  1.370   -15.165 1.00 24.72 ? 72  ASP B C   1 
ATOM   1121 O O   . ASP B 1 74 ? -2.977  1.404   -14.330 1.00 25.52 ? 72  ASP B O   1 
ATOM   1122 C CB  . ASP B 1 74 ? -2.430  0.258   -17.356 1.00 27.34 ? 72  ASP B CB  1 
ATOM   1123 C CG  . ASP B 1 74 ? -3.005  0.363   -18.753 1.00 28.91 ? 72  ASP B CG  1 
ATOM   1124 O OD1 . ASP B 1 74 ? -3.722  1.348   -19.029 1.00 30.15 ? 72  ASP B OD1 1 
ATOM   1125 O OD2 . ASP B 1 74 ? -2.755  -0.553  -19.566 1.00 29.54 ? 72  ASP B OD2 1 
ATOM   1126 N N   . LEU B 1 75 ? -0.810  1.116   -14.848 1.00 23.31 ? 73  LEU B N   1 
ATOM   1127 C CA  . LEU B 1 75 ? -0.429  0.880   -13.463 1.00 22.47 ? 73  LEU B CA  1 
ATOM   1128 C C   . LEU B 1 75 ? -0.808  2.091   -12.624 1.00 22.61 ? 73  LEU B C   1 
ATOM   1129 O O   . LEU B 1 75 ? -1.301  1.953   -11.505 1.00 24.00 ? 73  LEU B O   1 
ATOM   1130 C CB  . LEU B 1 75 ? 1.075   0.605   -13.360 1.00 20.76 ? 73  LEU B CB  1 
ATOM   1131 C CG  . LEU B 1 75 ? 1.502   -0.799  -13.808 1.00 20.90 ? 73  LEU B CG  1 
ATOM   1132 C CD1 . LEU B 1 75 ? 3.022   -0.905  -13.810 1.00 21.69 ? 73  LEU B CD1 1 
ATOM   1133 C CD2 . LEU B 1 75 ? 0.885   -1.841  -12.859 1.00 20.37 ? 73  LEU B CD2 1 
ATOM   1134 N N   . TYR B 1 76 ? -0.581  3.279   -13.176 1.00 22.30 ? 74  TYR B N   1 
ATOM   1135 C CA  . TYR B 1 76 ? -0.912  4.518   -12.484 1.00 23.97 ? 74  TYR B CA  1 
ATOM   1136 C C   . TYR B 1 76 ? -2.420  4.681   -12.306 1.00 24.39 ? 74  TYR B C   1 
ATOM   1137 O O   . TYR B 1 76 ? -2.892  5.027   -11.222 1.00 24.81 ? 74  TYR B O   1 
ATOM   1138 C CB  . TYR B 1 76 ? -0.371  5.720   -13.252 1.00 25.58 ? 74  TYR B CB  1 
ATOM   1139 C CG  . TYR B 1 76 ? -0.815  7.031   -12.649 1.00 27.72 ? 74  TYR B CG  1 
ATOM   1140 C CD1 . TYR B 1 76 ? -0.399  7.408   -11.373 1.00 28.10 ? 74  TYR B CD1 1 
ATOM   1141 C CD2 . TYR B 1 76 ? -1.692  7.869   -13.332 1.00 29.44 ? 74  TYR B CD2 1 
ATOM   1142 C CE1 . TYR B 1 76 ? -0.850  8.586   -10.789 1.00 29.57 ? 74  TYR B CE1 1 
ATOM   1143 C CE2 . TYR B 1 76 ? -2.149  9.050   -12.755 1.00 31.65 ? 74  TYR B CE2 1 
ATOM   1144 C CZ  . TYR B 1 76 ? -1.725  9.401   -11.485 1.00 30.57 ? 74  TYR B CZ  1 
ATOM   1145 O OH  . TYR B 1 76 ? -2.176  10.570  -10.912 1.00 33.86 ? 74  TYR B OH  1 
ATOM   1146 N N   . ASN B 1 77 ? -3.175  4.446   -13.374 1.00 24.78 ? 75  ASN B N   1 
ATOM   1147 C CA  . ASN B 1 77 ? -4.626  4.574   -13.294 1.00 27.15 ? 75  ASN B CA  1 
ATOM   1148 C C   . ASN B 1 77 ? -5.214  3.556   -12.334 1.00 26.06 ? 75  ASN B C   1 
ATOM   1149 O O   . ASN B 1 77 ? -6.142  3.864   -11.600 1.00 27.80 ? 75  ASN B O   1 
ATOM   1150 C CB  . ASN B 1 77 ? -5.282  4.393   -14.668 1.00 29.39 ? 75  ASN B CB  1 
ATOM   1151 C CG  . ASN B 1 77 ? -5.000  5.543   -15.608 1.00 32.48 ? 75  ASN B CG  1 
ATOM   1152 O OD1 . ASN B 1 77 ? -4.890  6.693   -15.183 1.00 35.33 ? 75  ASN B OD1 1 
ATOM   1153 N ND2 . ASN B 1 77 ? -4.901  5.244   -16.896 1.00 33.31 ? 75  ASN B ND2 1 
ATOM   1154 N N   . ASN B 1 78 ? -4.670  2.342   -12.327 1.00 23.07 ? 76  ASN B N   1 
ATOM   1155 C CA  . ASN B 1 78 ? -5.195  1.309   -11.447 1.00 22.22 ? 76  ASN B CA  1 
ATOM   1156 C C   . ASN B 1 78 ? -4.769  1.430   -9.986  1.00 21.83 ? 76  ASN B C   1 
ATOM   1157 O O   . ASN B 1 78 ? -5.595  1.277   -9.077  1.00 22.15 ? 76  ASN B O   1 
ATOM   1158 C CB  . ASN B 1 78 ? -4.788  -0.091  -11.937 1.00 22.58 ? 76  ASN B CB  1 
ATOM   1159 C CG  . ASN B 1 78 ? -5.245  -0.384  -13.357 1.00 23.59 ? 76  ASN B CG  1 
ATOM   1160 O OD1 . ASN B 1 78 ? -6.215  0.190   -13.849 1.00 22.37 ? 76  ASN B OD1 1 
ATOM   1161 N ND2 . ASN B 1 78 ? -4.551  -1.310  -14.014 1.00 25.50 ? 76  ASN B ND2 1 
ATOM   1162 N N   . PHE B 1 79 ? -3.489  1.711   -9.763  1.00 21.65 ? 77  PHE B N   1 
ATOM   1163 C CA  . PHE B 1 79 ? -2.951  1.760   -8.407  1.00 23.01 ? 77  PHE B CA  1 
ATOM   1164 C C   . PHE B 1 79 ? -2.175  3.016   -8.021  1.00 25.19 ? 77  PHE B C   1 
ATOM   1165 O O   . PHE B 1 79 ? -1.500  3.021   -6.993  1.00 25.65 ? 77  PHE B O   1 
ATOM   1166 C CB  . PHE B 1 79 ? -2.043  0.543   -8.200  1.00 20.50 ? 77  PHE B CB  1 
ATOM   1167 C CG  . PHE B 1 79 ? -2.629  -0.740  -8.710  1.00 20.94 ? 77  PHE B CG  1 
ATOM   1168 C CD1 . PHE B 1 79 ? -3.665  -1.369  -8.027  1.00 20.28 ? 77  PHE B CD1 1 
ATOM   1169 C CD2 . PHE B 1 79 ? -2.151  -1.316  -9.882  1.00 22.31 ? 77  PHE B CD2 1 
ATOM   1170 C CE1 . PHE B 1 79 ? -4.218  -2.557  -8.504  1.00 21.36 ? 77  PHE B CE1 1 
ATOM   1171 C CE2 . PHE B 1 79 ? -2.701  -2.508  -10.367 1.00 22.60 ? 77  PHE B CE2 1 
ATOM   1172 C CZ  . PHE B 1 79 ? -3.737  -3.126  -9.673  1.00 21.58 ? 77  PHE B CZ  1 
ATOM   1173 N N   . GLY B 1 80 ? -2.255  4.067   -8.832  1.00 26.85 ? 78  GLY B N   1 
ATOM   1174 C CA  . GLY B 1 80 ? -1.531  5.291   -8.521  1.00 30.91 ? 78  GLY B CA  1 
ATOM   1175 C C   . GLY B 1 80 ? -2.017  5.932   -7.232  1.00 34.47 ? 78  GLY B C   1 
ATOM   1176 O O   . GLY B 1 80 ? -3.167  5.755   -6.845  1.00 36.13 ? 78  GLY B O   1 
ATOM   1177 N N   . PHE B 1 81 ? -1.148  6.674   -6.554  1.00 38.07 ? 79  PHE B N   1 
ATOM   1178 C CA  . PHE B 1 81 ? -1.532  7.324   -5.308  1.00 41.12 ? 79  PHE B CA  1 
ATOM   1179 C C   . PHE B 1 81 ? -1.034  8.758   -5.231  1.00 43.14 ? 79  PHE B C   1 
ATOM   1180 O O   . PHE B 1 81 ? 0.147   9.031   -5.450  1.00 43.53 ? 79  PHE B O   1 
ATOM   1181 C CB  . PHE B 1 81 ? -1.013  6.523   -4.112  1.00 42.49 ? 79  PHE B CB  1 
ATOM   1182 N N   . ASP B 1 82 ? -1.958  9.665   -4.928  1.00 43.88 ? 80  ASP B N   1 
ATOM   1183 C CA  . ASP B 1 82 ? -1.655  11.081  -4.801  1.00 44.41 ? 80  ASP B CA  1 
ATOM   1184 C C   . ASP B 1 82 ? -0.769  11.620  -5.926  1.00 44.37 ? 80  ASP B C   1 
ATOM   1185 O O   . ASP B 1 82 ? 0.336   12.110  -5.683  1.00 45.03 ? 80  ASP B O   1 
ATOM   1186 C CB  . ASP B 1 82 ? -1.009  11.345  -3.446  1.00 44.10 ? 80  ASP B CB  1 
ATOM   1187 N N   . GLY B 1 83 ? -1.268  11.522  -7.155  1.00 42.98 ? 81  GLY B N   1 
ATOM   1188 C CA  . GLY B 1 83 ? -0.545  12.025  -8.310  1.00 41.36 ? 81  GLY B CA  1 
ATOM   1189 C C   . GLY B 1 83 ? 0.716   11.293  -8.726  1.00 39.19 ? 81  GLY B C   1 
ATOM   1190 O O   . GLY B 1 83 ? 1.518   11.838  -9.487  1.00 40.69 ? 81  GLY B O   1 
ATOM   1191 N N   . LYS B 1 84 ? 0.897   10.063  -8.256  1.00 37.41 ? 82  LYS B N   1 
ATOM   1192 C CA  . LYS B 1 84 ? 2.092   9.307   -8.615  1.00 35.35 ? 82  LYS B CA  1 
ATOM   1193 C C   . LYS B 1 84 ? 1.943   7.794   -8.464  1.00 33.14 ? 82  LYS B C   1 
ATOM   1194 O O   . LYS B 1 84 ? 0.990   7.298   -7.858  1.00 32.15 ? 82  LYS B O   1 
ATOM   1195 C CB  . LYS B 1 84 ? 3.273   9.793   -7.767  1.00 37.17 ? 82  LYS B CB  1 
ATOM   1196 C CG  . LYS B 1 84 ? 3.088   9.589   -6.264  1.00 40.43 ? 82  LYS B CG  1 
ATOM   1197 C CD  . LYS B 1 84 ? 3.971   10.547  -5.476  1.00 43.67 ? 82  LYS B CD  1 
ATOM   1198 C CE  . LYS B 1 84 ? 4.024   10.191  -3.995  1.00 46.01 ? 82  LYS B CE  1 
ATOM   1199 N NZ  . LYS B 1 84 ? 2.679   10.125  -3.359  1.00 48.69 ? 82  LYS B NZ  1 
ATOM   1200 N N   . LEU B 1 85 ? 2.892   7.066   -9.046  1.00 30.17 ? 83  LEU B N   1 
ATOM   1201 C CA  . LEU B 1 85 ? 2.920   5.612   -8.966  1.00 27.44 ? 83  LEU B CA  1 
ATOM   1202 C C   . LEU B 1 85 ? 4.132   5.283   -8.101  1.00 25.73 ? 83  LEU B C   1 
ATOM   1203 O O   . LEU B 1 85 ? 5.262   5.576   -8.486  1.00 26.09 ? 83  LEU B O   1 
ATOM   1204 C CB  . LEU B 1 85 ? 3.107   5.000   -10.358 1.00 27.22 ? 83  LEU B CB  1 
ATOM   1205 C CG  . LEU B 1 85 ? 3.270   3.479   -10.378 1.00 26.36 ? 83  LEU B CG  1 
ATOM   1206 C CD1 . LEU B 1 85 ? 1.952   2.825   -9.975  1.00 27.97 ? 83  LEU B CD1 1 
ATOM   1207 C CD2 . LEU B 1 85 ? 3.694   3.012   -11.765 1.00 26.60 ? 83  LEU B CD2 1 
ATOM   1208 N N   . VAL B 1 86 ? 3.903   4.700   -6.929  1.00 24.14 ? 84  VAL B N   1 
ATOM   1209 C CA  . VAL B 1 86 ? 5.012   4.364   -6.035  1.00 22.95 ? 84  VAL B CA  1 
ATOM   1210 C C   . VAL B 1 86 ? 5.501   2.952   -6.309  1.00 24.36 ? 84  VAL B C   1 
ATOM   1211 O O   . VAL B 1 86 ? 4.750   1.990   -6.168  1.00 21.50 ? 84  VAL B O   1 
ATOM   1212 C CB  . VAL B 1 86 ? 4.603   4.456   -4.552  1.00 24.79 ? 84  VAL B CB  1 
ATOM   1213 C CG1 . VAL B 1 86 ? 5.796   4.124   -3.657  1.00 22.69 ? 84  VAL B CG1 1 
ATOM   1214 C CG2 . VAL B 1 86 ? 4.087   5.851   -4.242  1.00 23.51 ? 84  VAL B CG2 1 
ATOM   1215 N N   . VAL B 1 87 ? 6.767   2.844   -6.698  1.00 22.63 ? 85  VAL B N   1 
ATOM   1216 C CA  . VAL B 1 87 ? 7.370   1.556   -7.000  1.00 21.68 ? 85  VAL B CA  1 
ATOM   1217 C C   . VAL B 1 87 ? 8.344   1.181   -5.898  1.00 20.69 ? 85  VAL B C   1 
ATOM   1218 O O   . VAL B 1 87 ? 9.375   1.829   -5.710  1.00 20.61 ? 85  VAL B O   1 
ATOM   1219 C CB  . VAL B 1 87 ? 8.110   1.600   -8.356  1.00 21.35 ? 85  VAL B CB  1 
ATOM   1220 C CG1 . VAL B 1 87 ? 8.739   0.249   -8.647  1.00 19.09 ? 85  VAL B CG1 1 
ATOM   1221 C CG2 . VAL B 1 87 ? 7.132   1.972   -9.463  1.00 22.77 ? 85  VAL B CG2 1 
ATOM   1222 N N   . ASN B 1 88 ? 7.992   0.138   -5.158  1.00 18.96 ? 86  ASN B N   1 
ATOM   1223 C CA  . ASN B 1 88 ? 8.812   -0.353  -4.066  1.00 19.79 ? 86  ASN B CA  1 
ATOM   1224 C C   . ASN B 1 88 ? 9.818   -1.339  -4.636  1.00 20.21 ? 86  ASN B C   1 
ATOM   1225 O O   . ASN B 1 88 ? 9.532   -2.022  -5.611  1.00 17.68 ? 86  ASN B O   1 
ATOM   1226 C CB  . ASN B 1 88 ? 7.944   -1.087  -3.046  1.00 19.82 ? 86  ASN B CB  1 
ATOM   1227 C CG  . ASN B 1 88 ? 6.805   -0.237  -2.532  1.00 21.76 ? 86  ASN B CG  1 
ATOM   1228 O OD1 . ASN B 1 88 ? 7.012   0.673   -1.738  1.00 21.35 ? 86  ASN B OD1 1 
ATOM   1229 N ND2 . ASN B 1 88 ? 5.593   -0.522  -2.999  1.00 23.41 ? 86  ASN B ND2 1 
ATOM   1230 N N   . TYR B 1 89 ? 10.996  -1.407  -4.030  1.00 19.16 ? 87  TYR B N   1 
ATOM   1231 C CA  . TYR B 1 89 ? 11.996  -2.361  -4.481  1.00 19.23 ? 87  TYR B CA  1 
ATOM   1232 C C   . TYR B 1 89 ? 12.811  -2.852  -3.302  1.00 19.94 ? 87  TYR B C   1 
ATOM   1233 O O   . TYR B 1 89 ? 12.967  -2.147  -2.305  1.00 18.61 ? 87  TYR B O   1 
ATOM   1234 C CB  . TYR B 1 89 ? 12.915  -1.734  -5.532  1.00 20.76 ? 87  TYR B CB  1 
ATOM   1235 C CG  . TYR B 1 89 ? 13.773  -0.606  -5.007  1.00 18.63 ? 87  TYR B CG  1 
ATOM   1236 C CD1 . TYR B 1 89 ? 15.007  -0.858  -4.405  1.00 19.48 ? 87  TYR B CD1 1 
ATOM   1237 C CD2 . TYR B 1 89 ? 13.360  0.722   -5.141  1.00 18.43 ? 87  TYR B CD2 1 
ATOM   1238 C CE1 . TYR B 1 89 ? 15.809  0.189   -3.958  1.00 18.92 ? 87  TYR B CE1 1 
ATOM   1239 C CE2 . TYR B 1 89 ? 14.152  1.768   -4.698  1.00 16.45 ? 87  TYR B CE2 1 
ATOM   1240 C CZ  . TYR B 1 89 ? 15.372  1.494   -4.111  1.00 18.04 ? 87  TYR B CZ  1 
ATOM   1241 O OH  . TYR B 1 89 ? 16.161  2.535   -3.689  1.00 21.42 ? 87  TYR B OH  1 
ATOM   1242 N N   . ALA B 1 90 ? 13.311  -4.077  -3.420  1.00 18.83 ? 88  ALA B N   1 
ATOM   1243 C CA  . ALA B 1 90 ? 14.118  -4.697  -2.382  1.00 19.97 ? 88  ALA B CA  1 
ATOM   1244 C C   . ALA B 1 90 ? 14.991  -5.772  -3.002  1.00 20.05 ? 88  ALA B C   1 
ATOM   1245 O O   . ALA B 1 90 ? 14.648  -6.334  -4.042  1.00 20.70 ? 88  ALA B O   1 
ATOM   1246 C CB  . ALA B 1 90 ? 13.218  -5.324  -1.320  1.00 20.62 ? 88  ALA B CB  1 
ATOM   1247 N N   . CYS B 1 91 ? 16.119  -6.053  -2.360  1.00 20.59 ? 89  CYS B N   1 
ATOM   1248 C CA  . CYS B 1 91 ? 17.029  -7.091  -2.824  1.00 23.90 ? 89  CYS B CA  1 
ATOM   1249 C C   . CYS B 1 91 ? 16.670  -8.363  -2.054  1.00 24.65 ? 89  CYS B C   1 
ATOM   1250 O O   . CYS B 1 91 ? 17.100  -9.463  -2.396  1.00 24.87 ? 89  CYS B O   1 
ATOM   1251 C CB  . CYS B 1 91 ? 18.478  -6.689  -2.547  1.00 23.39 ? 89  CYS B CB  1 
ATOM   1252 S SG  . CYS B 1 91 ? 18.974  -5.130  -3.328  1.00 28.42 ? 89  CYS B SG  1 
ATOM   1253 N N   . SER B 1 92 ? 15.873  -8.178  -1.008  1.00 26.36 ? 90  SER B N   1 
ATOM   1254 C CA  . SER B 1 92 ? 15.371  -9.249  -0.145  1.00 30.32 ? 90  SER B CA  1 
ATOM   1255 C C   . SER B 1 92 ? 14.087  -8.650  0.425   1.00 32.73 ? 90  SER B C   1 
ATOM   1256 O O   . SER B 1 92 ? 14.105  -7.536  0.949   1.00 32.05 ? 90  SER B O   1 
ATOM   1257 C CB  . SER B 1 92 ? 16.356  -9.549  0.983   1.00 30.47 ? 90  SER B CB  1 
ATOM   1258 O OG  . SER B 1 92 ? 15.870  -10.596 1.809   1.00 35.32 ? 90  SER B OG  1 
ATOM   1259 N N   . MET B 1 93 ? 12.971  -9.360  0.344   1.00 35.71 ? 91  MET B N   1 
ATOM   1260 C CA  . MET B 1 93 ? 11.743  -8.752  0.831   1.00 39.16 ? 91  MET B CA  1 
ATOM   1261 C C   . MET B 1 93 ? 11.368  -8.821  2.296   1.00 40.87 ? 91  MET B C   1 
ATOM   1262 O O   . MET B 1 93 ? 11.591  -9.815  2.986   1.00 41.80 ? 91  MET B O   1 
ATOM   1263 C CB  . MET B 1 93 ? 10.559  -9.202  -0.015  1.00 39.75 ? 91  MET B CB  1 
ATOM   1264 C CG  . MET B 1 93 ? 10.384  -8.322  -1.239  1.00 40.37 ? 91  MET B CG  1 
ATOM   1265 S SD  . MET B 1 93 ? 8.704   -8.287  -1.812  1.00 43.43 ? 91  MET B SD  1 
ATOM   1266 C CE  . MET B 1 93 ? 7.875   -7.503  -0.404  1.00 40.16 ? 91  MET B CE  1 
ATOM   1267 N N   . ALA B 1 94 ? 10.801  -7.703  2.739   1.00 43.50 ? 92  ALA B N   1 
ATOM   1268 C CA  . ALA B 1 94 ? 10.320  -7.482  4.096   1.00 45.38 ? 92  ALA B CA  1 
ATOM   1269 C C   . ALA B 1 94 ? 9.222   -6.441  3.889   1.00 46.58 ? 92  ALA B C   1 
ATOM   1270 O O   . ALA B 1 94 ? 9.462   -5.390  3.299   1.00 48.05 ? 92  ALA B O   1 
ATOM   1271 C CB  . ALA B 1 94 ? 11.436  -6.916  4.979   1.00 45.06 ? 92  ALA B CB  1 
ATOM   1272 N N   . TRP B 1 95 ? 8.020   -6.746  4.361   1.00 47.48 ? 93  TRP B N   1 
ATOM   1273 C CA  . TRP B 1 95 ? 6.856   -5.868  4.225   1.00 48.10 ? 93  TRP B CA  1 
ATOM   1274 C C   . TRP B 1 95 ? 7.106   -4.363  4.442   1.00 49.01 ? 93  TRP B C   1 
ATOM   1275 O O   . TRP B 1 95 ? 8.275   -3.922  4.536   1.00 48.67 ? 93  TRP B O   1 
ATOM   1276 C CB  . TRP B 1 95 ? 5.751   -6.339  5.178   1.00 46.54 ? 93  TRP B CB  1 
ATOM   1277 C CG  . TRP B 1 95 ? 4.384   -6.347  4.558   1.00 45.87 ? 93  TRP B CG  1 
ATOM   1278 C CD1 . TRP B 1 95 ? 3.271   -5.697  5.012   1.00 45.53 ? 93  TRP B CD1 1 
ATOM   1279 C CD2 . TRP B 1 95 ? 3.976   -7.065  3.383   1.00 45.03 ? 93  TRP B CD2 1 
ATOM   1280 N NE1 . TRP B 1 95 ? 2.196   -5.967  4.193   1.00 44.91 ? 93  TRP B NE1 1 
ATOM   1281 C CE2 . TRP B 1 95 ? 2.601   -6.804  3.187   1.00 44.80 ? 93  TRP B CE2 1 
ATOM   1282 C CE3 . TRP B 1 95 ? 4.642   -7.901  2.478   1.00 44.30 ? 93  TRP B CE3 1 
ATOM   1283 C CZ2 . TRP B 1 95 ? 1.876   -7.358  2.119   1.00 44.14 ? 93  TRP B CZ2 1 
ATOM   1284 C CZ3 . TRP B 1 95 ? 3.924   -8.450  1.418   1.00 43.22 ? 93  TRP B CZ3 1 
ATOM   1285 C CH2 . TRP B 1 95 ? 2.557   -8.175  1.248   1.00 44.17 ? 93  TRP B CH2 1 
HETATM 1286 O O   . HOH C 2 .  ? 16.380  0.948   2.621   1.00 16.52 ? 95  HOH A O   1 
HETATM 1287 O O   . HOH C 2 .  ? -14.339 -1.601  2.287   1.00 20.76 ? 96  HOH A O   1 
HETATM 1288 O O   . HOH C 2 .  ? -12.960 -7.501  -0.461  1.00 20.46 ? 97  HOH A O   1 
HETATM 1289 O O   . HOH C 2 .  ? 13.557  4.976   -0.712  1.00 23.37 ? 98  HOH A O   1 
HETATM 1290 O O   . HOH C 2 .  ? -2.442  -1.672  5.081   1.00 26.90 ? 99  HOH A O   1 
HETATM 1291 O O   . HOH C 2 .  ? 8.017   -5.840  -11.458 1.00 25.00 ? 100 HOH A O   1 
HETATM 1292 O O   . HOH C 2 .  ? 20.420  -12.791 -10.263 1.00 29.67 ? 101 HOH A O   1 
HETATM 1293 O O   . HOH C 2 .  ? -5.005  -6.049  -3.384  1.00 27.00 ? 102 HOH A O   1 
HETATM 1294 O O   . HOH C 2 .  ? 20.874  7.861   -7.259  1.00 31.20 ? 103 HOH A O   1 
HETATM 1295 O O   . HOH C 2 .  ? -16.775 7.237   -3.406  1.00 35.72 ? 104 HOH A O   1 
HETATM 1296 O O   . HOH C 2 .  ? 14.410  -0.469  4.205   1.00 25.05 ? 105 HOH A O   1 
HETATM 1297 O O   . HOH C 2 .  ? -7.245  -16.301 14.529  1.00 37.78 ? 106 HOH A O   1 
HETATM 1298 O O   . HOH C 2 .  ? 15.131  11.814  -4.930  1.00 33.87 ? 107 HOH A O   1 
HETATM 1299 O O   . HOH C 2 .  ? -9.364  -15.566 10.826  1.00 31.35 ? 108 HOH A O   1 
HETATM 1300 O O   . HOH C 2 .  ? 8.820   -3.496  15.366  1.00 36.31 ? 109 HOH A O   1 
HETATM 1301 O O   . HOH C 2 .  ? 6.904   5.527   3.746   1.00 51.09 ? 110 HOH A O   1 
HETATM 1302 O O   . HOH C 2 .  ? 12.895  -7.056  -10.747 1.00 24.59 ? 111 HOH A O   1 
HETATM 1303 O O   . HOH C 2 .  ? 8.470   -5.217  11.064  1.00 37.37 ? 112 HOH A O   1 
HETATM 1304 O O   . HOH C 2 .  ? 0.237   -2.898  8.172   1.00 25.12 ? 113 HOH A O   1 
HETATM 1305 O O   . HOH C 2 .  ? -2.426  -7.806  -5.212  1.00 34.98 ? 114 HOH A O   1 
HETATM 1306 O O   . HOH C 2 .  ? 23.384  -11.302 -12.450 1.00 34.33 ? 115 HOH A O   1 
HETATM 1307 O O   . HOH C 2 .  ? 4.909   -6.655  12.533  1.00 31.71 ? 116 HOH A O   1 
HETATM 1308 O O   . HOH C 2 .  ? 16.119  9.381   -1.653  1.00 33.19 ? 117 HOH A O   1 
HETATM 1309 O O   . HOH C 2 .  ? 0.116   -15.587 15.897  1.00 42.92 ? 118 HOH A O   1 
HETATM 1310 O O   . HOH C 2 .  ? 27.417  1.354   -7.993  1.00 29.91 ? 119 HOH A O   1 
HETATM 1311 O O   . HOH C 2 .  ? 10.210  -7.281  -11.430 1.00 24.73 ? 120 HOH A O   1 
HETATM 1312 O O   . HOH C 2 .  ? -13.247 -3.612  -1.621  1.00 28.39 ? 121 HOH A O   1 
HETATM 1313 O O   . HOH C 2 .  ? 22.038  -10.890 -9.958  1.00 27.71 ? 122 HOH A O   1 
HETATM 1314 O O   . HOH C 2 .  ? -4.993  -12.919 5.257   1.00 39.11 ? 123 HOH A O   1 
HETATM 1315 O O   . HOH C 2 .  ? -7.208  -13.792 3.986   1.00 40.06 ? 124 HOH A O   1 
HETATM 1316 O O   . HOH C 2 .  ? 2.283   -1.259  7.081   1.00 40.37 ? 125 HOH A O   1 
HETATM 1317 O O   . HOH C 2 .  ? 6.518   -2.811  1.110   1.00 40.71 ? 126 HOH A O   1 
HETATM 1318 O O   . HOH C 2 .  ? 8.670   0.888   -23.304 1.00 43.23 ? 127 HOH A O   1 
HETATM 1319 O O   . HOH C 2 .  ? 23.465  3.344   -14.193 1.00 41.75 ? 128 HOH A O   1 
HETATM 1320 O O   . HOH C 2 .  ? -9.257  -10.863 4.343   1.00 31.25 ? 129 HOH A O   1 
HETATM 1321 O O   . HOH C 2 .  ? 0.545   -11.361 2.988   1.00 28.80 ? 130 HOH A O   1 
HETATM 1322 O O   . HOH C 2 .  ? -16.580 -1.258  0.618   1.00 37.84 ? 131 HOH A O   1 
HETATM 1323 O O   . HOH C 2 .  ? -14.928 -16.223 6.213   1.00 38.39 ? 132 HOH A O   1 
HETATM 1324 O O   . HOH C 2 .  ? -16.243 -18.841 11.176  1.00 50.05 ? 133 HOH A O   1 
HETATM 1325 O O   . HOH C 2 .  ? 8.710   -5.560  13.827  1.00 50.25 ? 134 HOH A O   1 
HETATM 1326 O O   . HOH C 2 .  ? 15.236  0.810   -20.272 1.00 47.48 ? 135 HOH A O   1 
HETATM 1327 O O   . HOH C 2 .  ? 2.053   -12.575 15.878  1.00 41.51 ? 136 HOH A O   1 
HETATM 1328 O O   . HOH C 2 .  ? -15.426 5.557   -4.660  1.00 41.83 ? 137 HOH A O   1 
HETATM 1329 O O   . HOH C 2 .  ? 13.569  -4.999  -17.816 1.00 45.19 ? 138 HOH A O   1 
HETATM 1330 O O   . HOH C 2 .  ? 15.145  2.262   -18.115 1.00 30.32 ? 139 HOH A O   1 
HETATM 1331 O O   . HOH C 2 .  ? -5.012  -17.616 14.217  1.00 39.96 ? 140 HOH A O   1 
HETATM 1332 O O   . HOH C 2 .  ? 17.443  -10.449 -4.937  1.00 39.85 ? 141 HOH A O   1 
HETATM 1333 O O   . HOH C 2 .  ? -17.907 5.739   -0.008  1.00 34.31 ? 142 HOH A O   1 
HETATM 1334 O O   . HOH C 2 .  ? 25.134  16.138  -6.770  1.00 38.33 ? 143 HOH A O   1 
HETATM 1335 O O   . HOH C 2 .  ? -14.620 -6.140  3.818   1.00 35.13 ? 144 HOH A O   1 
HETATM 1336 O O   . HOH C 2 .  ? 21.748  -2.571  1.360   1.00 36.66 ? 145 HOH A O   1 
HETATM 1337 O O   . HOH C 2 .  ? 23.010  -2.327  -4.810  1.00 36.93 ? 146 HOH A O   1 
HETATM 1338 O O   . HOH C 2 .  ? -16.754 9.218   -5.183  1.00 43.30 ? 147 HOH A O   1 
HETATM 1339 O O   . HOH C 2 .  ? 2.754   -3.431  1.442   1.00 46.06 ? 148 HOH A O   1 
HETATM 1340 O O   . HOH C 2 .  ? -10.838 -14.630 4.875   1.00 34.36 ? 149 HOH A O   1 
HETATM 1341 O O   . HOH C 2 .  ? 18.357  6.704   -9.236  1.00 41.08 ? 150 HOH A O   1 
HETATM 1342 O O   . HOH C 2 .  ? -5.842  7.483   -5.294  1.00 36.03 ? 151 HOH A O   1 
HETATM 1343 O O   . HOH C 2 .  ? 5.043   0.482   15.925  1.00 42.23 ? 152 HOH A O   1 
HETATM 1344 O O   . HOH C 2 .  ? 22.649  4.717   -3.053  1.00 35.23 ? 153 HOH A O   1 
HETATM 1345 O O   . HOH C 2 .  ? -3.234  -5.866  -7.504  1.00 38.02 ? 154 HOH A O   1 
HETATM 1346 O O   . HOH C 2 .  ? -7.180  -16.517 4.022   1.00 30.27 ? 155 HOH A O   1 
HETATM 1347 O O   . HOH C 2 .  ? -15.516 -6.696  0.003   1.00 36.55 ? 156 HOH A O   1 
HETATM 1348 O O   . HOH C 2 .  ? 2.493   14.572  -13.618 1.00 40.95 ? 157 HOH A O   1 
HETATM 1349 O O   . HOH C 2 .  ? 12.336  1.045   4.568   1.00 46.98 ? 158 HOH A O   1 
HETATM 1350 O O   . HOH C 2 .  ? 22.992  2.671   -4.767  1.00 44.64 ? 159 HOH A O   1 
HETATM 1351 O O   . HOH C 2 .  ? 25.125  1.281   -3.898  1.00 47.90 ? 160 HOH A O   1 
HETATM 1352 O O   . HOH C 2 .  ? 13.059  11.817  -15.043 1.00 42.70 ? 161 HOH A O   1 
HETATM 1353 O O   . HOH C 2 .  ? 15.024  12.482  -13.562 1.00 44.45 ? 162 HOH A O   1 
HETATM 1354 O O   . HOH C 2 .  ? 6.571   5.406   -24.527 1.00 48.07 ? 163 HOH A O   1 
HETATM 1355 O O   . HOH C 2 .  ? 23.178  6.593   -13.002 1.00 47.84 ? 164 HOH A O   1 
HETATM 1356 O O   . HOH C 2 .  ? -2.058  -16.021 11.464  1.00 39.28 ? 165 HOH A O   1 
HETATM 1357 O O   . HOH C 2 .  ? 0.016   -17.009 9.292   1.00 55.03 ? 166 HOH A O   1 
HETATM 1358 O O   . HOH C 2 .  ? 7.259   3.161   15.239  1.00 37.61 ? 167 HOH A O   1 
HETATM 1359 O O   . HOH C 2 .  ? 2.932   4.113   9.060   1.00 41.93 ? 168 HOH A O   1 
HETATM 1360 O O   . HOH C 2 .  ? 3.661   0.237   10.068  1.00 34.05 ? 169 HOH A O   1 
HETATM 1361 O O   . HOH C 2 .  ? 5.972   1.396   9.455   1.00 37.21 ? 170 HOH A O   1 
HETATM 1362 O O   . HOH C 2 .  ? 3.921   2.885   16.003  1.00 42.87 ? 171 HOH A O   1 
HETATM 1363 O O   . HOH C 2 .  ? -13.246 5.355   -5.623  1.00 40.40 ? 172 HOH A O   1 
HETATM 1364 O O   . HOH C 2 .  ? -6.017  3.921   -5.294  1.00 53.03 ? 173 HOH A O   1 
HETATM 1365 O O   . HOH C 2 .  ? 12.765  4.125   1.659   1.00 34.27 ? 174 HOH A O   1 
HETATM 1366 O O   . HOH C 2 .  ? 22.773  2.890   -7.186  1.00 50.26 ? 175 HOH A O   1 
HETATM 1367 O O   . HOH C 2 .  ? 22.514  -4.854  -13.562 1.00 44.73 ? 176 HOH A O   1 
HETATM 1368 O O   . HOH C 2 .  ? 23.713  -13.900 -12.959 1.00 42.15 ? 177 HOH A O   1 
HETATM 1369 O O   . HOH C 2 .  ? 22.680  -14.875 -10.849 1.00 46.57 ? 178 HOH A O   1 
HETATM 1370 O O   . HOH C 2 .  ? 24.842  -19.989 -8.658  1.00 45.31 ? 179 HOH A O   1 
HETATM 1371 O O   . HOH C 2 .  ? 22.291  -20.686 -7.812  1.00 51.31 ? 180 HOH A O   1 
HETATM 1372 O O   . HOH C 2 .  ? -5.374  -15.177 18.893  1.00 41.34 ? 181 HOH A O   1 
HETATM 1373 O O   . HOH C 2 .  ? 0.311   -16.913 6.435   1.00 46.92 ? 182 HOH A O   1 
HETATM 1374 O O   . HOH C 2 .  ? 8.503   1.691   10.494  1.00 42.70 ? 183 HOH A O   1 
HETATM 1375 O O   . HOH C 2 .  ? -7.507  -15.663 17.649  1.00 47.20 ? 184 HOH A O   1 
HETATM 1376 O O   . HOH C 2 .  ? 15.210  12.296  -8.308  1.00 48.05 ? 185 HOH A O   1 
HETATM 1377 O O   . HOH C 2 .  ? 16.567  12.308  -10.547 1.00 50.00 ? 186 HOH A O   1 
HETATM 1378 O O   . HOH C 2 .  ? -6.319  -16.088 8.077   1.00 47.41 ? 187 HOH A O   1 
HETATM 1379 O O   . HOH C 2 .  ? 7.510   3.620   12.664  1.00 47.83 ? 188 HOH A O   1 
HETATM 1380 O O   . HOH D 2 .  ? 15.551  4.894   -2.912  1.00 22.41 ? 95  HOH B O   1 
HETATM 1381 O O   . HOH D 2 .  ? 9.713   -8.349  -8.505  1.00 26.15 ? 96  HOH B O   1 
HETATM 1382 O O   . HOH D 2 .  ? 16.803  -5.537  0.295   1.00 20.29 ? 97  HOH B O   1 
HETATM 1383 O O   . HOH D 2 .  ? 2.737   1.294   -4.621  1.00 24.19 ? 98  HOH B O   1 
HETATM 1384 O O   . HOH D 2 .  ? -8.882  12.832  5.153   1.00 18.95 ? 99  HOH B O   1 
HETATM 1385 O O   . HOH D 2 .  ? -2.222  -3.632  -13.483 1.00 25.75 ? 100 HOH B O   1 
HETATM 1386 O O   . HOH D 2 .  ? -5.604  9.605   9.517   1.00 23.76 ? 101 HOH B O   1 
HETATM 1387 O O   . HOH D 2 .  ? -15.283 -10.555 17.126  1.00 30.47 ? 102 HOH B O   1 
HETATM 1388 O O   . HOH D 2 .  ? -0.032  -3.892  4.365   1.00 27.05 ? 103 HOH B O   1 
HETATM 1389 O O   . HOH D 2 .  ? -7.646  9.119   11.241  1.00 19.46 ? 104 HOH B O   1 
HETATM 1390 O O   . HOH D 2 .  ? 0.672   -5.166  17.670  1.00 27.37 ? 105 HOH B O   1 
HETATM 1391 O O   . HOH D 2 .  ? -4.611  10.399  13.932  1.00 33.37 ? 106 HOH B O   1 
HETATM 1392 O O   . HOH D 2 .  ? -7.288  1.409   22.079  1.00 37.00 ? 107 HOH B O   1 
HETATM 1393 O O   . HOH D 2 .  ? 1.300   3.797   -6.137  1.00 26.00 ? 108 HOH B O   1 
HETATM 1394 O O   . HOH D 2 .  ? -6.137  0.393   -16.830 1.00 34.84 ? 109 HOH B O   1 
HETATM 1395 O O   . HOH D 2 .  ? 6.251   -10.863 -6.892  1.00 32.59 ? 110 HOH B O   1 
HETATM 1396 O O   . HOH D 2 .  ? -0.924  -2.392  -19.186 1.00 26.37 ? 111 HOH B O   1 
HETATM 1397 O O   . HOH D 2 .  ? -3.347  3.153   21.977  1.00 44.48 ? 112 HOH B O   1 
HETATM 1398 O O   . HOH D 2 .  ? -4.670  10.840  7.245   1.00 31.26 ? 113 HOH B O   1 
HETATM 1399 O O   . HOH D 2 .  ? -8.167  1.677   -14.353 1.00 30.12 ? 114 HOH B O   1 
HETATM 1400 O O   . HOH D 2 .  ? -16.797 -2.407  17.024  1.00 30.94 ? 115 HOH B O   1 
HETATM 1401 O O   . HOH D 2 .  ? 10.681  -2.593  4.520   1.00 24.28 ? 116 HOH B O   1 
HETATM 1402 O O   . HOH D 2 .  ? -19.389 8.096   3.295   1.00 38.76 ? 117 HOH B O   1 
HETATM 1403 O O   . HOH D 2 .  ? -15.404 -3.017  4.483   1.00 47.69 ? 118 HOH B O   1 
HETATM 1404 O O   . HOH D 2 .  ? -3.716  8.738   11.254  1.00 25.30 ? 119 HOH B O   1 
HETATM 1405 O O   . HOH D 2 .  ? -10.399 -5.646  21.301  1.00 33.96 ? 120 HOH B O   1 
HETATM 1406 O O   . HOH D 2 .  ? 7.571   -9.153  -13.506 1.00 26.95 ? 121 HOH B O   1 
HETATM 1407 O O   . HOH D 2 .  ? 5.363   -8.899  -19.410 1.00 37.82 ? 122 HOH B O   1 
HETATM 1408 O O   . HOH D 2 .  ? -1.418  1.043   -22.003 1.00 35.50 ? 123 HOH B O   1 
HETATM 1409 O O   . HOH D 2 .  ? -19.801 10.957  7.352   1.00 41.84 ? 124 HOH B O   1 
HETATM 1410 O O   . HOH D 2 .  ? 10.237  -5.223  1.070   1.00 41.77 ? 125 HOH B O   1 
HETATM 1411 O O   . HOH D 2 .  ? -8.307  6.589   -0.820  1.00 33.29 ? 126 HOH B O   1 
HETATM 1412 O O   . HOH D 2 .  ? -17.992 1.149   0.198   1.00 51.73 ? 127 HOH B O   1 
HETATM 1413 O O   . HOH D 2 .  ? -18.131 11.840  10.867  1.00 29.26 ? 128 HOH B O   1 
HETATM 1414 O O   . HOH D 2 .  ? -0.501  -8.079  -17.954 1.00 47.60 ? 129 HOH B O   1 
HETATM 1415 O O   . HOH D 2 .  ? -18.483 10.396  4.928   1.00 45.71 ? 130 HOH B O   1 
HETATM 1416 O O   . HOH D 2 .  ? -7.631  2.440   -16.760 1.00 39.27 ? 131 HOH B O   1 
HETATM 1417 O O   . HOH D 2 .  ? 10.264  -9.277  -13.381 1.00 33.69 ? 132 HOH B O   1 
HETATM 1418 O O   . HOH D 2 .  ? -17.978 -0.245  17.612  1.00 45.72 ? 133 HOH B O   1 
HETATM 1419 O O   . HOH D 2 .  ? -5.533  2.985   -18.146 1.00 29.63 ? 134 HOH B O   1 
HETATM 1420 O O   . HOH D 2 .  ? -19.887 7.861   18.450  1.00 31.22 ? 135 HOH B O   1 
HETATM 1421 O O   . HOH D 2 .  ? -3.615  1.657   -2.020  1.00 40.36 ? 136 HOH B O   1 
HETATM 1422 O O   . HOH D 2 .  ? -22.908 4.741   10.872  1.00 40.77 ? 137 HOH B O   1 
HETATM 1423 O O   . HOH D 2 .  ? 1.619   11.336  -11.853 1.00 35.62 ? 138 HOH B O   1 
HETATM 1424 O O   . HOH D 2 .  ? -20.819 -2.457  10.017  1.00 40.49 ? 139 HOH B O   1 
HETATM 1425 O O   . HOH D 2 .  ? -13.236 -4.007  5.133   1.00 34.50 ? 140 HOH B O   1 
HETATM 1426 O O   . HOH D 2 .  ? -12.012 -11.703 20.834  1.00 36.79 ? 141 HOH B O   1 
HETATM 1427 O O   . HOH D 2 .  ? -5.910  8.027   -13.313 1.00 41.95 ? 142 HOH B O   1 
HETATM 1428 O O   . HOH D 2 .  ? -10.038 -0.884  21.050  1.00 50.07 ? 143 HOH B O   1 
HETATM 1429 O O   . HOH D 2 .  ? -12.955 -1.863  20.312  1.00 44.16 ? 144 HOH B O   1 
HETATM 1430 O O   . HOH D 2 .  ? -14.564 0.183   20.629  1.00 48.71 ? 145 HOH B O   1 
HETATM 1431 O O   . HOH D 2 .  ? -21.452 7.519   16.720  1.00 45.55 ? 146 HOH B O   1 
HETATM 1432 O O   . HOH D 2 .  ? -0.697  1.575   -5.040  1.00 38.05 ? 147 HOH B O   1 
HETATM 1433 O O   . HOH D 2 .  ? -1.201  3.616   4.278   1.00 44.12 ? 148 HOH B O   1 
HETATM 1434 O O   . HOH D 2 .  ? -1.234  0.331   4.319   1.00 40.72 ? 149 HOH B O   1 
HETATM 1435 O O   . HOH D 2 .  ? -17.414 9.532   6.984   1.00 46.64 ? 150 HOH B O   1 
HETATM 1436 O O   . HOH D 2 .  ? -8.351  3.724   22.033  1.00 50.48 ? 151 HOH B O   1 
HETATM 1437 O O   . HOH D 2 .  ? -9.177  -7.446  27.195  1.00 48.62 ? 152 HOH B O   1 
HETATM 1438 O O   . HOH D 2 .  ? -9.734  0.899   22.717  1.00 52.92 ? 153 HOH B O   1 
HETATM 1439 O O   . HOH D 2 .  ? -11.050 -3.202  21.203  1.00 49.44 ? 154 HOH B O   1 
HETATM 1440 O O   . HOH D 2 .  ? -9.555  6.287   21.926  1.00 47.30 ? 155 HOH B O   1 
HETATM 1441 O O   . HOH D 2 .  ? -5.971  3.778   23.016  1.00 50.45 ? 156 HOH B O   1 
# 
